data_9LSI
#
_entry.id   9LSI
#
_cell.length_a   1.00
_cell.length_b   1.00
_cell.length_c   1.00
_cell.angle_alpha   90.00
_cell.angle_beta   90.00
_cell.angle_gamma   90.00
#
_symmetry.space_group_name_H-M   'P 1'
#
loop_
_entity.id
_entity.type
_entity.pdbx_description
1 polymer 'Citrate/sodium symporter'
2 polymer 'Diabody (CitS VH-TLR3 VL)'
3 polymer 'Diabody (TLR3 VH-CitS VL)'
4 polymer 'Toll-like receptor 3'
5 branched 2-acetamido-2-deoxy-beta-D-glucopyranose-(1-4)-2-acetamido-2-deoxy-beta-D-glucopyranose
6 branched 2-acetamido-2-deoxy-beta-D-glucopyranose-(1-4)-2-acetamido-2-deoxy-beta-D-glucopyranose-(1-4)-2-acetamido-2-deoxy-beta-D-glucopyranose
7 non-polymer 'CITRIC ACID'
8 non-polymer 'PALMITIC ACID'
9 non-polymer 2-acetamido-2-deoxy-beta-D-glucopyranose
#
loop_
_entity_poly.entity_id
_entity_poly.type
_entity_poly.pdbx_seq_one_letter_code
_entity_poly.pdbx_strand_id
1 'polypeptide(L)'
;MTNMSQPPATEKKGVSDLLGFKIFGMPLPLYAFALITLLLSHFYNALPTDIVGGFAIMFIIGAIFGEIGKRLPIFNKYIG
GAPVMIFLVAAYFVYAGIFTQKEIDAISNVMDKSNFLNLFIAVLITGAILSVNRRLLLKSLLGYIPTILMGIVGASIFGI
AIGLVFGIPVDRIMMLYVLPIMGGGNGAGAVPLSEIYHSVTGRSREEYYSTAIAILTIANIFAIVFAAVLDIIGKKHTWL
SGEGELVRKASFKVEEDEKTGQITHRETAVGLVLSTTCFLLAYVVAKKILPSIGGVAIHYFAWMVLIVAALNASGLCSPE
IKAGAKRLSDFFSKQLLWVLMVGVGVCYTDLQEIINAITFANVVIAAIIVIGAVLGAAIGGWLMGFFPIESAITAGLCMA
NRGGSGDLEVLSACNRMNLISYAQISSRLGGGIVLVIASIVFGMMI
;
A,B
2 'polypeptide(L)'
;EVQLVESGGGLVQPGGSLRLSCAASGFTFRNSAMHWVRQAPGKGLEWVSSIWYSGSNTYYADSVKGRFTISRDNSKNTLY
LQMNCLTAEDTAVYYCARFAGGWGAYDVWGQGTLVTVSSGGGGSDIQMTQSPSSLSASVGDRVTITARASQSIGLYLAWY
QQKPGKAPKLLIYAASSLQSGVPSRFSGSGSGTDFTLTISSLQPEDFATYYCQQGNTLSYTFGQGTKVEIKPWLVPRGSH
HHHHHSGGGGSGGGGS
;
C
3 'polypeptide(L)'
;GGGGSGGGGLVPRGSPGEVQLVQSGAEVKKPGESLKISCKGSGYSFTNYWVGWVRQMPGKGLEWMGFIDPSDSYTNYADS
VKGRFTISADKSISTAYLQMNCLTASDTAMYYCARELYQGYMDTFDSWGQGTLVTVSSGGGGSDIVLTQSPATLSLSPGE
RATLSCRASQSVSSNYLAWYQQKPGQAPRLLIYDSSSRATGVPARFSGSGSGTDFTLTISSLEPEDFAVYYCHQYSDISP
TFGQGTKVEIKSGRLVPRGSHHHHHH
;
D
4 'polypeptide(L)'
;MRQTLPCIYFWGGLLPFGMLCASSTTKCTVSHEVADCSHLKLTQVPDDLPTNITVLNLTHNQLRRLPAANFTRYSQLTSL
DVGFNTISKLEPELCQKLPMLKVLNLQHNELSQLSDKTFAFCTNLTELHLMSNSIQKIKNNPFVKQKNLITLDLSHNGLS
STKLGTQVQLENLQELLLSNNKIQALKSEELDIFANSSLKKLELSSNQIKEFSPGCFHAIGRLFGLFLNNVQLGPSLTEK
LCLELANTSIRNLSLSNSQLSTTSNTTFLGLKWTNLTMLDLSYNNLNVVGNDSFAWLPQLEYFFLEYNNIQHLFSHSLHG
LFNVRYLNLKRSFTKQSISLASLPKIDDFSFQWLKCLEHLNMEDNDIPGIKSNMFTGLINLKYLSLSNSFTSLRTLTNET
FVSLAHSPLHILNLTKNKISKIESDAFSWLGHLEVLDLGLNEIGQELTGQEWRGLENIFEIYLSYNKYLQLTRNSFALVP
SLQRLMLRRVALKNVDSSPSPFQPLRNLTILDLSNNNIANINDDMLEGLEKLEILDLQHNNLARLWKHANPGGPIYFLKG
LSHLHILNLESNGFDEIPVEVFKDLFELKIIDLGLNNLNTLPASVFNNQVSLKSLNLQKNLITSVEKKVFGPAFRNLTEL
DMRFNPFDCTCESIAWFVNWINETHTNIPELSSHYLCNTPPHYHGFPVRLFDTSSCKDSAPFELFFMINTSILLIFIFIV
LLIHFEGWRISFYWNVSVHRVLGFKEIDRQTEQFEYAAYIIHAYKDKDWVWEHFSSMEKEDQSLKFCLEERDFEAGVFEL
EAIVNSIKRSRKIIFVITHHLLKDPLCKRFKVHHAVQQAIEQNLDSIILVFLEEIPDYKLNHALCLRRGMFKSHCILNWP
VQKERIGAFRHKLQVALGSKNSVH
;
E
#
loop_
_chem_comp.id
_chem_comp.type
_chem_comp.name
_chem_comp.formula
CIT non-polymer 'CITRIC ACID' 'C6 H8 O7'
NAG D-saccharide, beta linking 2-acetamido-2-deoxy-beta-D-glucopyranose 'C8 H15 N O6'
PLM non-polymer 'PALMITIC ACID' 'C16 H32 O2'
#
# COMPACT_ATOMS: atom_id res chain seq x y z
N SER A 16 -32.72 -69.44 24.65
CA SER A 16 -31.33 -69.07 24.80
C SER A 16 -30.99 -68.78 26.27
N ASP A 17 -30.00 -67.91 26.47
CA ASP A 17 -29.60 -67.52 27.82
C ASP A 17 -29.39 -66.01 27.84
N LEU A 18 -29.45 -65.45 29.06
CA LEU A 18 -29.19 -64.02 29.23
C LEU A 18 -27.76 -63.64 28.89
N LEU A 19 -26.86 -64.62 28.76
CA LEU A 19 -25.50 -64.36 28.28
C LEU A 19 -25.26 -64.93 26.90
N GLY A 20 -26.20 -65.68 26.34
CA GLY A 20 -26.08 -66.19 24.99
C GLY A 20 -26.77 -65.36 23.93
N PHE A 21 -27.52 -64.35 24.33
CA PHE A 21 -28.17 -63.45 23.38
C PHE A 21 -27.11 -62.68 22.60
N LYS A 22 -27.26 -62.61 21.29
CA LYS A 22 -26.26 -62.02 20.42
C LYS A 22 -26.77 -60.69 19.87
N ILE A 23 -25.93 -59.66 19.97
CA ILE A 23 -26.22 -58.34 19.43
C ILE A 23 -25.25 -58.11 18.28
N PHE A 24 -25.79 -58.01 17.07
CA PHE A 24 -24.96 -57.83 15.87
C PHE A 24 -23.88 -58.91 15.78
N GLY A 25 -24.25 -60.13 16.16
CA GLY A 25 -23.29 -61.22 16.13
C GLY A 25 -22.25 -61.18 17.23
N MET A 26 -22.45 -60.35 18.25
CA MET A 26 -21.49 -60.23 19.34
C MET A 26 -22.15 -60.58 20.66
N PRO A 27 -21.52 -61.38 21.50
CA PRO A 27 -22.09 -61.67 22.82
C PRO A 27 -22.12 -60.43 23.69
N LEU A 28 -23.06 -60.42 24.63
CA LEU A 28 -23.22 -59.26 25.51
C LEU A 28 -21.97 -58.84 26.26
N PRO A 29 -21.22 -59.74 26.90
CA PRO A 29 -20.03 -59.28 27.64
C PRO A 29 -19.05 -58.55 26.77
N LEU A 30 -18.99 -58.88 25.48
CA LEU A 30 -18.15 -58.15 24.56
C LEU A 30 -18.75 -56.81 24.16
N TYR A 31 -20.07 -56.74 24.01
CA TYR A 31 -20.70 -55.48 23.62
C TYR A 31 -20.57 -54.43 24.71
N ALA A 32 -20.65 -54.83 25.98
CA ALA A 32 -20.49 -53.86 27.04
C ALA A 32 -19.14 -53.19 26.99
N PHE A 33 -18.13 -53.88 26.47
CA PHE A 33 -16.80 -53.30 26.34
C PHE A 33 -16.82 -52.10 25.42
N ALA A 34 -17.54 -52.19 24.30
CA ALA A 34 -17.65 -51.05 23.40
C ALA A 34 -18.54 -49.96 23.96
N LEU A 35 -19.61 -50.35 24.66
CA LEU A 35 -20.48 -49.33 25.24
C LEU A 35 -19.72 -48.46 26.24
N ILE A 36 -18.87 -49.09 27.05
CA ILE A 36 -18.07 -48.33 28.01
C ILE A 36 -17.19 -47.32 27.29
N THR A 37 -16.55 -47.74 26.21
CA THR A 37 -15.69 -46.83 25.46
C THR A 37 -16.47 -45.65 24.91
N LEU A 38 -17.65 -45.92 24.37
CA LEU A 38 -18.47 -44.82 23.85
C LEU A 38 -18.82 -43.83 24.95
N LEU A 39 -19.24 -44.33 26.11
CA LEU A 39 -19.60 -43.42 27.19
C LEU A 39 -18.41 -42.62 27.67
N LEU A 40 -17.25 -43.26 27.78
CA LEU A 40 -16.05 -42.53 28.20
C LEU A 40 -15.72 -41.42 27.22
N SER A 41 -15.77 -41.72 25.92
CA SER A 41 -15.46 -40.69 24.93
C SER A 41 -16.46 -39.55 24.99
N HIS A 42 -17.73 -39.86 25.25
CA HIS A 42 -18.72 -38.79 25.36
C HIS A 42 -18.43 -37.90 26.56
N PHE A 43 -18.21 -38.49 27.73
CA PHE A 43 -18.13 -37.69 28.94
C PHE A 43 -16.82 -36.92 29.04
N TYR A 44 -15.70 -37.54 28.65
CA TYR A 44 -14.44 -36.81 28.72
C TYR A 44 -14.29 -35.79 27.59
N ASN A 45 -15.13 -35.85 26.57
CA ASN A 45 -15.09 -34.92 25.44
C ASN A 45 -13.75 -35.00 24.71
N ALA A 46 -13.44 -36.20 24.23
CA ALA A 46 -12.27 -36.43 23.40
C ALA A 46 -12.65 -37.33 22.25
N LEU A 47 -12.33 -36.91 21.03
CA LEU A 47 -12.73 -37.66 19.86
C LEU A 47 -11.96 -37.19 18.62
N PRO A 48 -11.39 -38.11 17.84
CA PRO A 48 -10.76 -37.71 16.58
C PRO A 48 -11.81 -37.43 15.54
N THR A 49 -11.65 -36.33 14.80
CA THR A 49 -12.63 -35.89 13.81
C THR A 49 -12.16 -36.31 12.42
N ASP A 50 -12.28 -37.59 12.13
CA ASP A 50 -12.00 -38.14 10.80
C ASP A 50 -12.67 -39.49 10.71
N ILE A 51 -12.30 -40.26 9.69
CA ILE A 51 -12.98 -41.53 9.40
C ILE A 51 -12.87 -42.48 10.58
N VAL A 52 -11.66 -42.67 11.10
CA VAL A 52 -11.45 -43.71 12.10
C VAL A 52 -12.22 -43.43 13.39
N GLY A 53 -12.54 -42.16 13.65
CA GLY A 53 -13.34 -41.80 14.79
C GLY A 53 -14.80 -41.59 14.49
N GLY A 54 -15.26 -41.87 13.27
CA GLY A 54 -16.65 -41.70 12.95
C GLY A 54 -17.33 -43.03 12.73
N PHE A 55 -16.57 -44.03 12.31
CA PHE A 55 -17.16 -45.35 12.10
C PHE A 55 -17.52 -46.02 13.41
N ALA A 56 -16.73 -45.80 14.46
CA ALA A 56 -17.01 -46.45 15.74
C ALA A 56 -18.34 -45.99 16.30
N ILE A 57 -18.58 -44.67 16.30
CA ILE A 57 -19.82 -44.14 16.85
C ILE A 57 -21.01 -44.71 16.12
N MET A 58 -20.97 -44.67 14.79
CA MET A 58 -22.11 -45.08 14.00
C MET A 58 -22.35 -46.58 14.14
N PHE A 59 -21.30 -47.39 14.07
CA PHE A 59 -21.46 -48.82 14.29
C PHE A 59 -22.11 -49.12 15.62
N ILE A 60 -21.59 -48.51 16.69
CA ILE A 60 -22.04 -48.89 18.02
C ILE A 60 -23.48 -48.45 18.27
N ILE A 61 -23.84 -47.24 17.84
CA ILE A 61 -25.22 -46.80 18.03
C ILE A 61 -26.17 -47.64 17.18
N GLY A 62 -25.80 -47.86 15.91
CA GLY A 62 -26.68 -48.58 15.02
C GLY A 62 -26.95 -50.01 15.48
N ALA A 63 -25.92 -50.67 16.02
CA ALA A 63 -26.13 -52.05 16.42
C ALA A 63 -27.24 -52.16 17.46
N ILE A 64 -27.15 -51.41 18.54
CA ILE A 64 -28.15 -51.52 19.60
C ILE A 64 -29.51 -51.04 19.11
N PHE A 65 -29.57 -49.92 18.39
CA PHE A 65 -30.89 -49.41 18.05
C PHE A 65 -31.52 -50.13 16.88
N GLY A 66 -30.77 -50.98 16.18
CA GLY A 66 -31.36 -51.81 15.17
C GLY A 66 -31.73 -53.16 15.74
N GLU A 67 -31.07 -53.57 16.81
CA GLU A 67 -31.50 -54.78 17.49
C GLU A 67 -32.75 -54.57 18.32
N ILE A 68 -32.93 -53.38 18.88
CA ILE A 68 -34.17 -53.09 19.59
C ILE A 68 -35.34 -53.06 18.61
N GLY A 69 -35.16 -52.41 17.47
CA GLY A 69 -36.26 -52.14 16.56
C GLY A 69 -36.86 -53.36 15.91
N LYS A 70 -36.21 -54.51 15.99
CA LYS A 70 -36.74 -55.73 15.41
C LYS A 70 -37.50 -56.57 16.44
N ARG A 71 -37.64 -56.09 17.66
CA ARG A 71 -38.27 -56.86 18.73
C ARG A 71 -39.50 -56.17 19.31
N LEU A 72 -39.86 -54.99 18.83
CA LEU A 72 -41.07 -54.36 19.31
C LEU A 72 -42.29 -55.12 18.80
N PRO A 73 -43.41 -55.07 19.53
CA PRO A 73 -44.57 -55.87 19.13
C PRO A 73 -45.18 -55.43 17.80
N ILE A 74 -45.53 -54.15 17.69
CA ILE A 74 -46.23 -53.67 16.50
C ILE A 74 -45.28 -53.07 15.47
N PHE A 75 -44.05 -52.76 15.86
CA PHE A 75 -43.15 -51.99 15.01
C PHE A 75 -42.29 -52.89 14.12
N ASN A 76 -42.46 -54.20 14.20
CA ASN A 76 -41.64 -55.10 13.38
C ASN A 76 -42.26 -55.40 12.03
N LYS A 77 -43.59 -55.44 11.94
CA LYS A 77 -44.26 -55.84 10.71
C LYS A 77 -44.66 -54.65 9.85
N TYR A 78 -45.51 -53.78 10.38
CA TYR A 78 -46.11 -52.73 9.55
C TYR A 78 -45.10 -51.70 9.11
N ILE A 79 -44.14 -51.37 9.98
CA ILE A 79 -43.10 -50.40 9.67
C ILE A 79 -41.77 -51.14 9.72
N GLY A 80 -40.85 -50.75 8.82
CA GLY A 80 -39.55 -51.40 8.72
C GLY A 80 -38.84 -51.45 10.05
N GLY A 81 -38.46 -52.65 10.47
CA GLY A 81 -38.00 -52.84 11.83
C GLY A 81 -36.72 -52.09 12.16
N ALA A 82 -35.62 -52.53 11.59
CA ALA A 82 -34.34 -51.89 11.91
C ALA A 82 -34.13 -50.58 11.17
N PRO A 83 -34.25 -50.53 9.84
CA PRO A 83 -33.81 -49.33 9.12
C PRO A 83 -34.59 -48.07 9.46
N VAL A 84 -35.80 -48.19 9.96
CA VAL A 84 -36.61 -46.99 10.19
C VAL A 84 -36.41 -46.42 11.59
N MET A 85 -36.33 -47.29 12.59
CA MET A 85 -36.23 -46.81 13.97
C MET A 85 -34.93 -46.05 14.18
N ILE A 86 -33.83 -46.55 13.62
CA ILE A 86 -32.55 -45.83 13.71
C ILE A 86 -32.66 -44.48 13.03
N PHE A 87 -33.28 -44.46 11.85
CA PHE A 87 -33.42 -43.23 11.09
C PHE A 87 -34.15 -42.17 11.91
N LEU A 88 -35.23 -42.57 12.59
CA LEU A 88 -35.96 -41.59 13.38
C LEU A 88 -35.20 -41.20 14.64
N VAL A 89 -34.57 -42.17 15.30
CA VAL A 89 -33.95 -41.90 16.59
C VAL A 89 -32.76 -40.97 16.44
N ALA A 90 -31.96 -41.15 15.38
CA ALA A 90 -30.82 -40.25 15.20
C ALA A 90 -31.28 -38.81 15.01
N ALA A 91 -32.32 -38.61 14.20
CA ALA A 91 -32.85 -37.26 14.00
C ALA A 91 -33.37 -36.69 15.31
N TYR A 92 -34.04 -37.51 16.11
CA TYR A 92 -34.52 -37.00 17.39
C TYR A 92 -33.34 -36.60 18.28
N PHE A 93 -32.27 -37.38 18.28
CA PHE A 93 -31.11 -37.04 19.09
C PHE A 93 -30.52 -35.71 18.66
N VAL A 94 -30.36 -35.50 17.36
CA VAL A 94 -29.78 -34.23 16.94
C VAL A 94 -30.74 -33.09 17.25
N TYR A 95 -32.04 -33.37 17.29
CA TYR A 95 -33.02 -32.32 17.58
C TYR A 95 -32.83 -31.77 18.98
N ALA A 96 -32.64 -32.63 19.97
CA ALA A 96 -32.61 -32.21 21.37
C ALA A 96 -31.21 -31.80 21.82
N GLY A 97 -30.21 -31.85 20.95
CA GLY A 97 -28.88 -31.47 21.35
C GLY A 97 -28.17 -32.47 22.22
N ILE A 98 -28.57 -33.73 22.18
CA ILE A 98 -27.86 -34.75 22.93
C ILE A 98 -26.44 -34.94 22.40
N PHE A 99 -26.30 -34.99 21.08
CA PHE A 99 -24.98 -35.10 20.48
C PHE A 99 -24.14 -33.88 20.80
N THR A 100 -22.84 -34.11 21.01
CA THR A 100 -21.92 -33.02 21.22
C THR A 100 -21.59 -32.39 19.86
N GLN A 101 -20.75 -31.35 19.86
CA GLN A 101 -20.37 -30.73 18.60
C GLN A 101 -19.46 -31.65 17.79
N LYS A 102 -18.46 -32.25 18.44
CA LYS A 102 -17.47 -33.04 17.71
C LYS A 102 -18.04 -34.31 17.11
N GLU A 103 -19.01 -34.94 17.76
CA GLU A 103 -19.62 -36.12 17.16
C GLU A 103 -20.36 -35.78 15.88
N ILE A 104 -21.10 -34.67 15.88
CA ILE A 104 -21.76 -34.22 14.66
C ILE A 104 -20.73 -33.88 13.60
N ASP A 105 -19.65 -33.23 14.00
CA ASP A 105 -18.66 -32.80 13.03
C ASP A 105 -17.91 -33.99 12.43
N ALA A 106 -17.81 -35.10 13.16
CA ALA A 106 -17.17 -36.28 12.61
C ALA A 106 -18.11 -37.09 11.73
N ILE A 107 -19.38 -37.20 12.14
CA ILE A 107 -20.35 -37.88 11.29
C ILE A 107 -20.49 -37.14 9.97
N SER A 108 -20.51 -35.81 10.01
CA SER A 108 -20.57 -35.04 8.79
C SER A 108 -19.35 -35.30 7.92
N ASN A 109 -18.16 -35.37 8.53
CA ASN A 109 -16.96 -35.64 7.77
C ASN A 109 -17.04 -36.99 7.08
N VAL A 110 -17.55 -38.01 7.75
CA VAL A 110 -17.65 -39.32 7.12
C VAL A 110 -18.70 -39.32 6.04
N MET A 111 -19.80 -38.59 6.22
CA MET A 111 -20.95 -38.79 5.35
C MET A 111 -20.98 -37.86 4.15
N ASP A 112 -20.51 -36.61 4.28
CA ASP A 112 -20.66 -35.62 3.23
C ASP A 112 -19.35 -35.24 2.58
N LYS A 113 -18.37 -34.79 3.36
CA LYS A 113 -17.13 -34.30 2.78
C LYS A 113 -16.38 -35.40 2.02
N SER A 114 -16.27 -36.58 2.62
CA SER A 114 -15.62 -37.68 1.94
C SER A 114 -16.54 -38.46 1.02
N ASN A 115 -17.84 -38.16 1.05
CA ASN A 115 -18.81 -38.76 0.14
C ASN A 115 -18.78 -40.28 0.19
N PHE A 116 -19.10 -40.81 1.36
CA PHE A 116 -19.29 -42.25 1.45
C PHE A 116 -20.56 -42.69 0.75
N LEU A 117 -21.56 -41.82 0.70
CA LEU A 117 -22.84 -42.17 0.07
C LEU A 117 -22.66 -42.48 -1.40
N ASN A 118 -21.86 -41.67 -2.10
CA ASN A 118 -21.64 -41.90 -3.52
C ASN A 118 -20.96 -43.24 -3.75
N LEU A 119 -19.98 -43.58 -2.91
CA LEU A 119 -19.33 -44.87 -3.02
C LEU A 119 -20.32 -46.00 -2.82
N PHE A 120 -21.19 -45.88 -1.82
CA PHE A 120 -22.21 -46.89 -1.57
C PHE A 120 -23.09 -47.09 -2.80
N ILE A 121 -23.61 -46.00 -3.35
CA ILE A 121 -24.52 -46.10 -4.49
C ILE A 121 -23.81 -46.71 -5.69
N ALA A 122 -22.57 -46.27 -5.96
CA ALA A 122 -21.85 -46.80 -7.10
C ALA A 122 -21.62 -48.29 -6.95
N VAL A 123 -21.25 -48.74 -5.76
CA VAL A 123 -21.00 -50.16 -5.56
C VAL A 123 -22.27 -50.96 -5.80
N LEU A 124 -23.39 -50.49 -5.28
CA LEU A 124 -24.64 -51.23 -5.50
C LEU A 124 -25.00 -51.29 -6.98
N ILE A 125 -24.90 -50.17 -7.69
CA ILE A 125 -25.27 -50.17 -9.10
C ILE A 125 -24.38 -51.12 -9.89
N THR A 126 -23.07 -51.03 -9.69
CA THR A 126 -22.15 -51.88 -10.42
C THR A 126 -22.41 -53.35 -10.12
N GLY A 127 -22.61 -53.69 -8.85
CA GLY A 127 -22.92 -55.07 -8.53
C GLY A 127 -24.21 -55.55 -9.14
N ALA A 128 -25.18 -54.67 -9.31
CA ALA A 128 -26.49 -55.10 -9.81
C ALA A 128 -26.53 -55.28 -11.31
N ILE A 129 -25.96 -54.35 -12.09
CA ILE A 129 -26.16 -54.42 -13.54
C ILE A 129 -25.36 -55.55 -14.17
N LEU A 130 -24.11 -55.74 -13.75
CA LEU A 130 -23.25 -56.70 -14.43
C LEU A 130 -23.77 -58.12 -14.41
N SER A 131 -24.63 -58.47 -13.46
CA SER A 131 -25.05 -59.86 -13.29
C SER A 131 -26.29 -60.23 -14.11
N VAL A 132 -26.78 -59.34 -14.96
CA VAL A 132 -27.98 -59.62 -15.73
C VAL A 132 -27.59 -60.19 -17.08
N ASN A 133 -28.49 -60.97 -17.68
CA ASN A 133 -28.25 -61.49 -19.00
C ASN A 133 -28.33 -60.38 -20.04
N ARG A 134 -27.36 -60.38 -20.97
CA ARG A 134 -27.22 -59.26 -21.88
C ARG A 134 -28.40 -59.13 -22.83
N ARG A 135 -29.14 -60.20 -23.07
CA ARG A 135 -30.17 -60.18 -24.09
C ARG A 135 -31.41 -59.39 -23.69
N LEU A 136 -31.67 -59.23 -22.40
CA LEU A 136 -32.94 -58.70 -21.92
C LEU A 136 -32.85 -57.26 -21.42
N LEU A 137 -31.77 -56.56 -21.71
CA LEU A 137 -31.58 -55.23 -21.14
C LEU A 137 -32.64 -54.26 -21.63
N LEU A 138 -32.61 -53.94 -22.93
CA LEU A 138 -33.42 -52.84 -23.43
C LEU A 138 -34.90 -53.19 -23.53
N LYS A 139 -35.22 -54.47 -23.74
CA LYS A 139 -36.61 -54.84 -23.97
C LYS A 139 -37.48 -54.49 -22.78
N SER A 140 -36.95 -54.67 -21.56
CA SER A 140 -37.70 -54.29 -20.38
C SER A 140 -37.72 -52.78 -20.17
N LEU A 141 -36.72 -52.07 -20.68
CA LEU A 141 -36.64 -50.63 -20.46
C LEU A 141 -37.57 -49.83 -21.37
N LEU A 142 -37.80 -50.31 -22.58
CA LEU A 142 -38.56 -49.52 -23.55
C LEU A 142 -39.96 -49.21 -23.05
N GLY A 143 -40.52 -50.07 -22.21
CA GLY A 143 -41.84 -49.82 -21.67
C GLY A 143 -41.89 -49.09 -20.36
N TYR A 144 -40.74 -48.92 -19.71
CA TYR A 144 -40.72 -48.32 -18.39
C TYR A 144 -41.09 -46.85 -18.42
N ILE A 145 -40.64 -46.13 -19.45
CA ILE A 145 -40.76 -44.66 -19.45
C ILE A 145 -42.20 -44.18 -19.35
N PRO A 146 -43.16 -44.68 -20.13
CA PRO A 146 -44.52 -44.13 -20.03
C PRO A 146 -45.17 -44.34 -18.67
N THR A 147 -44.69 -45.28 -17.87
CA THR A 147 -45.28 -45.52 -16.56
C THR A 147 -45.15 -44.29 -15.67
N ILE A 148 -43.95 -43.69 -15.63
CA ILE A 148 -43.76 -42.53 -14.77
C ILE A 148 -44.58 -41.35 -15.27
N LEU A 149 -44.74 -41.22 -16.59
CA LEU A 149 -45.61 -40.18 -17.12
C LEU A 149 -47.04 -40.39 -16.67
N MET A 150 -47.49 -41.65 -16.65
CA MET A 150 -48.83 -41.93 -16.12
C MET A 150 -48.92 -41.56 -14.64
N GLY A 151 -47.87 -41.87 -13.89
CA GLY A 151 -47.87 -41.55 -12.47
C GLY A 151 -47.96 -40.05 -12.20
N ILE A 152 -47.30 -39.25 -13.02
CA ILE A 152 -47.34 -37.80 -12.84
C ILE A 152 -48.77 -37.29 -12.98
N VAL A 153 -49.48 -37.75 -14.02
CA VAL A 153 -50.86 -37.34 -14.21
C VAL A 153 -51.73 -37.82 -13.06
N GLY A 154 -51.51 -39.06 -12.61
CA GLY A 154 -52.26 -39.56 -11.49
C GLY A 154 -52.09 -38.69 -10.26
N ALA A 155 -50.87 -38.21 -10.03
CA ALA A 155 -50.63 -37.32 -8.90
C ALA A 155 -51.32 -35.99 -9.08
N SER A 156 -51.23 -35.41 -10.28
CA SER A 156 -51.76 -34.07 -10.50
C SER A 156 -53.27 -34.05 -10.36
N ILE A 157 -53.95 -35.10 -10.80
CA ILE A 157 -55.42 -35.12 -10.69
C ILE A 157 -55.85 -35.03 -9.23
N PHE A 158 -55.26 -35.88 -8.38
CA PHE A 158 -55.61 -35.85 -6.97
C PHE A 158 -55.20 -34.53 -6.33
N GLY A 159 -54.06 -33.97 -6.75
CA GLY A 159 -53.65 -32.70 -6.19
C GLY A 159 -54.65 -31.60 -6.45
N ILE A 160 -55.09 -31.47 -7.70
CA ILE A 160 -56.06 -30.42 -8.01
C ILE A 160 -57.39 -30.70 -7.33
N ALA A 161 -57.79 -31.98 -7.22
CA ALA A 161 -59.05 -32.30 -6.57
C ALA A 161 -59.02 -31.86 -5.09
N ILE A 162 -57.96 -32.22 -4.38
CA ILE A 162 -57.89 -31.86 -2.96
C ILE A 162 -57.73 -30.36 -2.80
N GLY A 163 -57.05 -29.68 -3.73
CA GLY A 163 -56.96 -28.24 -3.64
C GLY A 163 -58.30 -27.58 -3.83
N LEU A 164 -59.10 -28.08 -4.76
CA LEU A 164 -60.46 -27.58 -4.93
C LEU A 164 -61.29 -27.81 -3.68
N VAL A 165 -61.14 -28.99 -3.06
CA VAL A 165 -61.86 -29.26 -1.82
C VAL A 165 -61.48 -28.25 -0.75
N PHE A 166 -60.19 -27.97 -0.62
CA PHE A 166 -59.74 -26.94 0.30
C PHE A 166 -59.95 -25.53 -0.25
N GLY A 167 -60.26 -25.40 -1.53
CA GLY A 167 -60.52 -24.11 -2.12
C GLY A 167 -59.30 -23.33 -2.54
N ILE A 168 -58.11 -23.87 -2.33
CA ILE A 168 -56.88 -23.17 -2.76
C ILE A 168 -56.82 -23.11 -4.28
N PRO A 169 -56.47 -21.98 -4.87
CA PRO A 169 -56.42 -21.89 -6.34
C PRO A 169 -55.43 -22.87 -6.94
N VAL A 170 -55.75 -23.33 -8.16
CA VAL A 170 -55.01 -24.40 -8.79
C VAL A 170 -53.58 -23.97 -9.12
N ASP A 171 -53.38 -22.71 -9.51
CA ASP A 171 -52.04 -22.26 -9.85
C ASP A 171 -51.10 -22.37 -8.65
N ARG A 172 -51.56 -21.93 -7.47
CA ARG A 172 -50.74 -22.05 -6.27
C ARG A 172 -50.43 -23.51 -5.97
N ILE A 173 -51.42 -24.39 -6.16
CA ILE A 173 -51.18 -25.80 -5.91
C ILE A 173 -50.08 -26.33 -6.82
N MET A 174 -50.21 -26.11 -8.12
CA MET A 174 -49.23 -26.67 -9.05
C MET A 174 -47.86 -26.00 -8.90
N MET A 175 -47.81 -24.79 -8.35
CA MET A 175 -46.54 -24.12 -8.19
C MET A 175 -45.86 -24.39 -6.86
N LEU A 176 -46.60 -24.81 -5.84
CA LEU A 176 -46.03 -24.97 -4.51
C LEU A 176 -46.02 -26.40 -4.01
N TYR A 177 -46.99 -27.24 -4.38
CA TYR A 177 -47.11 -28.55 -3.78
C TYR A 177 -46.68 -29.68 -4.71
N VAL A 178 -47.29 -29.77 -5.90
CA VAL A 178 -47.08 -30.96 -6.72
C VAL A 178 -45.66 -31.01 -7.26
N LEU A 179 -45.19 -29.91 -7.84
CA LEU A 179 -43.87 -29.95 -8.48
C LEU A 179 -42.74 -30.21 -7.50
N PRO A 180 -42.63 -29.51 -6.37
CA PRO A 180 -41.54 -29.84 -5.43
C PRO A 180 -41.60 -31.26 -4.94
N ILE A 181 -42.79 -31.81 -4.72
CA ILE A 181 -42.90 -33.20 -4.27
C ILE A 181 -42.36 -34.14 -5.34
N MET A 182 -42.74 -33.94 -6.59
CA MET A 182 -42.31 -34.79 -7.69
C MET A 182 -40.88 -34.48 -8.14
N GLY A 183 -40.24 -33.47 -7.57
CA GLY A 183 -38.92 -33.10 -8.02
C GLY A 183 -37.87 -34.14 -7.65
N GLY A 184 -36.68 -33.94 -8.21
CA GLY A 184 -35.59 -34.86 -7.93
C GLY A 184 -35.16 -34.85 -6.49
N GLY A 185 -35.00 -33.66 -5.92
CA GLY A 185 -34.56 -33.55 -4.55
C GLY A 185 -33.98 -32.18 -4.27
N ASN A 186 -33.24 -32.09 -3.17
CA ASN A 186 -32.62 -30.83 -2.78
C ASN A 186 -31.54 -30.41 -3.76
N GLY A 187 -30.63 -31.32 -4.08
CA GLY A 187 -29.54 -30.98 -4.99
C GLY A 187 -30.03 -30.63 -6.37
N ALA A 188 -30.93 -31.45 -6.90
CA ALA A 188 -31.59 -31.16 -8.17
C ALA A 188 -33.09 -31.30 -7.96
N GLY A 189 -33.83 -30.25 -8.30
CA GLY A 189 -35.25 -30.21 -8.07
C GLY A 189 -35.69 -29.28 -6.96
N ALA A 190 -34.75 -28.66 -6.26
CA ALA A 190 -35.10 -27.61 -5.31
C ALA A 190 -34.47 -26.29 -5.72
N VAL A 191 -33.16 -26.24 -5.90
CA VAL A 191 -32.52 -25.01 -6.39
C VAL A 191 -32.99 -24.66 -7.79
N PRO A 192 -32.95 -25.56 -8.78
CA PRO A 192 -33.35 -25.15 -10.13
C PRO A 192 -34.79 -24.65 -10.22
N LEU A 193 -35.70 -25.22 -9.44
CA LEU A 193 -37.06 -24.70 -9.43
C LEU A 193 -37.09 -23.27 -8.93
N SER A 194 -36.32 -22.97 -7.88
CA SER A 194 -36.25 -21.60 -7.40
C SER A 194 -35.72 -20.68 -8.48
N GLU A 195 -34.68 -21.10 -9.19
CA GLU A 195 -34.12 -20.25 -10.23
C GLU A 195 -35.13 -20.00 -11.33
N ILE A 196 -35.80 -21.04 -11.81
CA ILE A 196 -36.76 -20.87 -12.91
C ILE A 196 -37.90 -19.97 -12.46
N TYR A 197 -38.43 -20.21 -11.26
CA TYR A 197 -39.55 -19.41 -10.77
C TYR A 197 -39.17 -17.94 -10.67
N HIS A 198 -38.03 -17.65 -10.03
CA HIS A 198 -37.63 -16.26 -9.87
C HIS A 198 -37.35 -15.61 -11.22
N SER A 199 -36.75 -16.35 -12.16
CA SER A 199 -36.43 -15.76 -13.45
C SER A 199 -37.68 -15.46 -14.25
N VAL A 200 -38.68 -16.33 -14.20
CA VAL A 200 -39.86 -16.15 -15.05
C VAL A 200 -40.84 -15.19 -14.39
N THR A 201 -41.34 -15.53 -13.21
CA THR A 201 -42.37 -14.70 -12.60
C THR A 201 -41.80 -13.43 -12.00
N GLY A 202 -40.48 -13.36 -11.80
CA GLY A 202 -39.85 -12.16 -11.29
C GLY A 202 -40.19 -11.81 -9.85
N ARG A 203 -40.81 -12.72 -9.11
CA ARG A 203 -41.17 -12.45 -7.73
C ARG A 203 -39.99 -12.82 -6.82
N SER A 204 -40.22 -12.86 -5.51
CA SER A 204 -39.15 -13.16 -4.58
C SER A 204 -38.72 -14.62 -4.71
N ARG A 205 -37.43 -14.87 -4.50
CA ARG A 205 -36.86 -16.20 -4.64
C ARG A 205 -36.67 -16.91 -3.30
N GLU A 206 -36.10 -16.22 -2.33
CA GLU A 206 -35.73 -16.88 -1.08
C GLU A 206 -36.94 -17.48 -0.37
N GLU A 207 -38.10 -16.86 -0.50
CA GLU A 207 -39.29 -17.36 0.19
C GLU A 207 -39.71 -18.73 -0.34
N TYR A 208 -39.64 -18.94 -1.65
CA TYR A 208 -40.08 -20.18 -2.25
C TYR A 208 -39.27 -21.37 -1.75
N TYR A 209 -37.94 -21.21 -1.73
CA TYR A 209 -37.04 -22.26 -1.27
C TYR A 209 -37.28 -22.62 0.19
N SER A 210 -37.89 -21.74 0.97
CA SER A 210 -38.17 -22.08 2.36
C SER A 210 -39.33 -23.07 2.46
N THR A 211 -40.42 -22.83 1.72
CA THR A 211 -41.56 -23.72 1.85
C THR A 211 -41.36 -25.04 1.11
N ALA A 212 -40.64 -25.03 -0.01
CA ALA A 212 -40.45 -26.27 -0.75
C ALA A 212 -39.65 -27.27 0.08
N ILE A 213 -38.60 -26.80 0.77
CA ILE A 213 -37.71 -27.69 1.49
C ILE A 213 -38.40 -28.36 2.66
N ALA A 214 -39.54 -27.83 3.10
CA ALA A 214 -40.33 -28.46 4.14
C ALA A 214 -41.40 -29.39 3.57
N ILE A 215 -42.07 -28.96 2.49
CA ILE A 215 -43.10 -29.79 1.90
C ILE A 215 -42.51 -31.11 1.43
N LEU A 216 -41.32 -31.06 0.84
CA LEU A 216 -40.75 -32.30 0.32
C LEU A 216 -40.39 -33.29 1.42
N THR A 217 -39.87 -32.83 2.56
CA THR A 217 -39.58 -33.75 3.65
C THR A 217 -40.85 -34.34 4.25
N ILE A 218 -41.88 -33.51 4.41
CA ILE A 218 -43.16 -34.02 4.89
C ILE A 218 -43.67 -35.12 3.98
N ALA A 219 -43.52 -34.93 2.66
CA ALA A 219 -43.92 -35.98 1.74
C ALA A 219 -43.03 -37.21 1.86
N ASN A 220 -41.74 -37.01 2.12
CA ASN A 220 -40.81 -38.13 2.21
C ASN A 220 -41.18 -39.08 3.32
N ILE A 221 -41.56 -38.55 4.49
CA ILE A 221 -41.88 -39.43 5.62
C ILE A 221 -43.06 -40.33 5.27
N PHE A 222 -44.11 -39.72 4.70
CA PHE A 222 -45.28 -40.50 4.31
C PHE A 222 -44.92 -41.51 3.24
N ALA A 223 -44.01 -41.14 2.34
CA ALA A 223 -43.56 -42.10 1.34
C ALA A 223 -42.96 -43.33 2.00
N ILE A 224 -42.12 -43.13 3.03
CA ILE A 224 -41.54 -44.26 3.74
C ILE A 224 -42.63 -45.14 4.31
N VAL A 225 -43.59 -44.54 5.01
CA VAL A 225 -44.60 -45.34 5.71
C VAL A 225 -45.45 -46.13 4.70
N PHE A 226 -45.91 -45.46 3.64
CA PHE A 226 -46.69 -46.16 2.63
C PHE A 226 -45.89 -47.27 1.96
N ALA A 227 -44.61 -47.05 1.68
CA ALA A 227 -43.82 -48.13 1.12
C ALA A 227 -43.68 -49.30 2.07
N ALA A 228 -43.70 -49.03 3.38
CA ALA A 228 -43.69 -50.13 4.33
C ALA A 228 -44.99 -50.91 4.33
N VAL A 229 -46.12 -50.25 4.14
CA VAL A 229 -47.41 -50.95 4.18
C VAL A 229 -47.54 -51.92 3.00
N LEU A 230 -47.06 -51.51 1.83
CA LEU A 230 -47.24 -52.30 0.62
C LEU A 230 -46.68 -53.70 0.73
N ASP A 231 -45.63 -53.91 1.52
CA ASP A 231 -45.06 -55.24 1.63
C ASP A 231 -46.07 -56.22 2.22
N ILE A 232 -46.67 -55.87 3.35
CA ILE A 232 -47.65 -56.76 3.94
C ILE A 232 -48.90 -56.85 3.07
N ILE A 233 -49.25 -55.75 2.40
CA ILE A 233 -50.41 -55.82 1.49
C ILE A 233 -50.17 -56.86 0.41
N GLY A 234 -48.98 -56.86 -0.17
CA GLY A 234 -48.64 -57.86 -1.17
C GLY A 234 -48.54 -59.26 -0.60
N LYS A 235 -48.10 -59.39 0.65
CA LYS A 235 -48.09 -60.70 1.27
C LYS A 235 -49.49 -61.28 1.39
N LYS A 236 -50.48 -60.44 1.70
CA LYS A 236 -51.84 -60.96 1.87
C LYS A 236 -52.41 -61.51 0.56
N HIS A 237 -52.16 -60.82 -0.56
CA HIS A 237 -52.66 -61.23 -1.86
C HIS A 237 -51.48 -61.61 -2.75
N THR A 238 -51.29 -62.90 -2.96
CA THR A 238 -50.06 -63.37 -3.61
C THR A 238 -50.04 -63.00 -5.09
N TRP A 239 -51.18 -63.00 -5.75
CA TRP A 239 -51.20 -62.82 -7.19
C TRP A 239 -50.73 -61.44 -7.63
N LEU A 240 -50.62 -60.48 -6.71
CA LEU A 240 -50.21 -59.13 -7.07
C LEU A 240 -48.69 -59.00 -7.16
N SER A 241 -48.00 -59.36 -6.08
CA SER A 241 -46.58 -59.07 -5.96
C SER A 241 -45.76 -60.20 -6.56
N GLY A 242 -44.75 -59.82 -7.37
CA GLY A 242 -43.82 -60.78 -7.91
C GLY A 242 -42.62 -61.07 -7.05
N GLU A 243 -42.33 -60.20 -6.08
CA GLU A 243 -41.28 -60.41 -5.09
C GLU A 243 -39.89 -60.39 -5.71
N GLY A 244 -39.82 -60.23 -7.01
CA GLY A 244 -38.55 -60.26 -7.72
C GLY A 244 -38.54 -59.30 -8.88
N GLU A 245 -38.19 -59.79 -10.07
CA GLU A 245 -38.25 -58.96 -11.25
C GLU A 245 -39.68 -58.53 -11.51
N LEU A 246 -39.84 -57.33 -12.05
CA LEU A 246 -41.16 -56.74 -12.26
C LEU A 246 -41.79 -57.14 -13.59
N VAL A 247 -41.15 -58.03 -14.35
CA VAL A 247 -41.67 -58.45 -15.64
C VAL A 247 -42.38 -59.79 -15.47
N ARG A 248 -43.61 -59.88 -15.98
CA ARG A 248 -44.39 -61.11 -15.87
C ARG A 248 -43.92 -62.17 -16.84
N LYS A 249 -43.53 -61.77 -18.06
CA LYS A 249 -43.29 -62.73 -19.13
C LYS A 249 -42.11 -63.64 -18.81
N ALA A 250 -41.06 -63.09 -18.21
CA ALA A 250 -39.89 -63.89 -17.88
C ALA A 250 -40.25 -65.05 -16.97
N SER A 251 -41.26 -64.88 -16.12
CA SER A 251 -41.72 -65.94 -15.25
C SER A 251 -42.35 -67.08 -16.05
N GLU A 258 -23.60 -70.83 -18.33
CA GLU A 258 -22.19 -70.62 -18.01
C GLU A 258 -21.96 -70.69 -16.51
N LYS A 259 -20.85 -71.30 -16.10
CA LYS A 259 -20.53 -71.52 -14.71
C LYS A 259 -19.17 -70.92 -14.38
N THR A 260 -18.99 -70.61 -13.09
CA THR A 260 -17.78 -69.96 -12.62
C THR A 260 -17.03 -70.89 -11.67
N GLY A 261 -15.71 -70.81 -11.70
CA GLY A 261 -14.87 -71.53 -10.78
C GLY A 261 -14.87 -70.85 -9.42
N GLN A 262 -13.90 -71.23 -8.60
CA GLN A 262 -13.81 -70.66 -7.26
C GLN A 262 -13.42 -69.19 -7.35
N ILE A 263 -14.02 -68.37 -6.49
CA ILE A 263 -13.77 -66.93 -6.46
C ILE A 263 -12.86 -66.65 -5.27
N THR A 264 -11.65 -66.19 -5.54
CA THR A 264 -10.74 -65.80 -4.50
C THR A 264 -10.93 -64.31 -4.21
N HIS A 265 -10.05 -63.73 -3.39
CA HIS A 265 -10.21 -62.34 -3.00
C HIS A 265 -10.03 -61.39 -4.18
N ARG A 266 -9.19 -61.77 -5.15
CA ARG A 266 -8.80 -60.82 -6.18
C ARG A 266 -10.01 -60.34 -6.98
N GLU A 267 -10.91 -61.25 -7.32
CA GLU A 267 -12.11 -60.87 -8.06
C GLU A 267 -13.06 -60.03 -7.23
N THR A 268 -12.82 -59.91 -5.92
CA THR A 268 -13.60 -58.95 -5.15
C THR A 268 -13.03 -57.55 -5.26
N ALA A 269 -11.70 -57.42 -5.33
CA ALA A 269 -11.11 -56.10 -5.47
C ALA A 269 -11.25 -55.55 -6.89
N VAL A 270 -11.23 -56.42 -7.90
CA VAL A 270 -11.45 -55.93 -9.25
C VAL A 270 -12.83 -55.30 -9.38
N GLY A 271 -13.82 -55.88 -8.69
CA GLY A 271 -15.14 -55.29 -8.69
C GLY A 271 -15.20 -53.93 -8.03
N LEU A 272 -14.24 -53.63 -7.17
CA LEU A 272 -14.17 -52.30 -6.58
C LEU A 272 -13.38 -51.33 -7.43
N VAL A 273 -12.44 -51.84 -8.22
CA VAL A 273 -11.75 -50.97 -9.17
C VAL A 273 -12.69 -50.51 -10.27
N LEU A 274 -13.52 -51.43 -10.78
CA LEU A 274 -14.45 -51.06 -11.84
C LEU A 274 -15.44 -50.01 -11.38
N SER A 275 -15.95 -50.15 -10.15
CA SER A 275 -16.98 -49.27 -9.64
C SER A 275 -16.49 -47.85 -9.45
N THR A 276 -15.18 -47.64 -9.35
CA THR A 276 -14.64 -46.30 -9.24
C THR A 276 -14.01 -45.81 -10.52
N THR A 277 -13.75 -46.68 -11.49
CA THR A 277 -13.37 -46.15 -12.79
C THR A 277 -14.59 -45.68 -13.58
N CYS A 278 -15.68 -46.45 -13.53
CA CYS A 278 -16.87 -46.04 -14.26
C CYS A 278 -17.41 -44.71 -13.77
N PHE A 279 -17.40 -44.49 -12.46
CA PHE A 279 -17.91 -43.23 -11.94
C PHE A 279 -17.07 -42.06 -12.44
N LEU A 280 -15.75 -42.23 -12.46
CA LEU A 280 -14.88 -41.16 -12.93
C LEU A 280 -15.16 -40.85 -14.40
N LEU A 281 -15.34 -41.88 -15.21
CA LEU A 281 -15.65 -41.64 -16.62
C LEU A 281 -16.96 -40.89 -16.77
N ALA A 282 -17.98 -41.29 -16.02
CA ALA A 282 -19.27 -40.60 -16.12
C ALA A 282 -19.16 -39.16 -15.69
N TYR A 283 -18.41 -38.90 -14.61
CA TYR A 283 -18.25 -37.54 -14.14
C TYR A 283 -17.56 -36.68 -15.20
N VAL A 284 -16.51 -37.20 -15.82
CA VAL A 284 -15.83 -36.44 -16.86
C VAL A 284 -16.78 -36.14 -18.00
N VAL A 285 -17.53 -37.14 -18.45
CA VAL A 285 -18.42 -36.93 -19.59
C VAL A 285 -19.44 -35.85 -19.25
N ALA A 286 -20.11 -35.98 -18.12
CA ALA A 286 -21.21 -35.09 -17.81
C ALA A 286 -20.75 -33.72 -17.34
N LYS A 287 -19.48 -33.53 -17.03
CA LYS A 287 -19.01 -32.19 -16.71
C LYS A 287 -18.40 -31.47 -17.90
N LYS A 288 -17.76 -32.18 -18.81
CA LYS A 288 -17.07 -31.46 -19.88
C LYS A 288 -17.52 -31.82 -21.28
N ILE A 289 -17.80 -33.09 -21.56
CA ILE A 289 -18.00 -33.48 -22.95
C ILE A 289 -19.38 -33.10 -23.44
N LEU A 290 -20.42 -33.65 -22.82
CA LEU A 290 -21.79 -33.50 -23.31
C LEU A 290 -22.66 -33.08 -22.13
N PRO A 291 -22.67 -31.79 -21.80
CA PRO A 291 -23.43 -31.35 -20.62
C PRO A 291 -24.92 -31.60 -20.74
N SER A 292 -25.54 -31.25 -21.86
CA SER A 292 -26.98 -31.37 -22.00
C SER A 292 -27.35 -31.78 -23.42
N ILE A 293 -28.29 -32.73 -23.51
CA ILE A 293 -28.87 -33.08 -24.80
C ILE A 293 -29.67 -31.92 -25.36
N GLY A 294 -30.28 -31.14 -24.48
CA GLY A 294 -31.15 -30.05 -24.88
C GLY A 294 -31.59 -29.31 -23.64
N GLY A 295 -32.89 -29.01 -23.52
CA GLY A 295 -33.38 -28.49 -22.27
C GLY A 295 -33.15 -29.41 -21.10
N VAL A 296 -32.94 -30.69 -21.37
CA VAL A 296 -32.66 -31.67 -20.32
C VAL A 296 -31.19 -31.57 -19.93
N ALA A 297 -30.94 -31.40 -18.63
CA ALA A 297 -29.60 -31.46 -18.08
C ALA A 297 -29.44 -32.79 -17.36
N ILE A 298 -28.36 -33.51 -17.67
CA ILE A 298 -28.21 -34.90 -17.26
C ILE A 298 -27.37 -34.95 -15.98
N HIS A 299 -27.91 -35.59 -14.95
CA HIS A 299 -27.13 -35.86 -13.74
C HIS A 299 -26.12 -36.97 -14.02
N TYR A 300 -24.99 -36.90 -13.31
CA TYR A 300 -23.90 -37.82 -13.61
C TYR A 300 -24.09 -39.20 -13.02
N PHE A 301 -25.29 -39.55 -12.58
CA PHE A 301 -25.61 -40.95 -12.33
C PHE A 301 -26.40 -41.58 -13.48
N ALA A 302 -27.11 -40.76 -14.27
CA ALA A 302 -27.78 -41.31 -15.44
C ALA A 302 -26.78 -41.87 -16.43
N TRP A 303 -25.64 -41.22 -16.60
CA TRP A 303 -24.63 -41.73 -17.51
C TRP A 303 -24.07 -43.06 -17.02
N MET A 304 -23.85 -43.18 -15.71
CA MET A 304 -23.15 -44.35 -15.19
C MET A 304 -23.92 -45.63 -15.49
N VAL A 305 -25.25 -45.60 -15.35
CA VAL A 305 -26.03 -46.78 -15.67
C VAL A 305 -25.80 -47.19 -17.10
N LEU A 306 -25.85 -46.23 -18.03
CA LEU A 306 -25.67 -46.54 -19.44
C LEU A 306 -24.26 -47.03 -19.73
N ILE A 307 -23.26 -46.44 -19.10
CA ILE A 307 -21.88 -46.86 -19.32
C ILE A 307 -21.68 -48.30 -18.85
N VAL A 308 -22.18 -48.63 -17.67
CA VAL A 308 -22.00 -50.00 -17.18
C VAL A 308 -22.78 -50.98 -18.05
N ALA A 309 -23.97 -50.59 -18.50
CA ALA A 309 -24.71 -51.46 -19.40
C ALA A 309 -23.92 -51.73 -20.68
N ALA A 310 -23.33 -50.68 -21.26
CA ALA A 310 -22.52 -50.85 -22.45
C ALA A 310 -21.33 -51.75 -22.18
N LEU A 311 -20.68 -51.56 -21.04
CA LEU A 311 -19.55 -52.42 -20.68
C LEU A 311 -19.98 -53.88 -20.61
N ASN A 312 -21.15 -54.13 -20.04
CA ASN A 312 -21.65 -55.51 -19.98
C ASN A 312 -21.92 -56.05 -21.38
N ALA A 313 -22.46 -55.20 -22.27
CA ALA A 313 -22.74 -55.65 -23.63
C ALA A 313 -21.47 -55.92 -24.41
N SER A 314 -20.36 -55.27 -24.02
CA SER A 314 -19.12 -55.46 -24.75
C SER A 314 -18.53 -56.85 -24.55
N GLY A 315 -18.92 -57.57 -23.51
CA GLY A 315 -18.36 -58.87 -23.26
C GLY A 315 -16.89 -58.85 -22.89
N LEU A 316 -16.37 -57.71 -22.47
CA LEU A 316 -14.96 -57.61 -22.10
C LEU A 316 -14.64 -58.34 -20.80
N CYS A 317 -15.62 -58.56 -19.94
CA CYS A 317 -15.39 -59.11 -18.61
C CYS A 317 -15.67 -60.60 -18.58
N SER A 318 -14.80 -61.34 -17.90
CA SER A 318 -14.96 -62.78 -17.77
C SER A 318 -16.12 -63.10 -16.84
N PRO A 319 -16.67 -64.33 -16.93
CA PRO A 319 -17.78 -64.69 -16.03
C PRO A 319 -17.41 -64.71 -14.57
N GLU A 320 -16.12 -64.78 -14.23
CA GLU A 320 -15.74 -64.78 -12.82
C GLU A 320 -15.76 -63.38 -12.21
N ILE A 321 -15.38 -62.36 -12.99
CA ILE A 321 -15.47 -60.99 -12.49
C ILE A 321 -16.91 -60.62 -12.18
N LYS A 322 -17.82 -61.05 -13.04
CA LYS A 322 -19.23 -60.74 -12.84
C LYS A 322 -19.73 -61.32 -11.53
N ALA A 323 -19.33 -62.55 -11.21
CA ALA A 323 -19.72 -63.15 -9.94
C ALA A 323 -18.98 -62.54 -8.77
N GLY A 324 -17.74 -62.09 -8.97
CA GLY A 324 -17.00 -61.46 -7.89
C GLY A 324 -17.60 -60.15 -7.45
N ALA A 325 -18.04 -59.32 -8.39
CA ALA A 325 -18.64 -58.04 -8.01
C ALA A 325 -19.90 -58.24 -7.17
N LYS A 326 -20.65 -59.31 -7.44
CA LYS A 326 -21.89 -59.55 -6.72
C LYS A 326 -21.64 -59.77 -5.23
N ARG A 327 -20.56 -60.48 -4.89
CA ARG A 327 -20.29 -60.76 -3.49
C ARG A 327 -19.94 -59.48 -2.73
N LEU A 328 -19.16 -58.61 -3.35
CA LEU A 328 -18.87 -57.32 -2.73
C LEU A 328 -20.15 -56.50 -2.56
N SER A 329 -21.03 -56.56 -3.56
CA SER A 329 -22.30 -55.87 -3.43
C SER A 329 -23.09 -56.38 -2.25
N ASP A 330 -23.14 -57.70 -2.07
CA ASP A 330 -23.86 -58.25 -0.91
C ASP A 330 -23.23 -57.81 0.39
N PHE A 331 -21.89 -57.83 0.46
CA PHE A 331 -21.22 -57.42 1.68
C PHE A 331 -21.58 -55.97 2.04
N PHE A 332 -21.57 -55.09 1.05
CA PHE A 332 -21.97 -53.72 1.34
C PHE A 332 -23.44 -53.61 1.70
N SER A 333 -24.28 -54.47 1.12
CA SER A 333 -25.71 -54.29 1.27
C SER A 333 -26.28 -54.91 2.54
N LYS A 334 -25.57 -55.82 3.19
CA LYS A 334 -26.19 -56.47 4.34
C LYS A 334 -25.50 -56.20 5.66
N GLN A 335 -24.19 -55.93 5.68
CA GLN A 335 -23.52 -55.58 6.92
C GLN A 335 -23.38 -54.08 7.13
N LEU A 336 -22.94 -53.35 6.12
CA LEU A 336 -22.73 -51.92 6.26
C LEU A 336 -23.98 -51.10 5.96
N LEU A 337 -25.17 -51.68 6.14
CA LEU A 337 -26.38 -50.92 5.91
C LEU A 337 -26.76 -50.09 7.14
N TRP A 338 -26.80 -50.73 8.31
CA TRP A 338 -27.18 -50.03 9.53
C TRP A 338 -26.24 -48.88 9.85
N VAL A 339 -25.00 -48.95 9.37
CA VAL A 339 -24.09 -47.83 9.52
C VAL A 339 -24.60 -46.62 8.75
N LEU A 340 -25.10 -46.83 7.54
CA LEU A 340 -25.49 -45.70 6.70
C LEU A 340 -26.67 -44.93 7.28
N MET A 341 -27.62 -45.63 7.88
CA MET A 341 -28.86 -44.99 8.30
C MET A 341 -28.59 -43.90 9.33
N VAL A 342 -27.61 -44.11 10.20
CA VAL A 342 -27.28 -43.09 11.20
C VAL A 342 -26.87 -41.80 10.52
N GLY A 343 -25.97 -41.89 9.55
CA GLY A 343 -25.54 -40.70 8.85
C GLY A 343 -26.67 -40.05 8.06
N VAL A 344 -27.49 -40.87 7.41
CA VAL A 344 -28.61 -40.33 6.65
C VAL A 344 -29.54 -39.56 7.56
N GLY A 345 -29.82 -40.10 8.74
CA GLY A 345 -30.68 -39.39 9.66
C GLY A 345 -30.07 -38.11 10.18
N VAL A 346 -28.78 -38.14 10.53
CA VAL A 346 -28.17 -36.99 11.17
C VAL A 346 -28.01 -35.84 10.17
N CYS A 347 -27.54 -36.13 8.97
CA CYS A 347 -27.18 -35.05 8.06
C CYS A 347 -28.35 -34.54 7.23
N TYR A 348 -29.10 -35.43 6.58
CA TYR A 348 -30.07 -35.04 5.57
C TYR A 348 -31.50 -34.99 6.10
N THR A 349 -31.69 -34.60 7.36
CA THR A 349 -33.03 -34.54 7.92
C THR A 349 -33.02 -33.55 9.08
N ASP A 350 -33.65 -32.40 8.90
CA ASP A 350 -33.72 -31.39 9.95
C ASP A 350 -35.14 -31.36 10.49
N LEU A 351 -35.33 -31.92 11.69
CA LEU A 351 -36.65 -31.98 12.29
C LEU A 351 -37.16 -30.60 12.71
N GLN A 352 -36.25 -29.63 12.86
CA GLN A 352 -36.67 -28.30 13.29
C GLN A 352 -37.67 -27.69 12.34
N GLU A 353 -37.38 -27.73 11.03
CA GLU A 353 -38.28 -27.13 10.06
C GLU A 353 -39.59 -27.90 9.93
N ILE A 354 -39.52 -29.23 10.09
CA ILE A 354 -40.75 -30.02 10.10
C ILE A 354 -41.66 -29.56 11.24
N ILE A 355 -41.09 -29.37 12.43
CA ILE A 355 -41.89 -28.92 13.54
C ILE A 355 -42.43 -27.52 13.30
N ASN A 356 -41.57 -26.61 12.82
CA ASN A 356 -41.97 -25.21 12.69
C ASN A 356 -43.01 -25.02 11.60
N ALA A 357 -42.94 -25.81 10.53
CA ALA A 357 -43.78 -25.62 9.36
C ALA A 357 -44.86 -26.67 9.24
N ILE A 358 -45.25 -27.27 10.35
CA ILE A 358 -46.28 -28.30 10.34
C ILE A 358 -47.64 -27.65 10.49
N THR A 359 -48.64 -28.25 9.86
CA THR A 359 -50.04 -27.82 10.01
C THR A 359 -50.92 -28.93 9.46
N PHE A 360 -52.21 -28.84 9.78
CA PHE A 360 -53.14 -29.89 9.38
C PHE A 360 -53.30 -29.96 7.86
N ALA A 361 -53.50 -28.80 7.22
CA ALA A 361 -53.76 -28.78 5.79
C ALA A 361 -52.57 -29.35 5.02
N ASN A 362 -51.35 -28.97 5.39
CA ASN A 362 -50.18 -29.48 4.71
C ASN A 362 -50.11 -31.00 4.81
N VAL A 363 -50.37 -31.53 5.99
CA VAL A 363 -50.29 -32.98 6.17
C VAL A 363 -51.33 -33.68 5.31
N VAL A 364 -52.56 -33.16 5.30
CA VAL A 364 -53.60 -33.82 4.52
C VAL A 364 -53.26 -33.82 3.04
N ILE A 365 -52.86 -32.66 2.51
CA ILE A 365 -52.61 -32.59 1.08
C ILE A 365 -51.39 -33.42 0.70
N ALA A 366 -50.35 -33.40 1.53
CA ALA A 366 -49.14 -34.17 1.24
C ALA A 366 -49.35 -35.66 1.42
N ALA A 367 -50.36 -36.08 2.17
CA ALA A 367 -50.67 -37.49 2.26
C ALA A 367 -51.62 -37.95 1.17
N ILE A 368 -52.39 -37.03 0.57
CA ILE A 368 -53.23 -37.42 -0.55
C ILE A 368 -52.44 -37.46 -1.86
N ILE A 369 -51.47 -36.56 -2.03
CA ILE A 369 -50.73 -36.52 -3.29
C ILE A 369 -49.99 -37.83 -3.53
N VAL A 370 -49.34 -38.37 -2.50
CA VAL A 370 -48.53 -39.57 -2.69
C VAL A 370 -49.40 -40.75 -3.04
N ILE A 371 -50.55 -40.91 -2.38
CA ILE A 371 -51.41 -42.04 -2.69
C ILE A 371 -51.97 -41.89 -4.11
N GLY A 372 -52.26 -40.67 -4.53
CA GLY A 372 -52.67 -40.47 -5.91
C GLY A 372 -51.61 -40.93 -6.89
N ALA A 373 -50.35 -40.57 -6.62
CA ALA A 373 -49.26 -41.02 -7.48
C ALA A 373 -49.14 -42.54 -7.47
N VAL A 374 -49.33 -43.15 -6.31
CA VAL A 374 -49.21 -44.60 -6.22
C VAL A 374 -50.25 -45.28 -7.10
N LEU A 375 -51.50 -44.84 -6.99
CA LEU A 375 -52.54 -45.43 -7.83
C LEU A 375 -52.24 -45.23 -9.31
N GLY A 376 -51.84 -44.02 -9.69
CA GLY A 376 -51.55 -43.78 -11.09
C GLY A 376 -50.47 -44.68 -11.62
N ALA A 377 -49.36 -44.80 -10.87
CA ALA A 377 -48.24 -45.61 -11.35
C ALA A 377 -48.62 -47.09 -11.39
N ALA A 378 -49.38 -47.56 -10.40
CA ALA A 378 -49.77 -48.97 -10.40
C ALA A 378 -50.63 -49.29 -11.62
N ILE A 379 -51.61 -48.43 -11.91
CA ILE A 379 -52.45 -48.67 -13.08
C ILE A 379 -51.61 -48.67 -14.34
N GLY A 380 -50.78 -47.63 -14.51
CA GLY A 380 -49.94 -47.57 -15.70
C GLY A 380 -49.07 -48.79 -15.85
N GLY A 381 -48.52 -49.29 -14.75
CA GLY A 381 -47.73 -50.51 -14.82
C GLY A 381 -48.54 -51.70 -15.25
N TRP A 382 -49.77 -51.81 -14.78
CA TRP A 382 -50.55 -52.99 -15.16
C TRP A 382 -50.96 -52.95 -16.62
N LEU A 383 -51.20 -51.76 -17.17
CA LEU A 383 -51.50 -51.69 -18.60
C LEU A 383 -50.44 -52.39 -19.44
N MET A 384 -49.18 -52.28 -19.05
CA MET A 384 -48.11 -52.84 -19.87
C MET A 384 -47.51 -54.11 -19.26
N GLY A 385 -48.24 -54.78 -18.36
CA GLY A 385 -47.90 -56.11 -17.94
C GLY A 385 -46.93 -56.23 -16.79
N PHE A 386 -46.42 -55.13 -16.26
CA PHE A 386 -45.56 -55.22 -15.10
C PHE A 386 -46.34 -55.60 -13.85
N PHE A 387 -45.65 -56.19 -12.90
CA PHE A 387 -46.28 -56.51 -11.62
C PHE A 387 -46.73 -55.22 -10.95
N PRO A 388 -47.98 -55.13 -10.51
CA PRO A 388 -48.45 -53.85 -9.96
C PRO A 388 -47.67 -53.40 -8.73
N ILE A 389 -47.56 -54.25 -7.72
CA ILE A 389 -46.87 -53.85 -6.49
C ILE A 389 -45.42 -53.51 -6.77
N GLU A 390 -44.73 -54.38 -7.52
CA GLU A 390 -43.33 -54.12 -7.82
C GLU A 390 -43.13 -52.90 -8.69
N SER A 391 -44.19 -52.42 -9.36
CA SER A 391 -44.08 -51.23 -10.18
C SER A 391 -44.47 -49.96 -9.45
N ALA A 392 -45.29 -50.06 -8.41
CA ALA A 392 -45.62 -48.88 -7.63
C ALA A 392 -44.49 -48.45 -6.71
N ILE A 393 -43.71 -49.42 -6.20
CA ILE A 393 -42.56 -49.07 -5.39
C ILE A 393 -41.53 -48.34 -6.24
N THR A 394 -41.24 -48.85 -7.42
CA THR A 394 -40.16 -48.32 -8.23
C THR A 394 -40.50 -46.96 -8.83
N ALA A 395 -41.69 -46.82 -9.41
CA ALA A 395 -42.12 -45.58 -10.01
C ALA A 395 -43.30 -45.05 -9.20
N GLY A 396 -43.22 -43.78 -8.79
CA GLY A 396 -44.21 -43.17 -7.96
C GLY A 396 -43.81 -42.99 -6.51
N LEU A 397 -43.10 -43.96 -5.94
CA LEU A 397 -42.55 -43.81 -4.60
C LEU A 397 -41.09 -43.40 -4.62
N CYS A 398 -40.26 -44.10 -5.37
CA CYS A 398 -38.89 -43.63 -5.58
C CYS A 398 -38.88 -42.30 -6.29
N MET A 399 -39.99 -41.92 -6.94
CA MET A 399 -40.09 -40.61 -7.56
C MET A 399 -40.42 -39.54 -6.53
N ALA A 400 -41.36 -39.84 -5.63
CA ALA A 400 -41.85 -38.81 -4.71
C ALA A 400 -40.82 -38.46 -3.64
N ASN A 401 -39.95 -39.39 -3.29
CA ASN A 401 -39.08 -39.20 -2.14
C ASN A 401 -37.95 -38.23 -2.46
N ARG A 402 -37.01 -38.11 -1.53
CA ARG A 402 -35.95 -37.12 -1.58
C ARG A 402 -34.66 -37.72 -2.14
N GLY A 403 -34.59 -37.77 -3.46
CA GLY A 403 -33.33 -38.08 -4.14
C GLY A 403 -32.75 -39.43 -3.76
N GLY A 404 -31.42 -39.49 -3.74
CA GLY A 404 -30.75 -40.76 -3.50
C GLY A 404 -30.99 -41.29 -2.11
N SER A 405 -30.92 -40.42 -1.10
CA SER A 405 -31.18 -40.85 0.26
C SER A 405 -32.59 -41.39 0.41
N GLY A 406 -33.56 -40.68 -0.15
CA GLY A 406 -34.93 -41.17 -0.12
C GLY A 406 -35.06 -42.52 -0.81
N ASP A 407 -34.37 -42.70 -1.93
CA ASP A 407 -34.40 -43.97 -2.63
C ASP A 407 -33.88 -45.09 -1.73
N LEU A 408 -32.76 -44.84 -1.06
CA LEU A 408 -32.20 -45.88 -0.20
C LEU A 408 -33.14 -46.23 0.94
N GLU A 409 -33.70 -45.23 1.61
CA GLU A 409 -34.62 -45.52 2.71
C GLU A 409 -35.84 -46.28 2.22
N VAL A 410 -36.44 -45.85 1.11
CA VAL A 410 -37.64 -46.49 0.61
C VAL A 410 -37.35 -47.94 0.26
N LEU A 411 -36.27 -48.18 -0.49
CA LEU A 411 -35.97 -49.54 -0.91
C LEU A 411 -35.58 -50.42 0.28
N SER A 412 -34.99 -49.86 1.32
CA SER A 412 -34.67 -50.65 2.50
C SER A 412 -35.89 -50.98 3.34
N ALA A 413 -36.90 -50.11 3.35
CA ALA A 413 -38.08 -50.37 4.16
C ALA A 413 -38.84 -51.60 3.67
N CYS A 414 -38.96 -51.77 2.36
CA CYS A 414 -39.76 -52.84 1.78
C CYS A 414 -38.92 -54.07 1.43
N ASN A 415 -37.64 -54.07 1.80
CA ASN A 415 -36.77 -55.24 1.62
C ASN A 415 -36.70 -55.69 0.17
N ARG A 416 -36.46 -54.73 -0.72
CA ARG A 416 -36.23 -55.00 -2.14
C ARG A 416 -35.04 -54.15 -2.58
N MET A 417 -33.84 -54.70 -2.47
CA MET A 417 -32.64 -53.98 -2.86
C MET A 417 -32.13 -54.37 -4.23
N ASN A 418 -32.76 -55.32 -4.90
CA ASN A 418 -32.35 -55.72 -6.23
C ASN A 418 -32.79 -54.74 -7.30
N LEU A 419 -33.63 -53.76 -6.96
CA LEU A 419 -34.22 -52.85 -7.94
C LEU A 419 -33.55 -51.49 -7.94
N ILE A 420 -32.37 -51.38 -7.33
CA ILE A 420 -31.71 -50.07 -7.25
C ILE A 420 -31.43 -49.51 -8.63
N SER A 421 -31.33 -50.38 -9.64
CA SER A 421 -31.05 -49.90 -10.99
C SER A 421 -32.16 -49.00 -11.51
N TYR A 422 -33.42 -49.42 -11.32
CA TYR A 422 -34.53 -48.65 -11.86
C TYR A 422 -34.77 -47.38 -11.06
N ALA A 423 -34.41 -47.39 -9.77
CA ALA A 423 -34.69 -46.23 -8.93
C ALA A 423 -33.92 -45.01 -9.40
N GLN A 424 -32.64 -45.18 -9.76
CA GLN A 424 -31.86 -44.04 -10.21
C GLN A 424 -32.41 -43.49 -11.53
N ILE A 425 -32.83 -44.37 -12.43
CA ILE A 425 -33.51 -43.93 -13.63
C ILE A 425 -34.70 -43.05 -13.26
N SER A 426 -35.64 -43.63 -12.52
CA SER A 426 -36.87 -42.92 -12.18
C SER A 426 -36.60 -41.63 -11.45
N SER A 427 -35.50 -41.53 -10.72
CA SER A 427 -35.22 -40.31 -9.98
C SER A 427 -34.61 -39.25 -10.88
N ARG A 428 -33.46 -39.53 -11.50
CA ARG A 428 -32.75 -38.51 -12.25
C ARG A 428 -33.52 -38.12 -13.51
N LEU A 429 -33.90 -39.11 -14.33
CA LEU A 429 -34.57 -38.78 -15.58
C LEU A 429 -35.92 -38.14 -15.31
N GLY A 430 -36.62 -38.64 -14.29
CA GLY A 430 -37.88 -38.02 -13.90
C GLY A 430 -37.69 -36.58 -13.46
N GLY A 431 -36.61 -36.31 -12.73
CA GLY A 431 -36.34 -34.94 -12.34
C GLY A 431 -36.14 -34.04 -13.54
N GLY A 432 -35.35 -34.49 -14.52
CA GLY A 432 -35.17 -33.68 -15.71
C GLY A 432 -36.48 -33.39 -16.41
N ILE A 433 -37.32 -34.41 -16.57
CA ILE A 433 -38.62 -34.21 -17.21
C ILE A 433 -39.44 -33.22 -16.40
N VAL A 434 -39.37 -33.29 -15.07
CA VAL A 434 -40.16 -32.41 -14.21
C VAL A 434 -39.71 -30.96 -14.37
N LEU A 435 -38.40 -30.73 -14.46
CA LEU A 435 -37.94 -29.36 -14.72
C LEU A 435 -38.44 -28.86 -16.08
N VAL A 436 -38.42 -29.71 -17.10
CA VAL A 436 -38.96 -29.25 -18.39
C VAL A 436 -40.43 -28.88 -18.25
N ILE A 437 -41.20 -29.73 -17.58
CA ILE A 437 -42.63 -29.47 -17.40
C ILE A 437 -42.84 -28.17 -16.65
N ALA A 438 -42.04 -27.93 -15.61
CA ALA A 438 -42.18 -26.70 -14.85
C ALA A 438 -41.87 -25.49 -15.71
N SER A 439 -40.82 -25.58 -16.53
CA SER A 439 -40.50 -24.48 -17.41
C SER A 439 -41.66 -24.15 -18.33
N ILE A 440 -42.34 -25.18 -18.83
CA ILE A 440 -43.52 -24.94 -19.67
C ILE A 440 -44.64 -24.30 -18.84
N VAL A 441 -44.93 -24.88 -17.69
CA VAL A 441 -46.19 -24.57 -17.02
C VAL A 441 -46.14 -23.23 -16.30
N PHE A 442 -44.96 -22.79 -15.85
CA PHE A 442 -44.89 -21.45 -15.25
C PHE A 442 -45.33 -20.39 -16.23
N GLY A 443 -44.84 -20.45 -17.47
CA GLY A 443 -45.29 -19.54 -18.48
C GLY A 443 -46.73 -19.78 -18.91
N MET A 444 -47.13 -21.04 -19.01
CA MET A 444 -48.44 -21.34 -19.58
C MET A 444 -49.56 -20.91 -18.64
N MET A 445 -49.47 -21.23 -17.35
CA MET A 445 -50.52 -20.88 -16.42
C MET A 445 -50.53 -19.39 -16.09
N ILE A 446 -49.42 -18.69 -16.30
CA ILE A 446 -49.36 -17.26 -16.04
C ILE A 446 -48.20 -16.61 -16.79
N SER B 16 0.16 -66.36 -27.04
CA SER B 16 -0.13 -64.96 -27.32
C SER B 16 -0.11 -64.14 -26.04
N ASP B 17 1.04 -63.54 -25.73
CA ASP B 17 1.13 -62.68 -24.55
C ASP B 17 0.37 -61.38 -24.71
N LEU B 18 -0.03 -61.02 -25.94
CA LEU B 18 -0.79 -59.80 -26.14
C LEU B 18 -2.22 -59.94 -25.65
N LEU B 19 -2.78 -61.14 -25.67
CA LEU B 19 -4.13 -61.40 -25.18
C LEU B 19 -4.08 -62.56 -24.21
N GLY B 20 -4.51 -62.33 -22.98
CA GLY B 20 -4.51 -63.32 -21.92
C GLY B 20 -3.58 -63.00 -20.77
N PHE B 21 -2.56 -62.19 -21.03
CA PHE B 21 -1.68 -61.74 -19.96
C PHE B 21 -2.48 -60.92 -18.95
N LYS B 22 -2.28 -61.21 -17.67
CA LYS B 22 -3.10 -60.66 -16.60
C LYS B 22 -2.37 -59.55 -15.88
N ILE B 23 -3.05 -58.43 -15.67
CA ILE B 23 -2.54 -57.33 -14.87
C ILE B 23 -3.53 -57.11 -13.73
N PHE B 24 -3.06 -57.32 -12.50
CA PHE B 24 -3.91 -57.16 -11.31
C PHE B 24 -5.21 -57.95 -11.48
N GLY B 25 -5.08 -59.16 -12.01
CA GLY B 25 -6.24 -60.01 -12.19
C GLY B 25 -7.17 -59.58 -13.30
N MET B 26 -6.70 -58.78 -14.25
CA MET B 26 -7.54 -58.32 -15.34
C MET B 26 -6.88 -58.59 -16.69
N PRO B 27 -7.66 -58.99 -17.69
CA PRO B 27 -7.10 -59.14 -19.03
C PRO B 27 -6.71 -57.79 -19.62
N LEU B 28 -5.78 -57.83 -20.56
CA LEU B 28 -5.21 -56.59 -21.10
C LEU B 28 -6.25 -55.64 -21.68
N PRO B 29 -7.19 -56.06 -22.52
CA PRO B 29 -8.14 -55.09 -23.08
C PRO B 29 -8.94 -54.35 -22.02
N LEU B 30 -9.27 -55.01 -20.92
CA LEU B 30 -9.99 -54.32 -19.85
C LEU B 30 -9.13 -53.23 -19.23
N TYR B 31 -7.84 -53.50 -19.02
CA TYR B 31 -6.98 -52.47 -18.46
C TYR B 31 -6.79 -51.33 -19.44
N ALA B 32 -6.82 -51.59 -20.74
CA ALA B 32 -6.74 -50.50 -21.69
C ALA B 32 -7.89 -49.52 -21.50
N PHE B 33 -9.10 -50.05 -21.33
CA PHE B 33 -10.25 -49.22 -21.04
C PHE B 33 -10.09 -48.49 -19.72
N ALA B 34 -9.52 -49.16 -18.72
CA ALA B 34 -9.34 -48.51 -17.42
C ALA B 34 -8.30 -47.40 -17.47
N LEU B 35 -7.37 -47.44 -18.41
CA LEU B 35 -6.33 -46.42 -18.48
C LEU B 35 -6.71 -45.26 -19.38
N ILE B 36 -7.48 -45.52 -20.43
CA ILE B 36 -7.95 -44.44 -21.29
C ILE B 36 -8.75 -43.44 -20.48
N THR B 37 -9.49 -43.92 -19.48
CA THR B 37 -10.26 -43.02 -18.62
C THR B 37 -9.33 -42.06 -17.88
N LEU B 38 -8.25 -42.58 -17.30
CA LEU B 38 -7.32 -41.70 -16.60
C LEU B 38 -6.73 -40.68 -17.54
N LEU B 39 -6.36 -41.10 -18.76
CA LEU B 39 -5.78 -40.15 -19.70
C LEU B 39 -6.78 -39.05 -20.06
N LEU B 40 -8.04 -39.42 -20.28
CA LEU B 40 -9.06 -38.42 -20.56
C LEU B 40 -9.20 -37.44 -19.41
N SER B 41 -9.24 -37.94 -18.19
CA SER B 41 -9.39 -37.07 -17.03
C SER B 41 -8.21 -36.12 -16.91
N HIS B 42 -7.00 -36.60 -17.17
CA HIS B 42 -5.84 -35.71 -17.14
C HIS B 42 -5.94 -34.65 -18.21
N PHE B 43 -6.43 -35.02 -19.40
CA PHE B 43 -6.51 -34.05 -20.49
C PHE B 43 -7.51 -32.94 -20.17
N TYR B 44 -8.73 -33.30 -19.79
CA TYR B 44 -9.75 -32.28 -19.61
C TYR B 44 -9.67 -31.55 -18.29
N ASN B 45 -8.85 -32.02 -17.34
CA ASN B 45 -8.71 -31.39 -16.03
C ASN B 45 -10.05 -31.36 -15.29
N ALA B 46 -10.59 -32.55 -15.06
CA ALA B 46 -11.83 -32.72 -14.31
C ALA B 46 -11.65 -33.89 -13.37
N LEU B 47 -11.81 -33.65 -12.07
CA LEU B 47 -11.56 -34.69 -11.08
C LEU B 47 -12.27 -34.38 -9.77
N PRO B 48 -13.12 -35.26 -9.27
CA PRO B 48 -13.69 -35.06 -7.93
C PRO B 48 -12.63 -35.31 -6.88
N THR B 49 -12.58 -34.43 -5.89
CA THR B 49 -11.54 -34.50 -4.85
C THR B 49 -12.16 -35.10 -3.60
N ASP B 50 -12.20 -36.42 -3.55
CA ASP B 50 -12.71 -37.18 -2.41
C ASP B 50 -12.29 -38.63 -2.59
N ILE B 51 -12.85 -39.52 -1.76
CA ILE B 51 -12.48 -40.92 -1.80
C ILE B 51 -12.67 -41.51 -3.19
N VAL B 52 -13.83 -41.24 -3.80
CA VAL B 52 -14.11 -41.82 -5.11
C VAL B 52 -13.13 -41.30 -6.15
N GLY B 53 -12.75 -40.04 -6.05
CA GLY B 53 -11.75 -39.51 -6.97
C GLY B 53 -10.34 -39.99 -6.70
N GLY B 54 -10.02 -40.27 -5.45
CA GLY B 54 -8.67 -40.70 -5.11
C GLY B 54 -8.39 -42.14 -5.46
N PHE B 55 -9.31 -43.04 -5.09
CA PHE B 55 -9.04 -44.46 -5.32
C PHE B 55 -8.83 -44.78 -6.79
N ALA B 56 -9.54 -44.11 -7.70
CA ALA B 56 -9.39 -44.48 -9.11
C ALA B 56 -7.96 -44.26 -9.58
N ILE B 57 -7.43 -43.05 -9.39
CA ILE B 57 -6.10 -42.75 -9.87
C ILE B 57 -5.01 -43.35 -9.00
N MET B 58 -5.33 -43.81 -7.80
CA MET B 58 -4.31 -44.59 -7.13
C MET B 58 -4.29 -46.03 -7.62
N PHE B 59 -5.47 -46.63 -7.79
CA PHE B 59 -5.56 -48.01 -8.23
C PHE B 59 -4.90 -48.20 -9.58
N ILE B 60 -5.16 -47.30 -10.52
CA ILE B 60 -4.62 -47.50 -11.86
C ILE B 60 -3.10 -47.42 -11.86
N ILE B 61 -2.54 -46.38 -11.25
CA ILE B 61 -1.09 -46.20 -11.27
C ILE B 61 -0.40 -47.33 -10.52
N GLY B 62 -0.93 -47.69 -9.35
CA GLY B 62 -0.34 -48.79 -8.61
C GLY B 62 -0.39 -50.09 -9.38
N ALA B 63 -1.52 -50.37 -10.03
CA ALA B 63 -1.65 -51.62 -10.77
C ALA B 63 -0.65 -51.69 -11.90
N ILE B 64 -0.46 -50.60 -12.65
CA ILE B 64 0.49 -50.69 -13.75
C ILE B 64 1.92 -50.80 -13.23
N PHE B 65 2.28 -50.04 -12.20
CA PHE B 65 3.68 -50.00 -11.81
C PHE B 65 4.08 -51.08 -10.81
N GLY B 66 3.14 -51.88 -10.33
CA GLY B 66 3.53 -53.01 -9.50
C GLY B 66 3.92 -54.21 -10.33
N GLU B 67 3.24 -54.39 -11.46
CA GLU B 67 3.52 -55.53 -12.30
C GLU B 67 4.94 -55.47 -12.86
N ILE B 68 5.37 -54.28 -13.29
CA ILE B 68 6.72 -54.12 -13.79
C ILE B 68 7.74 -54.50 -12.73
N GLY B 69 7.52 -54.03 -11.51
CA GLY B 69 8.46 -54.35 -10.44
C GLY B 69 8.51 -55.83 -10.12
N LYS B 70 7.35 -56.48 -10.05
CA LYS B 70 7.34 -57.88 -9.63
C LYS B 70 8.01 -58.78 -10.67
N ARG B 71 7.81 -58.48 -11.94
CA ARG B 71 8.28 -59.35 -13.02
C ARG B 71 9.63 -58.85 -13.53
N LEU B 72 10.62 -58.90 -12.64
CA LEU B 72 11.96 -58.46 -12.97
C LEU B 72 12.92 -59.47 -12.36
N PRO B 73 14.04 -59.78 -13.02
CA PRO B 73 14.83 -60.94 -12.60
C PRO B 73 15.43 -60.83 -11.20
N ILE B 74 16.21 -59.81 -10.92
CA ILE B 74 16.94 -59.73 -9.65
C ILE B 74 16.17 -58.87 -8.66
N PHE B 75 15.40 -57.91 -9.17
CA PHE B 75 14.71 -56.97 -8.31
C PHE B 75 13.77 -57.69 -7.34
N ASN B 76 12.91 -58.56 -7.86
CA ASN B 76 11.80 -59.06 -7.07
C ASN B 76 12.26 -59.88 -5.88
N LYS B 77 13.26 -60.73 -6.07
CA LYS B 77 13.65 -61.65 -5.01
C LYS B 77 14.44 -60.96 -3.90
N TYR B 78 15.18 -59.89 -4.23
CA TYR B 78 16.11 -59.30 -3.28
C TYR B 78 15.71 -57.92 -2.80
N ILE B 79 15.44 -56.99 -3.71
CA ILE B 79 15.18 -55.62 -3.29
C ILE B 79 13.83 -55.53 -2.58
N GLY B 80 12.84 -56.28 -3.03
CA GLY B 80 11.53 -56.21 -2.41
C GLY B 80 10.40 -56.31 -3.41
N GLY B 81 10.62 -55.85 -4.62
CA GLY B 81 9.69 -56.13 -5.71
C GLY B 81 8.60 -55.07 -5.81
N ALA B 82 7.35 -55.50 -5.71
CA ALA B 82 6.22 -54.64 -6.06
C ALA B 82 6.13 -53.37 -5.23
N PRO B 83 6.15 -53.41 -3.90
CA PRO B 83 5.91 -52.17 -3.15
C PRO B 83 7.01 -51.14 -3.33
N VAL B 84 8.27 -51.56 -3.36
CA VAL B 84 9.36 -50.59 -3.42
C VAL B 84 9.35 -49.81 -4.73
N MET B 85 8.97 -50.45 -5.83
CA MET B 85 8.97 -49.75 -7.11
C MET B 85 7.94 -48.63 -7.13
N ILE B 86 6.77 -48.85 -6.53
CA ILE B 86 5.67 -47.91 -6.67
C ILE B 86 6.01 -46.60 -6.00
N PHE B 87 6.49 -46.64 -4.75
CA PHE B 87 6.74 -45.40 -4.05
C PHE B 87 8.00 -44.71 -4.53
N LEU B 88 8.81 -45.38 -5.35
CA LEU B 88 9.90 -44.70 -6.02
C LEU B 88 9.40 -43.96 -7.25
N VAL B 89 8.58 -44.64 -8.06
CA VAL B 89 8.10 -44.04 -9.30
C VAL B 89 7.22 -42.84 -8.99
N ALA B 90 6.33 -42.96 -8.00
CA ALA B 90 5.46 -41.85 -7.66
C ALA B 90 6.27 -40.66 -7.17
N ALA B 91 7.27 -40.91 -6.33
CA ALA B 91 8.12 -39.82 -5.86
C ALA B 91 8.85 -39.15 -7.01
N TYR B 92 9.30 -39.93 -7.99
CA TYR B 92 9.96 -39.32 -9.14
C TYR B 92 8.98 -38.49 -9.95
N PHE B 93 7.73 -38.93 -10.08
CA PHE B 93 6.74 -38.11 -10.78
C PHE B 93 6.53 -36.79 -10.07
N VAL B 94 6.45 -36.81 -8.75
CA VAL B 94 6.31 -35.55 -8.01
C VAL B 94 7.53 -34.68 -8.23
N TYR B 95 8.72 -35.28 -8.20
CA TYR B 95 9.95 -34.50 -8.32
C TYR B 95 10.05 -33.83 -9.68
N ALA B 96 9.67 -34.53 -10.75
CA ALA B 96 9.77 -33.97 -12.09
C ALA B 96 8.58 -33.10 -12.47
N GLY B 97 7.56 -33.00 -11.61
CA GLY B 97 6.48 -32.07 -11.86
C GLY B 97 5.47 -32.53 -12.89
N ILE B 98 5.24 -33.84 -13.02
CA ILE B 98 4.27 -34.32 -14.00
C ILE B 98 2.84 -34.12 -13.51
N PHE B 99 2.56 -34.44 -12.25
CA PHE B 99 1.21 -34.35 -11.73
C PHE B 99 0.66 -32.93 -11.82
N THR B 100 -0.61 -32.84 -12.20
CA THR B 100 -1.35 -31.59 -12.11
C THR B 100 -1.67 -31.30 -10.64
N GLN B 101 -1.91 -30.03 -10.33
CA GLN B 101 -2.17 -29.64 -8.95
C GLN B 101 -3.39 -30.34 -8.39
N LYS B 102 -4.43 -30.48 -9.21
CA LYS B 102 -5.64 -31.15 -8.73
C LYS B 102 -5.37 -32.58 -8.31
N GLU B 103 -4.48 -33.28 -9.00
CA GLU B 103 -4.18 -34.66 -8.62
C GLU B 103 -3.39 -34.73 -7.32
N ILE B 104 -2.45 -33.81 -7.11
CA ILE B 104 -1.75 -33.77 -5.84
C ILE B 104 -2.72 -33.50 -4.71
N ASP B 105 -3.67 -32.59 -4.91
CA ASP B 105 -4.68 -32.36 -3.86
C ASP B 105 -5.53 -33.60 -3.65
N ALA B 106 -5.97 -34.25 -4.72
CA ALA B 106 -6.83 -35.41 -4.59
C ALA B 106 -6.13 -36.59 -3.95
N ILE B 107 -4.80 -36.64 -4.00
CA ILE B 107 -4.06 -37.70 -3.34
C ILE B 107 -3.77 -37.34 -1.88
N SER B 108 -3.43 -36.09 -1.61
CA SER B 108 -3.16 -35.71 -0.23
C SER B 108 -4.43 -35.66 0.61
N ASN B 109 -5.58 -35.42 -0.01
CA ASN B 109 -6.82 -35.30 0.75
C ASN B 109 -7.17 -36.63 1.41
N VAL B 110 -7.09 -37.74 0.67
CA VAL B 110 -7.46 -39.03 1.24
C VAL B 110 -6.40 -39.56 2.19
N MET B 111 -5.30 -38.84 2.36
CA MET B 111 -4.21 -39.31 3.18
C MET B 111 -3.97 -38.45 4.42
N ASP B 112 -4.45 -37.21 4.43
CA ASP B 112 -4.27 -36.34 5.58
C ASP B 112 -5.55 -35.79 6.18
N LYS B 113 -6.61 -35.61 5.38
CA LYS B 113 -7.87 -35.13 5.93
C LYS B 113 -8.84 -36.25 6.24
N SER B 114 -9.02 -37.19 5.31
CA SER B 114 -9.83 -38.35 5.62
C SER B 114 -9.10 -39.32 6.54
N ASN B 115 -7.78 -39.19 6.67
CA ASN B 115 -6.99 -39.97 7.61
C ASN B 115 -7.13 -41.47 7.38
N PHE B 116 -6.93 -41.88 6.13
CA PHE B 116 -7.00 -43.29 5.78
C PHE B 116 -5.85 -44.07 6.41
N LEU B 117 -4.73 -43.41 6.67
CA LEU B 117 -3.56 -44.09 7.18
C LEU B 117 -3.81 -44.69 8.55
N ASN B 118 -4.49 -43.95 9.43
CA ASN B 118 -4.77 -44.47 10.76
C ASN B 118 -5.66 -45.70 10.70
N LEU B 119 -6.67 -45.68 9.83
CA LEU B 119 -7.50 -46.86 9.66
C LEU B 119 -6.67 -48.05 9.22
N PHE B 120 -5.80 -47.85 8.24
CA PHE B 120 -4.97 -48.96 7.76
C PHE B 120 -4.13 -49.53 8.88
N ILE B 121 -3.41 -48.67 9.60
CA ILE B 121 -2.51 -49.15 10.64
C ILE B 121 -3.27 -49.87 11.73
N ALA B 122 -4.43 -49.33 12.13
CA ALA B 122 -5.21 -49.99 13.17
C ALA B 122 -5.65 -51.37 12.74
N VAL B 123 -6.11 -51.51 11.49
CA VAL B 123 -6.56 -52.82 11.04
C VAL B 123 -5.42 -53.81 11.04
N LEU B 124 -4.24 -53.42 10.54
CA LEU B 124 -3.12 -54.36 10.56
C LEU B 124 -2.75 -54.77 11.98
N ILE B 125 -2.64 -53.82 12.90
CA ILE B 125 -2.22 -54.19 14.25
C ILE B 125 -3.22 -55.14 14.89
N THR B 126 -4.51 -54.81 14.77
CA THR B 126 -5.53 -55.68 15.38
C THR B 126 -5.49 -57.07 14.77
N GLY B 127 -5.47 -57.15 13.43
CA GLY B 127 -5.46 -58.45 12.80
C GLY B 127 -4.23 -59.26 13.16
N ALA B 128 -3.09 -58.61 13.33
CA ALA B 128 -1.87 -59.33 13.65
C ALA B 128 -1.93 -59.90 15.05
N ILE B 129 -2.33 -59.09 16.04
CA ILE B 129 -2.22 -59.57 17.41
C ILE B 129 -3.39 -60.44 17.83
N LEU B 130 -4.59 -60.20 17.29
CA LEU B 130 -5.76 -60.93 17.77
C LEU B 130 -5.81 -62.37 17.27
N SER B 131 -4.93 -62.78 16.37
CA SER B 131 -5.05 -64.10 15.75
C SER B 131 -4.26 -65.18 16.48
N VAL B 132 -3.31 -64.81 17.34
CA VAL B 132 -2.48 -65.81 18.00
C VAL B 132 -3.33 -66.63 18.97
N ASN B 133 -3.11 -67.93 18.97
CA ASN B 133 -3.86 -68.81 19.85
C ASN B 133 -3.63 -68.45 21.31
N ARG B 134 -4.69 -68.54 22.12
CA ARG B 134 -4.61 -68.10 23.50
C ARG B 134 -3.62 -68.93 24.31
N ARG B 135 -3.67 -70.26 24.15
CA ARG B 135 -2.76 -71.11 24.92
C ARG B 135 -1.32 -70.83 24.55
N LEU B 136 -1.03 -70.65 23.26
CA LEU B 136 0.33 -70.33 22.86
C LEU B 136 0.78 -69.01 23.46
N LEU B 137 -0.10 -68.01 23.47
CA LEU B 137 0.28 -66.72 24.04
C LEU B 137 0.57 -66.85 25.53
N LEU B 138 -0.28 -67.58 26.26
CA LEU B 138 -0.05 -67.73 27.68
C LEU B 138 1.24 -68.50 27.96
N LYS B 139 1.51 -69.55 27.20
CA LYS B 139 2.71 -70.32 27.42
C LYS B 139 3.96 -69.54 27.03
N SER B 140 3.84 -68.66 26.04
CA SER B 140 5.01 -67.94 25.53
C SER B 140 5.56 -66.93 26.53
N LEU B 141 4.74 -66.47 27.47
CA LEU B 141 5.19 -65.47 28.41
C LEU B 141 6.25 -65.99 29.36
N LEU B 142 6.47 -67.30 29.41
CA LEU B 142 7.45 -67.88 30.31
C LEU B 142 8.80 -68.11 29.67
N GLY B 143 8.84 -68.63 28.44
CA GLY B 143 10.11 -69.06 27.87
C GLY B 143 10.59 -68.34 26.64
N TYR B 144 9.68 -67.86 25.80
CA TYR B 144 10.06 -67.40 24.47
C TYR B 144 10.28 -65.90 24.38
N ILE B 145 9.37 -65.11 24.95
CA ILE B 145 9.52 -63.66 24.89
C ILE B 145 10.86 -63.19 25.45
N PRO B 146 11.34 -63.69 26.59
CA PRO B 146 12.63 -63.20 27.10
C PRO B 146 13.77 -63.36 26.11
N THR B 147 13.77 -64.40 25.29
CA THR B 147 14.81 -64.52 24.28
C THR B 147 14.74 -63.36 23.29
N ILE B 148 13.53 -62.97 22.89
CA ILE B 148 13.38 -61.84 21.99
C ILE B 148 13.94 -60.58 22.62
N LEU B 149 13.57 -60.33 23.88
CA LEU B 149 14.08 -59.14 24.55
C LEU B 149 15.60 -59.16 24.64
N MET B 150 16.17 -60.32 24.99
CA MET B 150 17.61 -60.41 25.10
C MET B 150 18.28 -60.23 23.75
N GLY B 151 17.63 -60.66 22.67
CA GLY B 151 18.18 -60.42 21.35
C GLY B 151 18.25 -58.95 21.03
N ILE B 152 17.17 -58.22 21.31
CA ILE B 152 17.20 -56.77 21.08
C ILE B 152 18.31 -56.13 21.90
N VAL B 153 18.42 -56.51 23.16
CA VAL B 153 19.44 -55.92 24.02
C VAL B 153 20.83 -56.21 23.48
N GLY B 154 21.07 -57.45 23.08
CA GLY B 154 22.38 -57.81 22.55
C GLY B 154 22.73 -57.04 21.30
N ALA B 155 21.76 -56.85 20.41
CA ALA B 155 22.04 -56.10 19.20
C ALA B 155 22.30 -54.64 19.47
N SER B 156 21.64 -54.05 20.46
CA SER B 156 21.80 -52.61 20.70
C SER B 156 23.25 -52.28 21.08
N ILE B 157 23.87 -53.09 21.92
CA ILE B 157 25.22 -52.77 22.38
C ILE B 157 26.23 -52.91 21.24
N PHE B 158 26.09 -53.94 20.41
CA PHE B 158 26.95 -54.05 19.25
C PHE B 158 26.77 -52.85 18.32
N GLY B 159 25.52 -52.44 18.09
CA GLY B 159 25.29 -51.30 17.24
C GLY B 159 25.97 -50.06 17.76
N ILE B 160 25.83 -49.79 19.05
CA ILE B 160 26.45 -48.57 19.57
C ILE B 160 27.96 -48.68 19.57
N ALA B 161 28.51 -49.87 19.85
CA ALA B 161 29.96 -50.02 19.86
C ALA B 161 30.53 -49.74 18.48
N ILE B 162 29.95 -50.34 17.45
CA ILE B 162 30.47 -50.08 16.11
C ILE B 162 30.19 -48.64 15.69
N GLY B 163 29.13 -48.02 16.22
CA GLY B 163 28.87 -46.63 15.89
C GLY B 163 29.92 -45.69 16.41
N LEU B 164 30.42 -45.93 17.63
CA LEU B 164 31.47 -45.07 18.16
C LEU B 164 32.74 -45.13 17.32
N VAL B 165 32.98 -46.23 16.60
CA VAL B 165 34.16 -46.31 15.75
C VAL B 165 34.11 -45.27 14.65
N PHE B 166 32.96 -45.15 13.99
CA PHE B 166 32.82 -44.30 12.82
C PHE B 166 32.46 -42.87 13.18
N GLY B 167 32.35 -42.54 14.46
CA GLY B 167 32.09 -41.17 14.85
C GLY B 167 30.67 -40.71 14.70
N ILE B 168 29.71 -41.60 14.82
CA ILE B 168 28.28 -41.26 14.75
C ILE B 168 27.74 -41.19 16.17
N PRO B 169 27.01 -40.15 16.53
CA PRO B 169 26.52 -40.01 17.92
C PRO B 169 25.50 -41.09 18.26
N VAL B 170 25.27 -41.24 19.56
CA VAL B 170 24.43 -42.33 20.06
C VAL B 170 22.97 -42.12 19.68
N ASP B 171 22.48 -40.89 19.83
CA ASP B 171 21.06 -40.62 19.58
C ASP B 171 20.68 -40.86 18.14
N ARG B 172 21.66 -40.92 17.24
CA ARG B 172 21.36 -41.21 15.84
C ARG B 172 21.31 -42.72 15.60
N ILE B 173 22.30 -43.44 16.11
CA ILE B 173 22.35 -44.89 15.92
C ILE B 173 21.14 -45.55 16.55
N MET B 174 20.84 -45.21 17.80
CA MET B 174 19.76 -45.90 18.50
C MET B 174 18.40 -45.57 17.92
N MET B 175 18.27 -44.45 17.22
CA MET B 175 16.97 -43.98 16.78
C MET B 175 16.68 -44.26 15.31
N LEU B 176 17.71 -44.37 14.47
CA LEU B 176 17.48 -44.56 13.05
C LEU B 176 18.03 -45.87 12.51
N TYR B 177 18.88 -46.57 13.25
CA TYR B 177 19.55 -47.74 12.72
C TYR B 177 19.05 -49.03 13.36
N VAL B 178 18.99 -49.10 14.68
CA VAL B 178 18.68 -50.37 15.34
C VAL B 178 17.18 -50.59 15.48
N LEU B 179 16.38 -49.55 15.52
CA LEU B 179 14.96 -49.75 15.69
C LEU B 179 14.27 -50.13 14.36
N PRO B 180 14.50 -49.42 13.26
CA PRO B 180 13.83 -49.81 12.01
C PRO B 180 14.18 -51.20 11.54
N ILE B 181 15.37 -51.71 11.88
CA ILE B 181 15.74 -53.06 11.49
C ILE B 181 14.80 -54.07 12.13
N MET B 182 14.55 -53.92 13.42
CA MET B 182 13.76 -54.88 14.17
C MET B 182 12.31 -54.40 14.28
N GLY B 183 11.67 -54.34 13.13
CA GLY B 183 10.26 -53.99 13.05
C GLY B 183 9.51 -55.06 12.31
N GLY B 184 8.58 -54.63 11.48
CA GLY B 184 7.82 -55.54 10.65
C GLY B 184 7.84 -55.12 9.20
N GLY B 185 8.92 -54.50 8.78
CA GLY B 185 9.00 -53.98 7.44
C GLY B 185 8.34 -52.62 7.33
N ASN B 186 8.16 -52.17 6.08
CA ASN B 186 7.56 -50.88 5.86
C ASN B 186 6.05 -50.91 5.97
N GLY B 187 5.44 -52.07 5.79
CA GLY B 187 3.99 -52.15 5.90
C GLY B 187 3.50 -51.76 7.28
N ALA B 188 4.11 -52.34 8.30
CA ALA B 188 3.75 -52.03 9.68
C ALA B 188 5.02 -52.15 10.51
N GLY B 189 5.67 -51.03 10.76
CA GLY B 189 6.95 -51.06 11.44
C GLY B 189 7.92 -50.00 10.95
N ALA B 190 7.62 -49.35 9.83
CA ALA B 190 8.41 -48.21 9.40
C ALA B 190 7.59 -46.96 9.16
N VAL B 191 6.30 -47.09 8.91
CA VAL B 191 5.42 -45.93 8.84
C VAL B 191 5.01 -45.48 10.25
N PRO B 192 4.53 -46.38 11.11
CA PRO B 192 4.20 -45.94 12.47
C PRO B 192 5.39 -45.37 13.21
N LEU B 193 6.59 -45.90 12.98
CA LEU B 193 7.77 -45.34 13.63
C LEU B 193 7.96 -43.89 13.22
N SER B 194 7.79 -43.60 11.93
CA SER B 194 7.88 -42.22 11.48
C SER B 194 6.81 -41.35 12.09
N GLU B 195 5.58 -41.86 12.22
CA GLU B 195 4.54 -41.05 12.84
C GLU B 195 4.87 -40.72 14.29
N ILE B 196 5.35 -41.71 15.05
CA ILE B 196 5.75 -41.45 16.44
C ILE B 196 6.88 -40.45 16.49
N TYR B 197 7.86 -40.60 15.60
CA TYR B 197 9.00 -39.70 15.59
C TYR B 197 8.57 -38.26 15.33
N HIS B 198 7.62 -38.06 14.42
CA HIS B 198 7.15 -36.71 14.19
C HIS B 198 6.32 -36.20 15.34
N SER B 199 5.58 -37.08 16.02
CA SER B 199 4.70 -36.61 17.07
C SER B 199 5.46 -36.21 18.33
N VAL B 200 6.29 -37.11 18.85
CA VAL B 200 6.97 -36.85 20.12
C VAL B 200 7.99 -35.74 19.95
N THR B 201 8.93 -35.92 19.04
CA THR B 201 10.01 -34.94 18.88
C THR B 201 9.50 -33.64 18.27
N GLY B 202 8.94 -33.72 17.07
CA GLY B 202 8.35 -32.56 16.44
C GLY B 202 9.05 -32.04 15.20
N ARG B 203 10.05 -32.74 14.68
CA ARG B 203 10.70 -32.33 13.46
C ARG B 203 10.10 -33.05 12.26
N SER B 204 10.73 -32.92 11.10
CA SER B 204 10.19 -33.47 9.87
C SER B 204 10.20 -34.99 9.90
N ARG B 205 9.31 -35.58 9.11
CA ARG B 205 9.19 -37.03 9.03
C ARG B 205 9.64 -37.60 7.71
N GLU B 206 9.83 -36.78 6.69
CA GLU B 206 10.38 -37.29 5.43
C GLU B 206 11.77 -37.88 5.66
N GLU B 207 12.59 -37.19 6.45
CA GLU B 207 13.95 -37.64 6.69
C GLU B 207 13.96 -39.02 7.32
N TYR B 208 13.13 -39.24 8.34
CA TYR B 208 13.18 -40.51 9.05
C TYR B 208 12.84 -41.68 8.14
N TYR B 209 11.71 -41.60 7.45
CA TYR B 209 11.33 -42.71 6.59
C TYR B 209 12.33 -42.92 5.48
N SER B 210 12.76 -41.81 4.85
CA SER B 210 13.66 -41.92 3.72
C SER B 210 14.97 -42.59 4.13
N THR B 211 15.51 -42.25 5.29
CA THR B 211 16.79 -42.83 5.68
C THR B 211 16.64 -44.13 6.44
N ALA B 212 15.43 -44.55 6.79
CA ALA B 212 15.28 -45.84 7.44
C ALA B 212 15.01 -46.96 6.44
N ILE B 213 14.27 -46.66 5.38
CA ILE B 213 13.90 -47.70 4.43
C ILE B 213 15.13 -48.33 3.80
N ALA B 214 16.14 -47.52 3.48
CA ALA B 214 17.34 -48.04 2.84
C ALA B 214 18.06 -49.03 3.74
N ILE B 215 18.25 -48.66 5.02
CA ILE B 215 18.98 -49.53 5.92
C ILE B 215 18.21 -50.83 6.16
N LEU B 216 16.88 -50.73 6.26
CA LEU B 216 16.08 -51.94 6.41
C LEU B 216 16.29 -52.89 5.25
N THR B 217 16.17 -52.38 4.02
CA THR B 217 16.34 -53.24 2.86
C THR B 217 17.76 -53.79 2.78
N ILE B 218 18.75 -53.04 3.25
CA ILE B 218 20.11 -53.56 3.25
C ILE B 218 20.25 -54.74 4.20
N ALA B 219 19.73 -54.60 5.42
CA ALA B 219 19.89 -55.68 6.39
C ALA B 219 19.13 -56.94 5.98
N ASN B 220 18.04 -56.77 5.23
CA ASN B 220 17.29 -57.93 4.77
C ASN B 220 18.20 -58.91 4.03
N ILE B 221 19.15 -58.40 3.25
CA ILE B 221 20.03 -59.27 2.48
C ILE B 221 20.92 -60.08 3.39
N PHE B 222 21.56 -59.42 4.36
CA PHE B 222 22.49 -60.11 5.22
C PHE B 222 21.80 -61.17 6.06
N ALA B 223 20.51 -60.99 6.36
CA ALA B 223 19.80 -62.06 7.06
C ALA B 223 19.83 -63.35 6.24
N ILE B 224 19.41 -63.27 4.98
CA ILE B 224 19.41 -64.43 4.11
C ILE B 224 20.80 -65.00 3.98
N VAL B 225 21.81 -64.13 3.86
CA VAL B 225 23.17 -64.61 3.67
C VAL B 225 23.62 -65.40 4.89
N PHE B 226 23.38 -64.88 6.10
CA PHE B 226 23.86 -65.54 7.29
C PHE B 226 23.12 -66.84 7.59
N ALA B 227 21.92 -67.01 7.04
CA ALA B 227 21.20 -68.27 7.26
C ALA B 227 22.06 -69.48 6.85
N ALA B 228 22.61 -69.44 5.64
CA ALA B 228 23.39 -70.57 5.16
C ALA B 228 24.66 -70.77 5.98
N VAL B 229 25.29 -69.68 6.40
CA VAL B 229 26.50 -69.79 7.20
C VAL B 229 26.19 -70.49 8.53
N LEU B 230 25.09 -70.11 9.17
CA LEU B 230 24.71 -70.80 10.39
C LEU B 230 24.42 -72.28 10.12
N ASP B 231 23.83 -72.60 8.97
CA ASP B 231 23.60 -74.00 8.64
C ASP B 231 24.91 -74.77 8.54
N ILE B 232 25.91 -74.18 7.87
CA ILE B 232 27.19 -74.85 7.72
C ILE B 232 27.84 -75.05 9.09
N ILE B 233 27.79 -74.02 9.95
CA ILE B 233 28.35 -74.19 11.29
C ILE B 233 27.63 -75.29 12.04
N GLY B 234 26.31 -75.37 11.93
CA GLY B 234 25.59 -76.45 12.56
C GLY B 234 25.91 -77.81 11.99
N LYS B 235 26.42 -77.86 10.77
CA LYS B 235 26.95 -79.11 10.25
C LYS B 235 28.32 -79.46 10.80
N LYS B 236 29.22 -78.48 10.91
CA LYS B 236 30.57 -78.77 11.38
C LYS B 236 30.56 -79.25 12.82
N HIS B 237 29.85 -78.55 13.70
CA HIS B 237 29.77 -78.91 15.11
C HIS B 237 28.44 -79.61 15.38
N THR B 238 28.38 -80.32 16.49
CA THR B 238 27.23 -81.17 16.79
C THR B 238 26.41 -80.72 17.99
N TRP B 239 27.04 -80.45 19.12
CA TRP B 239 26.26 -80.17 20.32
C TRP B 239 25.50 -78.87 20.21
N LEU B 240 26.03 -77.90 19.46
CA LEU B 240 25.39 -76.60 19.33
C LEU B 240 24.08 -76.66 18.56
N SER B 241 23.77 -77.78 17.93
CA SER B 241 22.61 -77.87 17.06
C SER B 241 21.59 -78.84 17.61
N GLY B 242 20.35 -78.66 17.15
CA GLY B 242 19.34 -79.68 17.21
C GLY B 242 19.00 -80.15 15.80
N GLU B 243 18.13 -81.15 15.74
CA GLU B 243 17.69 -81.67 14.45
C GLU B 243 16.32 -81.09 14.07
N GLY B 244 16.31 -79.77 13.88
CA GLY B 244 15.05 -79.09 13.62
C GLY B 244 14.07 -79.19 14.78
N GLU B 245 14.56 -79.07 16.00
CA GLU B 245 13.74 -79.12 17.20
C GLU B 245 14.10 -77.95 18.09
N LEU B 246 13.14 -77.07 18.36
CA LEU B 246 13.43 -75.85 19.10
C LEU B 246 13.81 -76.17 20.53
N VAL B 247 13.00 -76.96 21.22
CA VAL B 247 13.22 -77.28 22.62
C VAL B 247 13.79 -78.69 22.72
N ARG B 248 14.42 -78.99 23.85
CA ARG B 248 14.97 -80.30 24.12
C ARG B 248 14.34 -80.86 25.38
N LYS B 249 14.49 -82.18 25.55
CA LYS B 249 14.03 -82.93 26.73
C LYS B 249 12.60 -82.55 27.12
N ALA B 250 11.73 -82.43 26.13
CA ALA B 250 10.35 -82.05 26.36
C ALA B 250 9.42 -82.91 25.54
N SER B 251 8.16 -82.98 25.97
CA SER B 251 7.12 -83.69 25.25
C SER B 251 5.88 -82.80 25.16
N PHE B 252 5.16 -82.93 24.05
CA PHE B 252 3.99 -82.11 23.76
C PHE B 252 2.76 -83.01 23.66
N LYS B 253 1.73 -82.70 24.44
CA LYS B 253 0.49 -83.45 24.43
C LYS B 253 -0.73 -82.59 24.15
N VAL B 254 -0.53 -81.31 23.78
CA VAL B 254 -1.66 -80.42 23.59
C VAL B 254 -2.40 -80.76 22.30
N GLU B 255 -3.73 -80.75 22.37
CA GLU B 255 -4.58 -80.94 21.21
C GLU B 255 -5.29 -79.62 20.91
N GLU B 256 -5.11 -79.13 19.68
CA GLU B 256 -5.64 -77.83 19.30
C GLU B 256 -7.15 -77.88 19.13
N ASP B 257 -7.82 -76.81 19.54
CA ASP B 257 -9.25 -76.67 19.29
C ASP B 257 -9.50 -76.37 17.82
N GLU B 258 -10.70 -76.70 17.36
CA GLU B 258 -11.07 -76.56 15.96
C GLU B 258 -12.03 -75.39 15.79
N LYS B 259 -11.75 -74.54 14.79
CA LYS B 259 -12.70 -73.52 14.41
C LYS B 259 -13.90 -74.17 13.73
N THR B 260 -14.99 -73.41 13.64
CA THR B 260 -16.21 -73.94 13.04
C THR B 260 -15.99 -74.36 11.59
N GLY B 261 -15.11 -73.65 10.89
CA GLY B 261 -14.80 -73.96 9.51
C GLY B 261 -15.56 -73.15 8.49
N GLN B 262 -16.65 -72.49 8.87
CA GLN B 262 -17.37 -71.60 7.98
C GLN B 262 -17.32 -70.21 8.59
N ILE B 263 -16.93 -69.22 7.78
CA ILE B 263 -16.77 -67.86 8.22
C ILE B 263 -17.65 -66.99 7.34
N THR B 264 -18.86 -66.70 7.80
CA THR B 264 -19.74 -65.84 7.05
C THR B 264 -19.18 -64.42 6.98
N HIS B 265 -19.84 -63.58 6.19
CA HIS B 265 -19.42 -62.20 6.11
C HIS B 265 -19.57 -61.50 7.45
N ARG B 266 -20.51 -61.97 8.28
CA ARG B 266 -20.80 -61.29 9.55
C ARG B 266 -19.56 -61.18 10.42
N GLU B 267 -18.74 -62.22 10.47
CA GLU B 267 -17.53 -62.16 11.27
C GLU B 267 -16.56 -61.12 10.73
N THR B 268 -16.40 -61.05 9.41
CA THR B 268 -15.55 -60.02 8.84
C THR B 268 -16.02 -58.63 9.22
N ALA B 269 -17.33 -58.40 9.19
CA ALA B 269 -17.85 -57.11 9.62
C ALA B 269 -17.55 -56.87 11.09
N VAL B 270 -17.67 -57.90 11.92
CA VAL B 270 -17.32 -57.77 13.32
C VAL B 270 -15.86 -57.33 13.46
N GLY B 271 -15.02 -57.77 12.53
CA GLY B 271 -13.62 -57.39 12.60
C GLY B 271 -13.42 -55.88 12.59
N LEU B 272 -14.21 -55.15 11.81
CA LEU B 272 -14.08 -53.69 11.79
C LEU B 272 -14.46 -53.08 13.12
N VAL B 273 -15.51 -53.59 13.76
CA VAL B 273 -16.00 -52.97 14.98
C VAL B 273 -14.95 -52.99 16.07
N LEU B 274 -14.27 -54.13 16.23
CA LEU B 274 -13.22 -54.21 17.24
C LEU B 274 -12.05 -53.32 16.90
N SER B 275 -11.70 -53.24 15.61
CA SER B 275 -10.51 -52.49 15.20
C SER B 275 -10.67 -51.01 15.52
N THR B 276 -11.82 -50.43 15.18
CA THR B 276 -12.02 -49.01 15.44
C THR B 276 -12.15 -48.73 16.92
N THR B 277 -12.89 -49.57 17.65
CA THR B 277 -13.16 -49.29 19.05
C THR B 277 -11.89 -49.20 19.88
N CYS B 278 -10.97 -50.13 19.67
CA CYS B 278 -9.70 -50.08 20.39
C CYS B 278 -8.97 -48.78 20.12
N PHE B 279 -9.04 -48.28 18.89
CA PHE B 279 -8.41 -47.00 18.58
C PHE B 279 -9.03 -45.88 19.38
N LEU B 280 -10.35 -45.87 19.47
CA LEU B 280 -11.02 -44.81 20.23
C LEU B 280 -10.61 -44.86 21.69
N LEU B 281 -10.60 -46.06 22.28
CA LEU B 281 -10.23 -46.18 23.68
C LEU B 281 -8.80 -45.74 23.91
N ALA B 282 -7.88 -46.14 23.03
CA ALA B 282 -6.49 -45.73 23.18
C ALA B 282 -6.35 -44.23 23.06
N TYR B 283 -7.04 -43.63 22.10
CA TYR B 283 -6.95 -42.19 21.92
C TYR B 283 -7.43 -41.47 23.18
N VAL B 284 -8.57 -41.89 23.72
CA VAL B 284 -9.11 -41.24 24.91
C VAL B 284 -8.13 -41.38 26.08
N VAL B 285 -7.66 -42.59 26.33
CA VAL B 285 -6.82 -42.79 27.51
C VAL B 285 -5.52 -42.00 27.38
N ALA B 286 -4.90 -42.02 26.20
CA ALA B 286 -3.64 -41.32 26.01
C ALA B 286 -3.82 -39.82 26.13
N LYS B 287 -4.89 -39.27 25.57
CA LYS B 287 -5.05 -37.82 25.62
C LYS B 287 -5.44 -37.33 27.01
N LYS B 288 -6.27 -38.09 27.74
CA LYS B 288 -6.82 -37.56 28.98
C LYS B 288 -6.40 -38.35 30.22
N ILE B 289 -6.59 -39.66 30.25
CA ILE B 289 -6.54 -40.36 31.54
C ILE B 289 -5.13 -40.42 32.08
N LEU B 290 -4.17 -40.87 31.26
CA LEU B 290 -2.79 -41.06 31.70
C LEU B 290 -1.85 -40.48 30.67
N PRO B 291 -1.79 -39.16 30.56
CA PRO B 291 -0.92 -38.55 29.55
C PRO B 291 0.54 -38.92 29.70
N SER B 292 1.04 -39.05 30.92
CA SER B 292 2.43 -39.38 31.16
C SER B 292 2.53 -40.24 32.41
N ILE B 293 2.79 -41.54 32.23
CA ILE B 293 2.95 -42.43 33.38
C ILE B 293 4.22 -42.07 34.14
N GLY B 294 5.29 -41.75 33.43
CA GLY B 294 6.50 -41.25 34.06
C GLY B 294 6.79 -39.86 33.55
N GLY B 295 8.07 -39.49 33.50
CA GLY B 295 8.42 -38.25 32.82
C GLY B 295 8.07 -38.31 31.34
N VAL B 296 8.19 -39.49 30.73
CA VAL B 296 7.88 -39.64 29.31
C VAL B 296 6.37 -39.71 29.12
N ALA B 297 5.95 -39.48 27.87
CA ALA B 297 4.55 -39.56 27.48
C ALA B 297 4.39 -40.63 26.41
N ILE B 298 3.33 -41.41 26.51
CA ILE B 298 3.13 -42.56 25.65
C ILE B 298 2.24 -42.19 24.47
N HIS B 299 2.68 -42.51 23.27
CA HIS B 299 1.82 -42.34 22.10
C HIS B 299 0.77 -43.44 22.08
N TYR B 300 -0.36 -43.15 21.43
CA TYR B 300 -1.52 -44.02 21.61
C TYR B 300 -1.37 -45.36 20.90
N PHE B 301 -0.39 -45.48 20.00
CA PHE B 301 -0.17 -46.76 19.34
C PHE B 301 0.27 -47.84 20.35
N ALA B 302 1.14 -47.46 21.28
CA ALA B 302 1.54 -48.40 22.32
C ALA B 302 0.34 -48.84 23.15
N TRP B 303 -0.54 -47.90 23.48
CA TRP B 303 -1.74 -48.27 24.23
C TRP B 303 -2.61 -49.21 23.42
N MET B 304 -2.73 -48.99 22.11
CA MET B 304 -3.41 -49.95 21.26
C MET B 304 -2.83 -51.35 21.41
N VAL B 305 -1.51 -51.46 21.34
CA VAL B 305 -0.89 -52.78 21.40
C VAL B 305 -1.22 -53.44 22.73
N LEU B 306 -1.07 -52.71 23.83
CA LEU B 306 -1.33 -53.29 25.13
C LEU B 306 -2.79 -53.69 25.30
N ILE B 307 -3.71 -52.85 24.84
CA ILE B 307 -5.13 -53.14 24.99
C ILE B 307 -5.51 -54.38 24.20
N VAL B 308 -5.04 -54.49 22.95
CA VAL B 308 -5.38 -55.66 22.15
C VAL B 308 -4.78 -56.92 22.77
N ALA B 309 -3.55 -56.83 23.29
CA ALA B 309 -2.98 -57.99 23.95
C ALA B 309 -3.82 -58.41 25.15
N ALA B 310 -4.26 -57.44 25.95
CA ALA B 310 -5.09 -57.76 27.10
C ALA B 310 -6.41 -58.38 26.67
N LEU B 311 -7.01 -57.87 25.60
CA LEU B 311 -8.26 -58.44 25.10
C LEU B 311 -8.07 -59.89 24.68
N ASN B 312 -6.96 -60.19 24.02
CA ASN B 312 -6.69 -61.58 23.69
C ASN B 312 -6.52 -62.41 24.95
N ALA B 313 -5.84 -61.86 25.95
CA ALA B 313 -5.57 -62.63 27.17
C ALA B 313 -6.85 -62.96 27.93
N SER B 314 -7.78 -62.01 28.00
CA SER B 314 -8.98 -62.23 28.81
C SER B 314 -9.80 -63.39 28.28
N GLY B 315 -9.91 -63.52 26.97
CA GLY B 315 -10.66 -64.61 26.38
C GLY B 315 -12.11 -64.31 26.09
N LEU B 316 -12.50 -63.04 26.04
CA LEU B 316 -13.87 -62.70 25.69
C LEU B 316 -14.22 -63.17 24.29
N CYS B 317 -13.31 -62.98 23.34
CA CYS B 317 -13.60 -63.28 21.94
C CYS B 317 -13.75 -64.77 21.73
N SER B 318 -14.70 -65.14 20.88
CA SER B 318 -14.91 -66.53 20.51
C SER B 318 -13.83 -66.99 19.53
N PRO B 319 -13.62 -68.29 19.42
CA PRO B 319 -12.63 -68.77 18.43
C PRO B 319 -12.98 -68.38 17.00
N GLU B 320 -14.26 -68.29 16.66
CA GLU B 320 -14.64 -67.90 15.31
C GLU B 320 -14.26 -66.46 15.02
N ILE B 321 -14.57 -65.56 15.95
CA ILE B 321 -14.28 -64.14 15.75
C ILE B 321 -12.78 -63.91 15.60
N LYS B 322 -11.97 -64.65 16.35
CA LYS B 322 -10.52 -64.56 16.18
C LYS B 322 -10.13 -64.79 14.74
N ALA B 323 -10.65 -65.86 14.13
CA ALA B 323 -10.34 -66.10 12.72
C ALA B 323 -11.03 -65.09 11.83
N GLY B 324 -12.08 -64.44 12.30
CA GLY B 324 -12.74 -63.43 11.50
C GLY B 324 -11.84 -62.25 11.23
N ALA B 325 -11.15 -61.75 12.25
CA ALA B 325 -10.27 -60.62 12.05
C ALA B 325 -9.03 -60.96 11.25
N LYS B 326 -8.70 -62.23 11.11
CA LYS B 326 -7.55 -62.60 10.30
C LYS B 326 -7.86 -62.52 8.81
N ARG B 327 -9.06 -62.95 8.40
CA ARG B 327 -9.42 -62.83 7.00
C ARG B 327 -9.51 -61.38 6.55
N LEU B 328 -9.99 -60.51 7.42
CA LEU B 328 -10.04 -59.09 7.05
C LEU B 328 -8.67 -58.49 6.92
N SER B 329 -7.75 -58.83 7.81
CA SER B 329 -6.40 -58.29 7.73
C SER B 329 -5.63 -58.80 6.53
N ASP B 330 -6.07 -59.89 5.91
CA ASP B 330 -5.45 -60.37 4.69
C ASP B 330 -6.04 -59.71 3.45
N PHE B 331 -7.22 -59.13 3.54
CA PHE B 331 -7.75 -58.37 2.43
C PHE B 331 -7.08 -57.01 2.33
N PHE B 332 -6.78 -56.39 3.47
CA PHE B 332 -6.09 -55.12 3.45
C PHE B 332 -4.64 -55.28 3.01
N SER B 333 -3.97 -56.30 3.52
CA SER B 333 -2.52 -56.42 3.34
C SER B 333 -2.11 -57.06 2.02
N LYS B 334 -3.06 -57.55 1.23
CA LYS B 334 -2.73 -58.13 -0.06
C LYS B 334 -3.24 -57.31 -1.23
N GLN B 335 -4.43 -56.75 -1.13
CA GLN B 335 -5.02 -55.97 -2.22
C GLN B 335 -4.85 -54.46 -2.03
N LEU B 336 -5.27 -53.92 -0.92
CA LEU B 336 -5.21 -52.48 -0.79
C LEU B 336 -3.84 -51.96 -0.46
N LEU B 337 -2.78 -52.75 -0.50
CA LEU B 337 -1.47 -52.21 -0.16
C LEU B 337 -0.93 -51.35 -1.30
N TRP B 338 -1.12 -51.81 -2.53
CA TRP B 338 -0.62 -51.08 -3.69
C TRP B 338 -1.30 -49.73 -3.85
N VAL B 339 -2.46 -49.54 -3.25
CA VAL B 339 -3.04 -48.21 -3.20
C VAL B 339 -2.31 -47.34 -2.19
N LEU B 340 -2.02 -47.90 -1.02
CA LEU B 340 -1.38 -47.10 0.03
C LEU B 340 0.02 -46.65 -0.37
N MET B 341 0.76 -47.49 -1.09
CA MET B 341 2.13 -47.11 -1.41
C MET B 341 2.22 -45.87 -2.28
N VAL B 342 1.24 -45.61 -3.14
CA VAL B 342 1.30 -44.38 -3.93
C VAL B 342 1.25 -43.17 -3.02
N GLY B 343 0.33 -43.18 -2.06
CA GLY B 343 0.27 -42.08 -1.11
C GLY B 343 1.52 -41.97 -0.27
N VAL B 344 2.08 -43.11 0.15
CA VAL B 344 3.31 -43.07 0.92
C VAL B 344 4.42 -42.42 0.10
N GLY B 345 4.50 -42.76 -1.18
CA GLY B 345 5.50 -42.13 -2.03
C GLY B 345 5.29 -40.63 -2.16
N VAL B 346 4.04 -40.20 -2.29
CA VAL B 346 3.80 -38.78 -2.50
C VAL B 346 4.09 -37.98 -1.24
N CYS B 347 3.64 -38.45 -0.08
CA CYS B 347 3.67 -37.63 1.12
C CYS B 347 4.90 -37.81 1.99
N TYR B 348 5.68 -38.87 1.79
CA TYR B 348 6.77 -39.16 2.71
C TYR B 348 8.14 -39.14 2.08
N THR B 349 8.28 -39.64 0.85
CA THR B 349 9.59 -39.91 0.29
C THR B 349 10.33 -38.63 -0.07
N ASP B 350 11.63 -38.62 0.19
CA ASP B 350 12.54 -37.55 -0.23
C ASP B 350 13.68 -38.21 -0.98
N LEU B 351 13.72 -38.02 -2.30
CA LEU B 351 14.55 -38.87 -3.13
C LEU B 351 16.04 -38.69 -2.87
N GLN B 352 16.47 -37.47 -2.51
CA GLN B 352 17.89 -37.24 -2.33
C GLN B 352 18.44 -38.00 -1.14
N GLU B 353 17.64 -38.10 -0.07
CA GLU B 353 18.11 -38.76 1.14
C GLU B 353 18.45 -40.21 0.91
N ILE B 354 17.67 -40.90 0.08
CA ILE B 354 17.95 -42.30 -0.19
C ILE B 354 19.31 -42.46 -0.83
N ILE B 355 19.62 -41.61 -1.81
CA ILE B 355 20.92 -41.68 -2.47
C ILE B 355 22.03 -41.33 -1.49
N ASN B 356 21.84 -40.30 -0.69
CA ASN B 356 22.87 -39.87 0.25
C ASN B 356 23.16 -40.90 1.34
N ALA B 357 22.29 -41.88 1.53
CA ALA B 357 22.41 -42.80 2.65
C ALA B 357 23.02 -44.14 2.26
N ILE B 358 23.54 -44.28 1.05
CA ILE B 358 24.16 -45.52 0.61
C ILE B 358 25.67 -45.30 0.60
N THR B 359 26.36 -45.98 1.50
CA THR B 359 27.81 -45.86 1.58
C THR B 359 28.36 -47.10 2.28
N PHE B 360 29.69 -47.20 2.26
CA PHE B 360 30.34 -48.37 2.86
C PHE B 360 30.08 -48.45 4.35
N ALA B 361 30.11 -47.30 5.04
CA ALA B 361 29.85 -47.29 6.47
C ALA B 361 28.45 -47.81 6.79
N ASN B 362 27.47 -47.37 6.02
CA ASN B 362 26.10 -47.82 6.26
C ASN B 362 25.96 -49.32 6.02
N VAL B 363 26.74 -49.87 5.11
CA VAL B 363 26.70 -51.32 4.90
C VAL B 363 27.31 -52.05 6.08
N VAL B 364 28.49 -51.62 6.52
CA VAL B 364 29.17 -52.39 7.55
C VAL B 364 28.43 -52.28 8.88
N ILE B 365 27.84 -51.12 9.18
CA ILE B 365 27.08 -51.00 10.42
C ILE B 365 25.90 -51.96 10.43
N ALA B 366 25.16 -52.00 9.33
CA ALA B 366 24.01 -52.90 9.25
C ALA B 366 24.46 -54.36 9.30
N ALA B 367 25.64 -54.65 8.79
CA ALA B 367 26.12 -56.03 8.87
C ALA B 367 26.59 -56.41 10.26
N ILE B 368 27.03 -55.45 11.07
CA ILE B 368 27.40 -55.76 12.45
C ILE B 368 26.17 -55.94 13.33
N ILE B 369 25.15 -55.11 13.12
CA ILE B 369 23.98 -55.16 14.00
C ILE B 369 23.33 -56.54 13.95
N VAL B 370 23.24 -57.14 12.77
CA VAL B 370 22.57 -58.42 12.63
C VAL B 370 23.33 -59.51 13.38
N ILE B 371 24.65 -59.52 13.25
CA ILE B 371 25.43 -60.53 13.97
C ILE B 371 25.30 -60.33 15.47
N GLY B 372 25.22 -59.08 15.92
CA GLY B 372 25.00 -58.85 17.33
C GLY B 372 23.67 -59.40 17.81
N ALA B 373 22.63 -59.21 17.01
CA ALA B 373 21.32 -59.77 17.35
C ALA B 373 21.39 -61.28 17.44
N VAL B 374 22.05 -61.92 16.47
CA VAL B 374 22.12 -63.37 16.47
C VAL B 374 22.84 -63.87 17.71
N LEU B 375 23.95 -63.23 18.06
CA LEU B 375 24.71 -63.66 19.23
C LEU B 375 23.89 -63.48 20.50
N GLY B 376 23.19 -62.35 20.62
CA GLY B 376 22.37 -62.13 21.80
C GLY B 376 21.27 -63.16 21.95
N ALA B 377 20.57 -63.45 20.85
CA ALA B 377 19.50 -64.44 20.92
C ALA B 377 20.04 -65.82 21.24
N ALA B 378 21.19 -66.17 20.67
CA ALA B 378 21.78 -67.48 20.94
C ALA B 378 22.17 -67.63 22.40
N ILE B 379 22.82 -66.60 22.96
CA ILE B 379 23.24 -66.72 24.35
C ILE B 379 22.03 -66.68 25.27
N GLY B 380 20.96 -65.98 24.89
CA GLY B 380 19.77 -65.99 25.72
C GLY B 380 18.97 -67.27 25.66
N GLY B 381 19.00 -67.97 24.52
CA GLY B 381 18.24 -69.21 24.41
C GLY B 381 18.79 -70.31 25.31
N TRP B 382 20.11 -70.40 25.43
CA TRP B 382 20.70 -71.50 26.18
C TRP B 382 20.40 -71.41 27.66
N LEU B 383 20.15 -70.21 28.18
CA LEU B 383 19.78 -70.10 29.58
C LEU B 383 18.38 -70.66 29.85
N MET B 384 17.60 -70.92 28.81
CA MET B 384 16.20 -71.25 28.99
C MET B 384 15.81 -72.44 28.14
N GLY B 385 16.68 -73.43 28.05
CA GLY B 385 16.32 -74.71 27.47
C GLY B 385 16.57 -74.98 26.00
N PHE B 386 16.17 -74.05 25.13
CA PHE B 386 16.21 -74.32 23.71
C PHE B 386 17.63 -74.52 23.21
N PHE B 387 17.77 -75.30 22.15
CA PHE B 387 19.06 -75.44 21.49
C PHE B 387 19.50 -74.10 20.92
N PRO B 388 20.76 -73.74 21.06
CA PRO B 388 21.20 -72.40 20.65
C PRO B 388 21.04 -72.12 19.16
N ILE B 389 21.43 -73.06 18.30
CA ILE B 389 21.48 -72.74 16.88
C ILE B 389 20.08 -72.59 16.29
N GLU B 390 19.11 -73.35 16.78
CA GLU B 390 17.73 -73.15 16.35
C GLU B 390 17.01 -72.10 17.17
N SER B 391 17.61 -71.60 18.24
CA SER B 391 17.09 -70.45 18.94
C SER B 391 17.65 -69.15 18.39
N ALA B 392 18.48 -69.21 17.36
CA ALA B 392 18.94 -68.02 16.66
C ALA B 392 18.12 -67.74 15.43
N ILE B 393 17.85 -68.77 14.63
CA ILE B 393 17.10 -68.58 13.38
C ILE B 393 15.72 -68.01 13.67
N THR B 394 15.10 -68.44 14.77
CA THR B 394 13.74 -68.03 15.08
C THR B 394 13.66 -66.85 16.03
N ALA B 395 14.79 -66.23 16.39
CA ALA B 395 14.72 -65.13 17.32
C ALA B 395 15.51 -63.91 16.86
N GLY B 396 16.58 -64.10 16.10
CA GLY B 396 17.35 -62.97 15.63
C GLY B 396 17.33 -62.80 14.14
N LEU B 397 17.30 -63.90 13.39
CA LEU B 397 17.20 -63.77 11.95
C LEU B 397 15.77 -63.59 11.50
N CYS B 398 14.86 -64.43 11.99
CA CYS B 398 13.46 -64.33 11.60
C CYS B 398 12.85 -63.00 12.02
N MET B 399 13.46 -62.29 12.96
CA MET B 399 12.89 -61.05 13.45
C MET B 399 13.44 -59.85 12.70
N ALA B 400 14.70 -59.88 12.31
CA ALA B 400 15.30 -58.81 11.51
C ALA B 400 15.05 -59.09 10.02
N ASN B 401 13.84 -58.76 9.59
CA ASN B 401 13.44 -59.01 8.21
C ASN B 401 12.51 -57.93 7.69
N ARG B 402 11.90 -58.19 6.54
CA ARG B 402 10.78 -57.38 6.06
C ARG B 402 9.46 -57.94 6.57
N GLY B 403 9.36 -58.16 7.88
CA GLY B 403 8.12 -58.68 8.41
C GLY B 403 7.85 -60.09 7.92
N GLY B 404 6.58 -60.37 7.63
CA GLY B 404 6.16 -61.70 7.27
C GLY B 404 6.53 -62.14 5.88
N SER B 405 7.04 -61.24 5.04
CA SER B 405 7.40 -61.63 3.69
C SER B 405 8.63 -62.53 3.67
N GLY B 406 9.63 -62.20 4.48
CA GLY B 406 10.88 -62.94 4.46
C GLY B 406 10.94 -64.18 5.30
N ASP B 407 9.89 -64.49 6.06
CA ASP B 407 9.92 -65.67 6.89
C ASP B 407 9.87 -66.95 6.08
N LEU B 408 9.17 -66.95 4.95
CA LEU B 408 9.18 -68.12 4.08
C LEU B 408 10.46 -68.20 3.26
N GLU B 409 11.27 -67.14 3.26
CA GLU B 409 12.55 -67.14 2.58
C GLU B 409 13.67 -67.63 3.49
N VAL B 410 13.73 -67.11 4.71
CA VAL B 410 14.80 -67.49 5.63
C VAL B 410 14.72 -68.97 5.95
N LEU B 411 13.53 -69.44 6.29
CA LEU B 411 13.37 -70.85 6.63
C LEU B 411 13.65 -71.75 5.44
N SER B 412 13.34 -71.29 4.23
CA SER B 412 13.61 -72.09 3.05
C SER B 412 15.09 -72.08 2.68
N ALA B 413 15.82 -71.03 3.08
CA ALA B 413 17.25 -71.04 2.87
C ALA B 413 17.91 -72.19 3.63
N CYS B 414 17.47 -72.43 4.86
CA CYS B 414 17.81 -73.65 5.56
C CYS B 414 16.82 -74.74 5.18
N ASN B 415 17.09 -75.95 5.64
CA ASN B 415 16.14 -77.06 5.46
C ASN B 415 15.32 -77.26 6.73
N ARG B 416 14.52 -76.24 7.04
CA ARG B 416 13.73 -76.24 8.27
C ARG B 416 12.39 -75.57 7.98
N MET B 417 11.31 -76.34 8.04
CA MET B 417 9.97 -75.82 7.86
C MET B 417 9.08 -75.98 9.07
N ASN B 418 9.46 -76.80 10.05
CA ASN B 418 8.59 -77.08 11.18
C ASN B 418 8.43 -75.88 12.10
N LEU B 419 9.30 -74.87 11.98
CA LEU B 419 9.31 -73.74 12.89
C LEU B 419 8.48 -72.57 12.39
N ILE B 420 7.54 -72.83 11.48
CA ILE B 420 6.76 -71.75 10.90
C ILE B 420 5.89 -71.09 11.97
N SER B 421 5.37 -71.87 12.91
CA SER B 421 4.56 -71.31 13.97
C SER B 421 5.36 -70.34 14.82
N TYR B 422 6.58 -70.74 15.21
CA TYR B 422 7.43 -69.85 16.00
C TYR B 422 7.83 -68.62 15.20
N ALA B 423 8.06 -68.78 13.90
CA ALA B 423 8.36 -67.63 13.06
C ALA B 423 7.19 -66.65 13.03
N GLN B 424 5.98 -67.17 12.89
CA GLN B 424 4.80 -66.31 12.90
C GLN B 424 4.67 -65.58 14.22
N ILE B 425 4.87 -66.29 15.33
CA ILE B 425 4.80 -65.62 16.63
C ILE B 425 5.83 -64.50 16.70
N SER B 426 7.06 -64.79 16.30
CA SER B 426 8.11 -63.77 16.30
C SER B 426 7.64 -62.54 15.55
N SER B 427 7.35 -62.68 14.26
CA SER B 427 7.01 -61.51 13.47
C SER B 427 5.80 -60.77 14.04
N ARG B 428 4.68 -61.49 14.19
CA ARG B 428 3.43 -60.83 14.55
C ARG B 428 3.52 -60.15 15.90
N LEU B 429 4.00 -60.86 16.92
CA LEU B 429 3.92 -60.30 18.25
C LEU B 429 5.07 -59.34 18.53
N GLY B 430 6.26 -59.58 17.96
CA GLY B 430 7.31 -58.61 18.10
C GLY B 430 7.14 -57.38 17.25
N GLY B 431 6.15 -57.37 16.35
CA GLY B 431 5.85 -56.15 15.63
C GLY B 431 5.36 -55.01 16.51
N GLY B 432 4.91 -55.32 17.73
CA GLY B 432 4.38 -54.28 18.60
C GLY B 432 5.27 -54.00 19.81
N ILE B 433 6.03 -55.00 20.21
CA ILE B 433 6.98 -54.81 21.30
C ILE B 433 7.95 -53.69 20.95
N VAL B 434 8.47 -53.74 19.71
CA VAL B 434 9.39 -52.70 19.30
C VAL B 434 8.69 -51.36 19.22
N LEU B 435 7.38 -51.34 18.92
CA LEU B 435 6.66 -50.08 18.93
C LEU B 435 6.63 -49.47 20.32
N VAL B 436 6.34 -50.28 21.33
CA VAL B 436 6.32 -49.78 22.70
C VAL B 436 7.70 -49.30 23.11
N ILE B 437 8.73 -50.10 22.80
CA ILE B 437 10.10 -49.71 23.14
C ILE B 437 10.46 -48.41 22.45
N ALA B 438 10.00 -48.22 21.21
CA ALA B 438 10.29 -47.00 20.48
C ALA B 438 9.67 -45.81 21.15
N SER B 439 8.42 -45.94 21.59
CA SER B 439 7.80 -44.82 22.31
C SER B 439 8.61 -44.47 23.55
N ILE B 440 9.01 -45.49 24.31
CA ILE B 440 9.79 -45.24 25.53
C ILE B 440 11.09 -44.52 25.21
N VAL B 441 11.82 -45.01 24.20
CA VAL B 441 13.14 -44.46 23.92
C VAL B 441 13.04 -43.05 23.34
N PHE B 442 12.10 -42.83 22.43
CA PHE B 442 11.92 -41.48 21.88
C PHE B 442 11.58 -40.50 23.00
N GLY B 443 10.72 -40.90 23.93
CA GLY B 443 10.41 -40.03 25.04
C GLY B 443 11.61 -39.77 25.93
N MET B 444 12.36 -40.82 26.26
CA MET B 444 13.44 -40.69 27.22
C MET B 444 14.59 -39.86 26.66
N MET B 445 15.03 -40.16 25.44
CA MET B 445 16.21 -39.49 24.91
C MET B 445 15.94 -38.02 24.63
N ILE B 446 14.82 -37.72 23.99
CA ILE B 446 14.47 -36.33 23.69
C ILE B 446 12.98 -36.12 23.91
N GLU C 1 -1.02 -27.87 15.38
CA GLU C 1 -1.63 -26.61 14.88
C GLU C 1 -0.99 -26.23 13.53
N VAL C 2 -1.56 -25.23 12.86
CA VAL C 2 -1.00 -24.76 11.54
C VAL C 2 -0.73 -23.26 11.62
N GLN C 3 0.51 -22.83 11.39
CA GLN C 3 0.83 -21.39 11.56
C GLN C 3 1.65 -20.87 10.38
N LEU C 4 1.34 -19.65 9.92
CA LEU C 4 2.12 -19.02 8.82
C LEU C 4 2.51 -17.61 9.30
N VAL C 5 3.80 -17.33 9.48
CA VAL C 5 4.24 -16.00 10.01
C VAL C 5 5.02 -15.27 8.91
N GLU C 6 4.70 -13.99 8.68
CA GLU C 6 5.37 -13.23 7.60
C GLU C 6 6.06 -11.98 8.17
N SER C 7 7.10 -11.50 7.50
CA SER C 7 7.85 -10.30 7.99
C SER C 7 8.41 -9.52 6.78
N GLY C 8 8.45 -8.19 6.88
CA GLY C 8 8.93 -7.38 5.74
C GLY C 8 9.31 -5.98 6.16
N GLY C 9 9.13 -4.99 5.28
CA GLY C 9 9.52 -3.63 5.55
C GLY C 9 8.36 -2.65 5.51
N GLY C 10 8.70 -1.37 5.56
CA GLY C 10 7.73 -0.30 5.51
C GLY C 10 8.41 1.04 5.28
N LEU C 11 7.58 2.04 4.99
CA LEU C 11 8.04 3.42 4.81
C LEU C 11 9.07 3.55 3.69
N VAL C 12 8.64 3.28 2.48
CA VAL C 12 9.53 3.37 1.32
C VAL C 12 9.19 4.64 0.56
N GLN C 13 10.17 5.14 -0.21
CA GLN C 13 9.99 6.32 -1.03
C GLN C 13 9.14 6.00 -2.25
N PRO C 14 8.55 7.03 -2.89
CA PRO C 14 7.66 6.78 -4.03
C PRO C 14 8.32 6.02 -5.17
N GLY C 15 9.63 5.89 -5.19
CA GLY C 15 10.28 5.01 -6.15
C GLY C 15 11.27 4.12 -5.44
N GLY C 16 11.11 2.81 -5.58
CA GLY C 16 11.98 1.89 -4.87
C GLY C 16 11.44 0.48 -4.93
N SER C 17 12.06 -0.39 -4.14
CA SER C 17 11.75 -1.81 -4.16
C SER C 17 11.74 -2.37 -2.75
N LEU C 18 11.16 -3.55 -2.59
CA LEU C 18 11.03 -4.19 -1.30
C LEU C 18 10.85 -5.69 -1.49
N ARG C 19 11.08 -6.44 -0.41
CA ARG C 19 10.95 -7.89 -0.42
C ARG C 19 10.21 -8.36 0.82
N LEU C 20 9.33 -9.33 0.65
CA LEU C 20 8.55 -9.90 1.74
C LEU C 20 8.79 -11.40 1.81
N SER C 21 8.71 -11.95 3.02
CA SER C 21 8.90 -13.38 3.22
C SER C 21 7.94 -13.88 4.27
N CYS C 22 7.60 -15.16 4.17
CA CYS C 22 6.77 -15.83 5.15
C CYS C 22 7.24 -17.27 5.33
N ALA C 23 7.05 -17.80 6.53
CA ALA C 23 7.52 -19.13 6.88
C ALA C 23 6.35 -19.99 7.35
N ALA C 24 6.41 -21.28 7.01
CA ALA C 24 5.35 -22.23 7.34
C ALA C 24 5.92 -23.37 8.17
N SER C 25 5.16 -23.81 9.16
CA SER C 25 5.65 -24.83 10.08
C SER C 25 4.70 -26.01 10.26
N GLY C 26 3.39 -25.77 10.26
CA GLY C 26 2.46 -26.77 10.75
C GLY C 26 1.99 -27.83 9.79
N PHE C 27 2.29 -27.71 8.50
CA PHE C 27 1.79 -28.64 7.51
C PHE C 27 2.87 -28.91 6.47
N THR C 28 2.49 -29.63 5.41
CA THR C 28 3.40 -29.87 4.29
C THR C 28 3.36 -28.65 3.39
N PHE C 29 4.35 -27.78 3.52
CA PHE C 29 4.39 -26.57 2.70
C PHE C 29 4.47 -26.92 1.23
N ARG C 30 5.39 -27.78 0.86
CA ARG C 30 5.40 -28.31 -0.49
C ARG C 30 4.09 -29.05 -0.76
N ASN C 31 3.75 -29.15 -2.04
CA ASN C 31 2.49 -29.71 -2.52
C ASN C 31 1.30 -28.83 -2.20
N SER C 32 1.48 -27.54 -1.98
CA SER C 32 0.38 -26.64 -1.67
C SER C 32 0.47 -25.38 -2.50
N ALA C 33 -0.62 -24.98 -3.11
CA ALA C 33 -0.69 -23.70 -3.79
C ALA C 33 -0.79 -22.58 -2.76
N MET C 34 -0.16 -21.45 -3.05
CA MET C 34 -0.13 -20.33 -2.13
C MET C 34 -0.52 -19.05 -2.82
N HIS C 35 -1.02 -18.10 -2.05
CA HIS C 35 -1.60 -16.87 -2.58
C HIS C 35 -1.16 -15.69 -1.73
N TRP C 36 -1.19 -14.52 -2.34
CA TRP C 36 -0.94 -13.26 -1.64
C TRP C 36 -2.19 -12.41 -1.70
N VAL C 37 -2.60 -11.85 -0.56
CA VAL C 37 -3.82 -11.06 -0.48
C VAL C 37 -3.54 -9.81 0.35
N ARG C 38 -4.01 -8.66 -0.14
CA ARG C 38 -3.74 -7.38 0.50
C ARG C 38 -5.05 -6.66 0.79
N GLN C 39 -5.01 -5.78 1.78
CA GLN C 39 -6.18 -5.00 2.20
C GLN C 39 -5.74 -3.58 2.54
N ALA C 40 -6.25 -2.61 1.79
CA ALA C 40 -6.01 -1.22 2.11
C ALA C 40 -6.81 -0.84 3.35
N PRO C 41 -6.37 0.19 4.09
CA PRO C 41 -7.11 0.59 5.30
C PRO C 41 -8.55 0.99 4.97
N GLY C 42 -9.47 0.51 5.79
CA GLY C 42 -10.87 0.83 5.63
C GLY C 42 -11.49 0.36 4.33
N LYS C 43 -10.85 -0.58 3.64
CA LYS C 43 -11.30 -1.05 2.33
C LYS C 43 -11.56 -2.54 2.37
N GLY C 44 -12.08 -3.05 1.26
CA GLY C 44 -12.28 -4.48 1.12
C GLY C 44 -11.00 -5.20 0.74
N LEU C 45 -11.09 -6.54 0.72
CA LEU C 45 -9.94 -7.35 0.37
C LEU C 45 -9.69 -7.31 -1.13
N GLU C 46 -8.49 -7.72 -1.53
CA GLU C 46 -8.14 -7.77 -2.94
C GLU C 46 -7.08 -8.82 -3.18
N TRP C 47 -7.21 -9.53 -4.29
CA TRP C 47 -6.24 -10.57 -4.65
C TRP C 47 -5.02 -9.95 -5.31
N VAL C 48 -3.88 -10.64 -5.20
CA VAL C 48 -2.64 -10.14 -5.78
C VAL C 48 -2.05 -11.11 -6.79
N SER C 49 -1.66 -12.30 -6.33
CA SER C 49 -1.02 -13.26 -7.22
C SER C 49 -1.05 -14.64 -6.58
N SER C 50 -0.73 -15.65 -7.40
CA SER C 50 -0.76 -17.04 -6.95
C SER C 50 0.28 -17.85 -7.71
N ILE C 51 0.67 -18.97 -7.12
CA ILE C 51 1.68 -19.85 -7.70
C ILE C 51 1.38 -21.29 -7.33
N TRP C 52 1.63 -22.21 -8.26
CA TRP C 52 1.48 -23.63 -8.00
C TRP C 52 2.63 -24.13 -7.15
N TYR C 53 2.67 -25.44 -6.93
CA TYR C 53 3.91 -26.07 -6.50
C TYR C 53 4.83 -26.22 -7.71
N SER C 54 6.13 -26.19 -7.46
CA SER C 54 7.18 -26.20 -8.48
C SER C 54 7.22 -24.91 -9.29
N GLY C 55 6.43 -23.90 -8.93
CA GLY C 55 6.47 -22.66 -9.67
C GLY C 55 6.06 -22.77 -11.11
N SER C 56 5.21 -23.74 -11.43
CA SER C 56 4.90 -23.99 -12.83
C SER C 56 4.07 -22.87 -13.44
N ASN C 57 3.04 -22.41 -12.72
CA ASN C 57 2.12 -21.41 -13.24
C ASN C 57 2.10 -20.21 -12.31
N THR C 58 2.08 -19.02 -12.90
CA THR C 58 2.01 -17.78 -12.14
C THR C 58 1.01 -16.85 -12.80
N TYR C 59 0.19 -16.20 -12.00
CA TYR C 59 -0.80 -15.25 -12.49
C TYR C 59 -0.84 -14.04 -11.57
N TYR C 60 -1.07 -12.87 -12.14
CA TYR C 60 -1.08 -11.63 -11.39
C TYR C 60 -2.38 -10.87 -11.63
N ALA C 61 -2.81 -10.14 -10.62
CA ALA C 61 -3.90 -9.20 -10.82
C ALA C 61 -3.47 -8.12 -11.81
N ASP C 62 -4.43 -7.58 -12.53
CA ASP C 62 -4.10 -6.64 -13.61
C ASP C 62 -3.42 -5.40 -13.07
N SER C 63 -3.86 -4.91 -11.91
CA SER C 63 -3.35 -3.65 -11.40
C SER C 63 -1.85 -3.69 -11.16
N VAL C 64 -1.35 -4.82 -10.66
CA VAL C 64 0.07 -4.93 -10.31
C VAL C 64 0.86 -5.67 -11.39
N LYS C 65 0.28 -5.83 -12.58
CA LYS C 65 0.96 -6.61 -13.62
C LYS C 65 2.25 -5.93 -14.05
N GLY C 66 3.29 -6.73 -14.25
CA GLY C 66 4.53 -6.25 -14.80
C GLY C 66 5.49 -5.62 -13.81
N ARG C 67 5.11 -5.51 -12.54
CA ARG C 67 5.96 -4.89 -11.55
C ARG C 67 6.21 -5.76 -10.33
N PHE C 68 5.60 -6.93 -10.26
CA PHE C 68 5.69 -7.80 -9.08
C PHE C 68 6.17 -9.17 -9.52
N THR C 69 6.93 -9.84 -8.65
CA THR C 69 7.46 -11.16 -8.94
C THR C 69 7.28 -12.04 -7.72
N ILE C 70 6.86 -13.29 -7.95
CA ILE C 70 6.54 -14.23 -6.90
C ILE C 70 7.39 -15.49 -7.11
N SER C 71 7.90 -16.04 -6.02
CA SER C 71 8.70 -17.25 -6.10
C SER C 71 8.72 -17.93 -4.74
N ARG C 72 9.14 -19.19 -4.74
CA ARG C 72 9.17 -20.00 -3.53
C ARG C 72 10.46 -20.81 -3.50
N ASP C 73 10.85 -21.23 -2.30
CA ASP C 73 11.99 -22.12 -2.12
C ASP C 73 11.60 -23.19 -1.10
N ASN C 74 11.46 -24.42 -1.58
CA ASN C 74 10.86 -25.48 -0.78
C ASN C 74 11.74 -25.88 0.40
N SER C 75 13.06 -25.96 0.18
CA SER C 75 13.92 -26.54 1.20
C SER C 75 13.89 -25.75 2.51
N LYS C 76 13.63 -24.45 2.45
CA LYS C 76 13.51 -23.66 3.66
C LYS C 76 12.08 -23.37 4.05
N ASN C 77 11.10 -23.89 3.32
CA ASN C 77 9.69 -23.67 3.63
C ASN C 77 9.38 -22.17 3.68
N THR C 78 9.78 -21.45 2.64
CA THR C 78 9.67 -20.01 2.62
C THR C 78 9.11 -19.53 1.29
N LEU C 79 8.30 -18.48 1.34
CA LEU C 79 7.65 -17.90 0.18
C LEU C 79 8.03 -16.43 0.09
N TYR C 80 8.40 -15.97 -1.11
CA TYR C 80 8.82 -14.60 -1.32
C TYR C 80 7.88 -13.89 -2.29
N LEU C 81 7.73 -12.59 -2.09
CA LEU C 81 7.10 -11.70 -3.06
C LEU C 81 8.03 -10.52 -3.29
N GLN C 82 8.37 -10.27 -4.55
CA GLN C 82 9.34 -9.24 -4.92
C GLN C 82 8.62 -8.08 -5.58
N MET C 83 8.86 -6.88 -5.07
CA MET C 83 8.23 -5.68 -5.60
C MET C 83 9.32 -4.75 -6.16
N ASN C 84 9.11 -4.27 -7.38
CA ASN C 84 10.08 -3.38 -8.00
C ASN C 84 9.34 -2.13 -8.45
N CYS C 85 10.05 -1.02 -8.32
CA CYS C 85 9.50 0.29 -8.66
C CYS C 85 8.11 0.46 -8.06
N LEU C 86 8.03 0.28 -6.75
CA LEU C 86 6.80 0.54 -6.03
C LEU C 86 6.37 1.98 -6.26
N THR C 87 5.07 2.22 -6.28
CA THR C 87 4.56 3.57 -6.39
C THR C 87 3.58 3.81 -5.25
N ALA C 88 2.86 4.91 -5.31
CA ALA C 88 1.89 5.23 -4.28
C ALA C 88 0.68 4.30 -4.37
N GLU C 89 -0.32 4.59 -3.54
CA GLU C 89 -1.61 3.90 -3.42
C GLU C 89 -1.46 2.39 -3.27
N ASP C 90 -0.26 1.86 -3.05
CA ASP C 90 -0.09 0.46 -2.72
C ASP C 90 0.08 0.24 -1.22
N THR C 91 -0.22 1.25 -0.41
CA THR C 91 -0.10 1.13 1.03
C THR C 91 -1.26 0.28 1.55
N ALA C 92 -0.93 -0.82 2.21
CA ALA C 92 -1.95 -1.75 2.68
C ALA C 92 -1.30 -2.78 3.59
N VAL C 93 -2.14 -3.54 4.27
CA VAL C 93 -1.67 -4.73 4.96
C VAL C 93 -1.62 -5.88 3.97
N TYR C 94 -0.63 -6.75 4.11
CA TYR C 94 -0.40 -7.84 3.17
C TYR C 94 -0.50 -9.17 3.90
N TYR C 95 -1.23 -10.12 3.32
CA TYR C 95 -1.44 -11.44 3.90
C TYR C 95 -0.96 -12.52 2.95
N CYS C 96 -0.56 -13.65 3.52
CA CYS C 96 -0.26 -14.85 2.76
C CYS C 96 -1.21 -15.95 3.20
N ALA C 97 -1.76 -16.69 2.23
CA ALA C 97 -2.77 -17.69 2.52
C ALA C 97 -2.48 -18.96 1.72
N ARG C 98 -3.16 -20.03 2.10
CA ARG C 98 -3.05 -21.31 1.44
C ARG C 98 -4.36 -21.65 0.77
N PHE C 99 -4.31 -22.04 -0.50
CA PHE C 99 -5.49 -22.38 -1.26
C PHE C 99 -5.58 -23.90 -1.36
N ALA C 100 -6.71 -24.46 -0.91
CA ALA C 100 -6.85 -25.90 -0.80
C ALA C 100 -7.87 -26.47 -1.77
N GLY C 101 -8.25 -25.71 -2.79
CA GLY C 101 -9.16 -26.26 -3.79
C GLY C 101 -10.54 -26.51 -3.24
N GLY C 102 -11.15 -27.63 -3.68
CA GLY C 102 -12.53 -27.89 -3.33
C GLY C 102 -12.76 -28.09 -1.85
N TRP C 103 -11.82 -28.73 -1.16
CA TRP C 103 -11.97 -29.03 0.26
C TRP C 103 -11.47 -27.84 1.09
N GLY C 104 -12.22 -26.75 1.02
CA GLY C 104 -11.85 -25.54 1.73
C GLY C 104 -11.11 -24.57 0.85
N ALA C 105 -11.57 -23.31 0.80
CA ALA C 105 -10.97 -22.35 -0.11
C ALA C 105 -9.68 -21.76 0.46
N TYR C 106 -9.79 -21.05 1.59
CA TYR C 106 -8.68 -20.34 2.20
C TYR C 106 -8.66 -20.72 3.67
N ASP C 107 -7.96 -21.79 4.02
CA ASP C 107 -8.08 -22.35 5.36
C ASP C 107 -7.14 -21.67 6.35
N VAL C 108 -5.91 -21.37 5.94
CA VAL C 108 -4.86 -20.93 6.84
C VAL C 108 -4.40 -19.53 6.44
N TRP C 109 -4.29 -18.63 7.42
CA TRP C 109 -3.95 -17.23 7.17
C TRP C 109 -2.80 -16.80 8.06
N GLY C 110 -2.07 -15.79 7.62
CA GLY C 110 -1.03 -15.18 8.42
C GLY C 110 -1.55 -14.05 9.28
N GLN C 111 -0.61 -13.30 9.86
CA GLN C 111 -1.00 -12.14 10.67
C GLN C 111 -1.07 -10.87 9.83
N GLY C 112 -0.11 -10.67 8.95
CA GLY C 112 -0.13 -9.50 8.11
C GLY C 112 0.99 -8.52 8.48
N THR C 113 1.49 -7.81 7.47
CA THR C 113 2.49 -6.78 7.66
C THR C 113 2.01 -5.52 6.96
N LEU C 114 2.55 -4.38 7.39
CA LEU C 114 2.09 -3.07 6.93
C LEU C 114 3.18 -2.41 6.10
N VAL C 115 2.80 -1.87 4.95
CA VAL C 115 3.71 -1.16 4.06
C VAL C 115 3.08 0.17 3.69
N THR C 116 3.85 1.25 3.78
CA THR C 116 3.39 2.59 3.44
C THR C 116 4.37 3.24 2.48
N VAL C 117 3.83 4.11 1.63
CA VAL C 117 4.60 4.79 0.59
C VAL C 117 4.78 6.25 0.99
N SER C 118 6.01 6.76 0.83
CA SER C 118 6.31 8.15 1.26
C SER C 118 5.59 9.17 0.37
N SER C 119 5.40 10.39 0.88
CA SER C 119 4.78 11.48 0.08
C SER C 119 5.20 12.82 0.69
N GLY C 120 6.35 13.36 0.27
CA GLY C 120 6.86 14.61 0.88
C GLY C 120 6.19 15.85 0.31
N GLY C 121 6.69 17.03 0.68
CA GLY C 121 6.11 18.30 0.19
C GLY C 121 7.13 19.13 -0.56
N GLY C 122 6.67 20.13 -1.31
CA GLY C 122 7.57 20.97 -2.13
C GLY C 122 8.40 21.90 -1.27
N GLY C 123 9.59 22.29 -1.77
CA GLY C 123 10.47 23.20 -1.02
C GLY C 123 10.28 24.64 -1.46
N SER C 124 11.31 25.24 -2.07
CA SER C 124 11.23 26.66 -2.49
C SER C 124 10.09 26.83 -3.50
N ASP C 125 9.04 27.55 -3.14
CA ASP C 125 7.87 27.67 -4.04
C ASP C 125 7.16 29.02 -3.84
N ILE C 126 7.81 30.13 -4.23
CA ILE C 126 7.07 31.42 -4.14
C ILE C 126 5.83 31.23 -5.03
N GLN C 127 4.63 31.44 -4.49
CA GLN C 127 3.40 31.16 -5.28
C GLN C 127 2.99 32.42 -6.06
N MET C 128 2.51 32.22 -7.29
CA MET C 128 2.04 33.38 -8.09
C MET C 128 0.62 33.07 -8.61
N THR C 129 -0.35 33.94 -8.29
CA THR C 129 -1.75 33.69 -8.69
C THR C 129 -2.19 34.74 -9.69
N GLN C 130 -2.63 34.32 -10.88
CA GLN C 130 -3.17 35.27 -11.87
C GLN C 130 -4.56 35.69 -11.39
N SER C 131 -5.08 36.83 -11.88
CA SER C 131 -6.38 37.33 -11.34
C SER C 131 -7.56 36.92 -12.25
N PRO C 132 -7.76 37.51 -13.46
CA PRO C 132 -8.92 37.16 -14.25
C PRO C 132 -8.69 35.77 -14.77
N SER C 133 -9.57 34.83 -14.43
CA SER C 133 -9.37 33.42 -14.85
C SER C 133 -9.69 33.29 -16.33
N SER C 134 -10.69 34.02 -16.82
CA SER C 134 -11.04 34.00 -18.26
C SER C 134 -11.57 35.38 -18.67
N LEU C 135 -11.37 35.77 -19.93
CA LEU C 135 -11.84 37.08 -20.41
C LEU C 135 -12.26 36.94 -21.88
N SER C 136 -13.48 37.37 -22.22
CA SER C 136 -13.95 37.32 -23.63
C SER C 136 -14.25 38.74 -24.11
N ALA C 137 -13.75 39.13 -25.28
CA ALA C 137 -13.94 40.52 -25.77
C ALA C 137 -14.04 40.54 -27.28
N SER C 138 -13.96 41.74 -27.88
CA SER C 138 -14.12 41.86 -29.36
C SER C 138 -12.94 42.62 -29.96
N VAL C 139 -12.81 42.59 -31.29
CA VAL C 139 -11.65 43.23 -31.95
C VAL C 139 -11.62 44.72 -31.57
N GLY C 140 -10.44 45.25 -31.25
CA GLY C 140 -10.31 46.68 -30.90
C GLY C 140 -10.76 46.98 -29.49
N ASP C 141 -10.49 46.06 -28.55
CA ASP C 141 -10.84 46.31 -27.12
C ASP C 141 -9.56 46.36 -26.27
N ARG C 142 -9.57 47.14 -25.19
CA ARG C 142 -8.39 47.21 -24.28
C ARG C 142 -8.63 46.25 -23.10
N VAL C 143 -7.69 45.34 -22.84
CA VAL C 143 -7.88 44.33 -21.75
C VAL C 143 -6.77 44.49 -20.71
N THR C 144 -7.01 44.02 -19.48
CA THR C 144 -6.02 44.17 -18.39
C THR C 144 -5.96 42.89 -17.59
N ILE C 145 -4.77 42.30 -17.45
CA ILE C 145 -4.60 41.06 -16.64
C ILE C 145 -3.75 41.43 -15.41
N THR C 146 -3.85 40.66 -14.32
CA THR C 146 -3.13 41.01 -13.09
C THR C 146 -2.42 39.79 -12.55
N ALA C 147 -1.21 39.98 -12.01
CA ALA C 147 -0.45 38.85 -11.39
C ALA C 147 -0.05 39.23 -9.96
N ARG C 148 -0.28 38.33 -9.01
CA ARG C 148 0.05 38.58 -7.62
C ARG C 148 1.04 37.54 -7.13
N ALA C 149 2.06 37.99 -6.42
CA ALA C 149 3.12 37.12 -5.93
C ALA C 149 3.07 37.02 -4.41
N SER C 150 3.51 35.87 -3.89
CA SER C 150 3.44 35.64 -2.46
C SER C 150 4.39 36.55 -1.69
N GLN C 151 5.64 36.65 -2.12
CA GLN C 151 6.63 37.51 -1.50
C GLN C 151 7.17 38.49 -2.52
N SER C 152 7.96 39.43 -2.04
CA SER C 152 8.45 40.50 -2.90
C SER C 152 9.46 39.94 -3.90
N ILE C 153 9.17 40.13 -5.18
CA ILE C 153 10.13 39.85 -6.25
C ILE C 153 10.28 41.14 -7.05
N GLY C 154 11.47 41.72 -7.03
CA GLY C 154 11.68 43.07 -7.52
C GLY C 154 12.07 43.01 -8.99
N LEU C 155 11.18 43.47 -9.86
CA LEU C 155 11.47 43.72 -11.26
C LEU C 155 11.93 42.47 -12.01
N TYR C 156 11.68 41.28 -11.49
CA TYR C 156 12.08 40.05 -12.16
C TYR C 156 10.80 39.30 -12.51
N LEU C 157 10.23 39.62 -13.67
CA LEU C 157 8.99 39.00 -14.10
C LEU C 157 8.93 39.01 -15.61
N ALA C 158 8.26 38.01 -16.17
CA ALA C 158 8.13 37.93 -17.62
C ALA C 158 6.81 37.27 -17.97
N TRP C 159 6.33 37.56 -19.18
CA TRP C 159 5.06 37.04 -19.66
C TRP C 159 5.28 36.25 -20.93
N TYR C 160 4.45 35.22 -21.13
CA TYR C 160 4.51 34.37 -22.30
C TYR C 160 3.14 34.25 -22.94
N GLN C 161 3.13 33.88 -24.22
CA GLN C 161 1.91 33.68 -24.98
C GLN C 161 1.93 32.31 -25.61
N GLN C 162 0.88 31.53 -25.39
CA GLN C 162 0.79 30.17 -25.91
C GLN C 162 -0.40 30.07 -26.85
N LYS C 163 -0.14 29.79 -28.11
CA LYS C 163 -1.19 29.50 -29.06
C LYS C 163 -1.86 28.18 -28.69
N PRO C 164 -3.10 27.96 -29.13
CA PRO C 164 -3.82 26.75 -28.71
C PRO C 164 -3.12 25.45 -29.09
N GLY C 165 -2.34 25.44 -30.16
CA GLY C 165 -1.72 24.20 -30.60
C GLY C 165 -0.22 24.13 -30.44
N LYS C 166 0.46 25.28 -30.59
CA LYS C 166 1.90 25.30 -30.65
C LYS C 166 2.51 25.58 -29.27
N ALA C 167 3.83 25.59 -29.23
CA ALA C 167 4.59 25.88 -28.02
C ALA C 167 4.52 27.37 -27.69
N PRO C 168 4.65 27.74 -26.42
CA PRO C 168 4.64 29.16 -26.05
C PRO C 168 5.63 29.97 -26.87
N LYS C 169 6.91 29.63 -26.73
CA LYS C 169 7.96 30.06 -27.63
C LYS C 169 8.00 31.57 -27.87
N LEU C 170 7.30 32.34 -27.06
CA LEU C 170 7.26 33.79 -27.23
C LEU C 170 7.28 34.43 -25.86
N LEU C 171 8.47 34.80 -25.41
CA LEU C 171 8.54 35.80 -24.35
C LEU C 171 8.18 37.15 -24.96
N ILE C 172 7.68 38.05 -24.12
CA ILE C 172 7.25 39.34 -24.64
C ILE C 172 7.95 40.46 -23.88
N TYR C 173 8.31 40.22 -22.62
CA TYR C 173 8.99 41.19 -21.78
C TYR C 173 10.22 40.58 -21.14
N ALA C 174 11.40 41.11 -21.49
CA ALA C 174 12.63 40.61 -20.92
C ALA C 174 12.62 40.74 -19.41
N ALA C 175 12.66 41.97 -18.92
CA ALA C 175 12.36 42.28 -17.53
C ALA C 175 10.93 42.80 -17.50
N SER C 176 10.52 43.34 -16.38
CA SER C 176 9.23 44.01 -16.36
C SER C 176 9.20 45.17 -17.35
N SER C 177 8.36 45.06 -18.38
CA SER C 177 8.16 46.11 -19.37
C SER C 177 9.42 46.41 -20.19
N LEU C 178 9.88 45.39 -20.92
CA LEU C 178 10.94 45.57 -21.91
C LEU C 178 10.71 44.56 -23.02
N GLN C 179 10.28 45.04 -24.19
CA GLN C 179 9.90 44.16 -25.28
C GLN C 179 11.08 43.36 -25.81
N SER C 180 10.79 42.18 -26.36
CA SER C 180 11.80 41.28 -26.88
C SER C 180 12.08 41.49 -28.36
N GLY C 181 11.93 42.72 -28.84
CA GLY C 181 12.23 43.03 -30.23
C GLY C 181 11.08 42.99 -31.21
N VAL C 182 10.47 41.83 -31.40
CA VAL C 182 9.53 41.64 -32.50
C VAL C 182 8.16 42.28 -32.26
N PRO C 183 7.45 41.97 -31.17
CA PRO C 183 6.06 42.44 -31.07
C PRO C 183 5.98 43.94 -30.83
N SER C 184 4.79 44.49 -31.05
CA SER C 184 4.52 45.89 -30.80
C SER C 184 3.22 46.03 -30.00
N ARG C 185 2.85 47.29 -29.71
CA ARG C 185 1.59 47.70 -29.12
C ARG C 185 1.30 47.04 -27.76
N PHE C 186 2.28 46.35 -27.18
CA PHE C 186 2.10 45.72 -25.88
C PHE C 186 2.72 46.60 -24.79
N SER C 187 2.24 46.41 -23.57
CA SER C 187 2.73 47.20 -22.45
C SER C 187 2.59 46.40 -21.16
N GLY C 188 3.41 46.77 -20.18
CA GLY C 188 3.36 46.18 -18.86
C GLY C 188 3.99 47.13 -17.88
N SER C 189 3.75 46.88 -16.60
CA SER C 189 4.29 47.73 -15.55
C SER C 189 4.04 47.05 -14.21
N GLY C 190 4.51 47.68 -13.14
CA GLY C 190 4.37 47.18 -11.80
C GLY C 190 5.72 46.92 -11.15
N SER C 191 5.68 46.80 -9.82
CA SER C 191 6.89 46.52 -9.05
C SER C 191 6.48 45.92 -7.72
N GLY C 192 7.42 45.23 -7.09
CA GLY C 192 7.11 44.63 -5.80
C GLY C 192 6.18 43.45 -5.95
N THR C 193 5.01 43.55 -5.33
CA THR C 193 4.13 42.39 -5.22
C THR C 193 3.26 42.19 -6.46
N ASP C 194 2.70 43.26 -7.00
CA ASP C 194 1.70 43.16 -8.05
C ASP C 194 2.19 43.70 -9.39
N PHE C 195 1.64 43.16 -10.47
CA PHE C 195 2.04 43.54 -11.82
C PHE C 195 0.82 43.51 -12.73
N THR C 196 0.94 44.17 -13.89
CA THR C 196 -0.20 44.40 -14.75
C THR C 196 0.19 44.30 -16.21
N LEU C 197 -0.66 43.65 -17.01
CA LEU C 197 -0.50 43.52 -18.45
C LEU C 197 -1.75 44.08 -19.14
N THR C 198 -1.56 45.00 -20.07
CA THR C 198 -2.66 45.63 -20.78
C THR C 198 -2.38 45.67 -22.28
N ILE C 199 -3.40 45.41 -23.09
CA ILE C 199 -3.32 45.50 -24.54
C ILE C 199 -4.15 46.69 -24.99
N SER C 200 -3.59 47.52 -25.88
CA SER C 200 -4.28 48.71 -26.34
C SER C 200 -5.57 48.36 -27.07
N SER C 201 -5.49 47.49 -28.07
CA SER C 201 -6.65 47.12 -28.87
C SER C 201 -6.42 45.75 -29.47
N LEU C 202 -7.38 44.85 -29.29
CA LEU C 202 -7.20 43.47 -29.71
C LEU C 202 -7.09 43.36 -31.22
N GLN C 203 -6.53 42.24 -31.65
CA GLN C 203 -6.37 41.87 -33.04
C GLN C 203 -6.76 40.41 -33.19
N PRO C 204 -7.07 39.96 -34.41
CA PRO C 204 -7.54 38.57 -34.56
C PRO C 204 -6.56 37.53 -34.07
N GLU C 205 -5.26 37.79 -34.16
CA GLU C 205 -4.28 36.79 -33.75
C GLU C 205 -4.14 36.72 -32.23
N ASP C 206 -4.51 37.77 -31.51
CA ASP C 206 -4.31 37.82 -30.06
C ASP C 206 -5.47 37.15 -29.33
N PHE C 207 -5.66 35.87 -29.62
CA PHE C 207 -6.69 35.05 -28.97
C PHE C 207 -6.04 33.75 -28.55
N ALA C 208 -5.53 33.72 -27.32
CA ALA C 208 -4.81 32.58 -26.79
C ALA C 208 -4.85 32.67 -25.27
N THR C 209 -4.00 31.89 -24.61
CA THR C 209 -3.85 31.98 -23.17
C THR C 209 -2.43 32.42 -22.84
N TYR C 210 -2.29 33.24 -21.81
CA TYR C 210 -1.01 33.84 -21.44
C TYR C 210 -0.47 33.17 -20.18
N TYR C 211 0.68 33.66 -19.72
CA TYR C 211 1.37 33.08 -18.57
C TYR C 211 2.33 34.11 -18.01
N CYS C 212 2.81 33.85 -16.79
CA CYS C 212 3.77 34.73 -16.15
C CYS C 212 4.65 33.90 -15.24
N GLN C 213 5.95 34.18 -15.26
CA GLN C 213 6.89 33.50 -14.40
C GLN C 213 7.69 34.52 -13.60
N GLN C 214 8.38 34.03 -12.58
CA GLN C 214 9.28 34.84 -11.78
C GLN C 214 10.70 34.31 -11.90
N GLY C 215 11.66 35.14 -11.50
CA GLY C 215 13.04 34.77 -11.65
C GLY C 215 13.92 35.18 -10.48
N ASN C 216 13.35 35.25 -9.29
CA ASN C 216 14.09 35.65 -8.10
C ASN C 216 14.74 34.46 -7.40
N THR C 217 14.48 33.25 -7.87
CA THR C 217 15.06 32.05 -7.30
C THR C 217 15.39 31.09 -8.42
N LEU C 218 16.44 30.30 -8.23
CA LEU C 218 16.84 29.38 -9.29
C LEU C 218 15.79 28.31 -9.54
N SER C 219 14.88 28.10 -8.60
CA SER C 219 13.74 27.22 -8.84
C SER C 219 12.60 28.06 -9.39
N TYR C 220 12.58 28.25 -10.70
CA TYR C 220 11.55 29.12 -11.33
C TYR C 220 10.16 28.55 -11.13
N THR C 221 9.16 29.41 -11.03
CA THR C 221 7.77 28.97 -10.81
C THR C 221 6.87 29.69 -11.78
N PHE C 222 6.17 28.96 -12.64
CA PHE C 222 5.28 29.59 -13.67
C PHE C 222 3.94 29.92 -13.02
N GLY C 223 3.10 30.69 -13.71
CA GLY C 223 1.81 31.10 -13.16
C GLY C 223 0.79 29.98 -13.24
N GLN C 224 -0.25 30.04 -12.40
CA GLN C 224 -1.29 28.98 -12.36
C GLN C 224 -2.29 29.21 -13.50
N GLY C 225 -1.84 29.03 -14.74
CA GLY C 225 -2.72 29.35 -15.87
C GLY C 225 -2.86 30.85 -15.94
N THR C 226 -3.64 31.37 -16.89
CA THR C 226 -3.89 32.82 -16.95
C THR C 226 -5.13 33.05 -17.76
N LYS C 227 -5.67 34.27 -17.71
CA LYS C 227 -6.91 34.59 -18.46
C LYS C 227 -6.80 34.02 -19.88
N VAL C 228 -7.84 33.29 -20.31
CA VAL C 228 -7.85 32.77 -21.70
C VAL C 228 -8.62 33.78 -22.57
N GLU C 229 -7.91 34.71 -23.20
CA GLU C 229 -8.58 35.70 -24.09
C GLU C 229 -9.27 34.93 -25.22
N ILE C 230 -10.59 35.12 -25.39
CA ILE C 230 -11.35 34.34 -26.41
C ILE C 230 -12.31 35.27 -27.16
N LYS C 231 -13.00 34.74 -28.18
CA LYS C 231 -13.97 35.53 -28.97
C LYS C 231 -13.36 36.91 -29.30
N GLU D 18 16.76 32.06 -36.38
CA GLU D 18 17.48 31.02 -37.10
C GLU D 18 17.73 29.83 -36.17
N VAL D 19 17.77 30.10 -34.87
CA VAL D 19 17.98 29.02 -33.91
C VAL D 19 16.82 28.05 -33.98
N GLN D 20 17.13 26.76 -33.82
CA GLN D 20 16.15 25.70 -34.00
C GLN D 20 16.29 24.67 -32.90
N LEU D 21 15.17 24.06 -32.54
CA LEU D 21 15.14 22.96 -31.59
C LEU D 21 14.21 21.87 -32.13
N VAL D 22 14.73 20.65 -32.23
CA VAL D 22 13.97 19.54 -32.76
C VAL D 22 14.01 18.39 -31.76
N GLN D 23 12.84 17.79 -31.53
CA GLN D 23 12.71 16.68 -30.60
C GLN D 23 12.23 15.45 -31.35
N SER D 24 12.32 14.30 -30.68
CA SER D 24 11.84 13.06 -31.27
C SER D 24 10.31 13.03 -31.29
N GLY D 25 9.77 12.04 -32.00
CA GLY D 25 8.33 11.94 -32.16
C GLY D 25 7.64 11.34 -30.96
N ALA D 26 6.32 11.54 -30.92
CA ALA D 26 5.51 11.10 -29.79
C ALA D 26 5.44 9.58 -29.74
N GLU D 27 5.05 9.05 -28.59
CA GLU D 27 4.95 7.61 -28.40
C GLU D 27 4.11 7.29 -27.17
N VAL D 28 3.72 6.03 -27.05
CA VAL D 28 2.85 5.60 -25.91
C VAL D 28 3.43 4.32 -25.31
N LYS D 29 3.58 4.29 -23.98
CA LYS D 29 4.12 3.10 -23.29
C LYS D 29 3.22 2.73 -22.10
N LYS D 30 3.07 1.44 -21.82
CA LYS D 30 2.27 0.97 -20.65
C LYS D 30 3.16 1.14 -19.42
N PRO D 31 2.68 0.96 -18.15
CA PRO D 31 3.56 1.20 -17.01
C PRO D 31 4.82 0.41 -17.35
N GLY D 32 5.98 1.08 -17.34
CA GLY D 32 7.23 0.45 -17.78
C GLY D 32 8.42 1.18 -17.19
N GLU D 33 9.63 0.66 -17.36
CA GLU D 33 10.79 1.28 -16.66
C GLU D 33 11.67 2.18 -17.53
N SER D 34 11.38 2.37 -18.82
CA SER D 34 12.36 3.20 -19.58
C SER D 34 11.77 4.07 -20.69
N LEU D 35 12.27 5.30 -20.83
CA LEU D 35 11.88 6.16 -21.97
C LEU D 35 13.00 7.19 -22.13
N LYS D 36 13.38 7.54 -23.36
CA LYS D 36 14.39 8.61 -23.56
C LYS D 36 13.85 9.62 -24.56
N ILE D 37 13.91 10.91 -24.23
CA ILE D 37 13.47 11.96 -25.21
C ILE D 37 14.70 12.77 -25.58
N SER D 38 14.97 12.94 -26.87
CA SER D 38 16.21 13.65 -27.30
C SER D 38 15.85 15.03 -27.84
N CYS D 39 16.61 16.06 -27.43
CA CYS D 39 16.38 17.40 -27.94
C CYS D 39 17.62 17.81 -28.70
N LYS D 40 17.46 18.09 -29.99
CA LYS D 40 18.57 18.47 -30.86
C LYS D 40 18.37 19.90 -31.34
N GLY D 41 19.41 20.71 -31.21
CA GLY D 41 19.36 22.09 -31.66
C GLY D 41 20.62 22.45 -32.42
N SER D 42 20.44 23.36 -33.37
CA SER D 42 21.56 23.81 -34.18
C SER D 42 21.31 25.23 -34.65
N GLY D 43 22.40 25.88 -35.08
CA GLY D 43 22.37 27.28 -35.44
C GLY D 43 23.14 28.18 -34.49
N TYR D 44 23.67 27.63 -33.41
CA TYR D 44 24.48 28.40 -32.48
C TYR D 44 25.49 27.46 -31.83
N SER D 45 26.28 28.02 -30.91
CA SER D 45 27.39 27.27 -30.34
C SER D 45 26.93 26.03 -29.59
N PHE D 46 25.84 26.15 -28.83
CA PHE D 46 25.27 25.07 -28.02
C PHE D 46 26.15 24.73 -26.82
N THR D 47 27.34 25.31 -26.76
CA THR D 47 28.23 25.09 -25.62
C THR D 47 28.32 26.31 -24.73
N ASN D 48 27.51 27.33 -24.97
CA ASN D 48 27.50 28.52 -24.15
C ASN D 48 26.14 28.83 -23.53
N TYR D 49 25.15 27.98 -23.73
CA TYR D 49 23.82 28.25 -23.22
C TYR D 49 23.27 27.03 -22.50
N TRP D 50 22.58 27.28 -21.40
CA TRP D 50 21.93 26.22 -20.66
C TRP D 50 20.70 25.71 -21.41
N VAL D 51 20.24 24.53 -21.03
CA VAL D 51 19.06 23.92 -21.63
C VAL D 51 18.16 23.46 -20.49
N GLY D 52 16.87 23.78 -20.59
CA GLY D 52 15.93 23.43 -19.53
C GLY D 52 14.76 22.61 -20.03
N TRP D 53 14.00 22.02 -19.11
CA TRP D 53 12.91 21.12 -19.47
C TRP D 53 11.64 21.55 -18.75
N VAL D 54 10.54 21.61 -19.48
CA VAL D 54 9.25 22.04 -18.94
C VAL D 54 8.18 21.05 -19.36
N ARG D 55 7.27 20.73 -18.45
CA ARG D 55 6.20 19.77 -18.68
C ARG D 55 4.84 20.44 -18.48
N GLN D 56 3.92 20.21 -19.39
CA GLN D 56 2.56 20.74 -19.30
C GLN D 56 1.57 19.59 -19.30
N MET D 57 0.83 19.44 -18.21
CA MET D 57 -0.22 18.44 -18.13
C MET D 57 -1.41 18.88 -18.98
N PRO D 58 -2.25 17.93 -19.41
CA PRO D 58 -3.33 18.28 -20.34
C PRO D 58 -4.29 19.32 -19.75
N GLY D 59 -4.40 20.44 -20.45
CA GLY D 59 -5.29 21.52 -20.03
C GLY D 59 -4.92 22.13 -18.70
N LYS D 60 -3.63 22.20 -18.37
CA LYS D 60 -3.18 22.73 -17.09
C LYS D 60 -2.06 23.73 -17.33
N GLY D 61 -1.52 24.25 -16.23
CA GLY D 61 -0.40 25.15 -16.30
C GLY D 61 0.91 24.42 -16.54
N LEU D 62 1.98 25.20 -16.62
CA LEU D 62 3.28 24.64 -16.88
C LEU D 62 4.00 24.30 -15.57
N GLU D 63 5.01 23.45 -15.68
CA GLU D 63 5.82 23.07 -14.52
C GLU D 63 7.28 23.01 -14.92
N TRP D 64 8.17 23.28 -13.97
CA TRP D 64 9.60 23.27 -14.21
C TRP D 64 10.23 22.02 -13.63
N MET D 65 11.25 21.50 -14.31
CA MET D 65 12.00 20.37 -13.77
C MET D 65 13.46 20.72 -13.46
N GLY D 66 14.23 21.20 -14.42
CA GLY D 66 15.63 21.43 -14.15
C GLY D 66 16.33 21.92 -15.40
N PHE D 67 17.65 22.10 -15.27
CA PHE D 67 18.46 22.57 -16.37
C PHE D 67 19.86 22.00 -16.27
N ILE D 68 20.57 22.02 -17.39
CA ILE D 68 21.90 21.46 -17.49
C ILE D 68 22.80 22.45 -18.24
N ASP D 69 24.09 22.38 -17.95
CA ASP D 69 25.08 23.18 -18.66
C ASP D 69 25.93 22.25 -19.49
N PRO D 70 25.84 22.30 -20.83
CA PRO D 70 26.57 21.32 -21.64
C PRO D 70 28.08 21.41 -21.50
N SER D 71 28.60 22.53 -21.02
CA SER D 71 30.05 22.71 -20.99
C SER D 71 30.73 21.66 -20.14
N ASP D 72 30.27 21.48 -18.89
CA ASP D 72 30.89 20.51 -17.99
C ASP D 72 29.88 19.63 -17.26
N SER D 73 28.63 19.58 -17.73
CA SER D 73 27.65 18.62 -17.24
C SER D 73 27.33 18.83 -15.77
N TYR D 74 27.11 20.08 -15.38
CA TYR D 74 26.61 20.40 -14.05
C TYR D 74 25.09 20.54 -14.12
N THR D 75 24.38 19.88 -13.20
CA THR D 75 22.94 19.76 -13.29
C THR D 75 22.28 20.21 -12.00
N ASN D 76 21.12 20.85 -12.13
CA ASN D 76 20.33 21.29 -11.00
C ASN D 76 18.88 20.89 -11.21
N TYR D 77 18.22 20.40 -10.17
CA TYR D 77 16.90 19.84 -10.29
C TYR D 77 15.93 20.54 -9.35
N ALA D 78 14.65 20.50 -9.70
CA ALA D 78 13.61 20.78 -8.74
C ALA D 78 13.49 19.60 -7.78
N ASP D 79 12.95 19.86 -6.59
CA ASP D 79 12.93 18.82 -5.56
C ASP D 79 12.09 17.63 -5.97
N SER D 80 10.94 17.87 -6.60
CA SER D 80 9.98 16.80 -6.85
C SER D 80 10.54 15.77 -7.82
N VAL D 81 11.08 16.23 -8.96
CA VAL D 81 11.46 15.31 -10.01
C VAL D 81 12.72 14.53 -9.66
N LYS D 82 13.50 14.99 -8.70
CA LYS D 82 14.75 14.32 -8.37
C LYS D 82 14.48 12.90 -7.87
N GLY D 83 15.36 11.98 -8.23
CA GLY D 83 15.24 10.60 -7.82
C GLY D 83 14.49 9.72 -8.79
N ARG D 84 13.86 10.28 -9.81
CA ARG D 84 13.17 9.49 -10.81
C ARG D 84 13.46 9.96 -12.23
N PHE D 85 14.26 11.00 -12.40
CA PHE D 85 14.63 11.52 -13.71
C PHE D 85 16.13 11.81 -13.71
N THR D 86 16.72 11.82 -14.90
CA THR D 86 18.10 12.24 -15.07
C THR D 86 18.22 13.06 -16.34
N ILE D 87 19.22 13.93 -16.38
CA ILE D 87 19.47 14.82 -17.51
C ILE D 87 20.94 14.72 -17.89
N SER D 88 21.21 14.54 -19.18
CA SER D 88 22.57 14.48 -19.67
C SER D 88 22.60 14.95 -21.11
N ALA D 89 23.79 15.31 -21.57
CA ALA D 89 23.94 15.84 -22.92
C ALA D 89 25.32 15.49 -23.46
N ASP D 90 25.43 15.50 -24.79
CA ASP D 90 26.66 15.20 -25.51
C ASP D 90 26.97 16.36 -26.45
N LYS D 91 28.17 16.91 -26.32
CA LYS D 91 28.55 18.05 -27.17
C LYS D 91 28.68 17.67 -28.63
N SER D 92 29.30 16.51 -28.90
CA SER D 92 29.70 16.16 -30.27
C SER D 92 28.50 16.15 -31.21
N ILE D 93 27.32 15.77 -30.71
CA ILE D 93 26.13 15.68 -31.55
C ILE D 93 25.22 16.88 -31.36
N SER D 94 25.49 17.74 -30.37
CA SER D 94 24.61 18.85 -30.03
C SER D 94 23.21 18.35 -29.68
N THR D 95 23.17 17.55 -28.61
CA THR D 95 21.93 16.89 -28.20
C THR D 95 21.86 16.88 -26.68
N ALA D 96 20.63 16.91 -26.17
CA ALA D 96 20.36 16.76 -24.74
C ALA D 96 19.34 15.66 -24.54
N TYR D 97 19.45 14.94 -23.43
CA TYR D 97 18.62 13.78 -23.18
C TYR D 97 17.90 13.89 -21.85
N LEU D 98 16.64 13.50 -21.84
CA LEU D 98 15.86 13.35 -20.62
C LEU D 98 15.41 11.91 -20.52
N GLN D 99 15.53 11.32 -19.33
CA GLN D 99 15.26 9.90 -19.15
C GLN D 99 14.32 9.68 -17.98
N MET D 100 13.39 8.75 -18.15
CA MET D 100 12.44 8.35 -17.13
C MET D 100 12.81 6.96 -16.64
N ASN D 101 12.84 6.77 -15.32
CA ASN D 101 13.27 5.48 -14.78
C ASN D 101 12.10 4.61 -14.33
N CYS D 102 11.04 5.20 -13.81
CA CYS D 102 9.76 4.54 -13.58
C CYS D 102 8.62 5.29 -14.24
N LEU D 103 8.31 4.95 -15.49
CA LEU D 103 7.09 5.46 -16.07
C LEU D 103 5.90 4.89 -15.33
N THR D 104 4.84 5.69 -15.23
CA THR D 104 3.66 5.32 -14.47
C THR D 104 2.46 6.11 -14.97
N ALA D 105 1.31 5.84 -14.39
CA ALA D 105 0.12 6.60 -14.71
C ALA D 105 0.27 8.03 -14.24
N SER D 106 -0.65 8.88 -14.68
CA SER D 106 -0.75 10.30 -14.38
C SER D 106 0.51 11.07 -14.75
N ASP D 107 1.47 10.45 -15.45
CA ASP D 107 2.62 11.16 -15.98
C ASP D 107 2.45 11.50 -17.44
N THR D 108 1.26 11.28 -18.00
CA THR D 108 1.01 11.61 -19.39
C THR D 108 0.86 13.12 -19.53
N ALA D 109 1.72 13.72 -20.35
CA ALA D 109 1.72 15.17 -20.53
C ALA D 109 2.63 15.52 -21.69
N MET D 110 2.53 16.77 -22.13
CA MET D 110 3.37 17.28 -23.20
C MET D 110 4.71 17.70 -22.59
N TYR D 111 5.80 17.44 -23.32
CA TYR D 111 7.13 17.75 -22.82
C TYR D 111 7.86 18.67 -23.78
N TYR D 112 8.57 19.66 -23.23
CA TYR D 112 9.29 20.63 -24.04
C TYR D 112 10.75 20.72 -23.59
N CYS D 113 11.62 21.08 -24.52
CA CYS D 113 12.98 21.50 -24.23
C CYS D 113 13.14 22.92 -24.73
N ALA D 114 13.80 23.77 -23.94
CA ALA D 114 13.90 25.19 -24.28
C ALA D 114 15.31 25.71 -24.00
N ARG D 115 15.86 26.44 -24.95
CA ARG D 115 17.09 27.18 -24.69
C ARG D 115 16.78 28.44 -23.90
N GLU D 116 17.75 28.91 -23.13
CA GLU D 116 17.54 30.02 -22.21
C GLU D 116 18.72 30.97 -22.26
N LEU D 117 18.49 32.18 -22.78
CA LEU D 117 19.53 33.20 -22.85
C LEU D 117 19.54 33.93 -21.51
N TYR D 118 20.53 33.64 -20.69
CA TYR D 118 20.45 33.86 -19.26
C TYR D 118 21.57 34.77 -18.77
N GLN D 119 21.19 35.80 -18.02
CA GLN D 119 22.09 36.44 -17.08
C GLN D 119 21.24 37.00 -15.95
N GLY D 120 21.86 37.84 -15.12
CA GLY D 120 21.17 38.30 -13.92
C GLY D 120 19.88 39.03 -14.23
N TYR D 121 19.93 39.96 -15.16
CA TYR D 121 18.80 40.84 -15.43
C TYR D 121 18.93 41.32 -16.87
N MET D 122 17.81 41.81 -17.42
CA MET D 122 17.80 42.40 -18.74
C MET D 122 18.34 41.41 -19.79
N ASP D 123 17.56 40.35 -19.98
CA ASP D 123 17.85 39.44 -21.06
C ASP D 123 16.60 38.66 -21.44
N THR D 124 16.76 37.77 -22.40
CA THR D 124 15.66 36.98 -22.94
C THR D 124 15.71 35.60 -22.29
N PHE D 125 14.86 35.38 -21.28
CA PHE D 125 15.10 34.28 -20.37
C PHE D 125 14.80 32.92 -21.01
N ASP D 126 13.94 32.88 -22.04
CA ASP D 126 13.58 31.62 -22.68
C ASP D 126 13.35 31.77 -24.18
N SER D 127 13.61 30.70 -24.93
CA SER D 127 13.31 30.58 -26.35
C SER D 127 13.12 29.11 -26.70
N TRP D 128 11.88 28.71 -27.00
CA TRP D 128 11.44 27.34 -26.83
C TRP D 128 11.67 26.48 -28.08
N GLY D 129 11.09 25.28 -28.07
CA GLY D 129 11.21 24.31 -29.13
C GLY D 129 9.85 23.78 -29.56
N GLN D 130 9.80 22.54 -30.05
CA GLN D 130 8.55 22.03 -30.63
C GLN D 130 7.69 21.30 -29.60
N GLY D 131 8.23 20.26 -29.00
CA GLY D 131 7.45 19.54 -28.00
C GLY D 131 7.21 18.10 -28.40
N THR D 132 7.13 17.24 -27.38
CA THR D 132 6.92 15.82 -27.55
C THR D 132 5.79 15.37 -26.63
N LEU D 133 5.07 14.32 -27.03
CA LEU D 133 3.94 13.81 -26.28
C LEU D 133 4.20 12.38 -25.83
N VAL D 134 3.96 12.11 -24.56
CA VAL D 134 4.10 10.78 -23.98
C VAL D 134 2.79 10.42 -23.29
N THR D 135 2.25 9.24 -23.61
CA THR D 135 1.01 8.76 -23.04
C THR D 135 1.24 7.41 -22.36
N VAL D 136 0.78 7.28 -21.13
CA VAL D 136 1.01 6.02 -20.37
C VAL D 136 -0.32 5.28 -20.24
N SER D 137 -0.60 4.36 -21.16
CA SER D 137 -1.89 3.62 -21.14
C SER D 137 -1.86 2.56 -20.05
N SER D 138 -2.94 2.45 -19.28
CA SER D 138 -3.02 1.39 -18.24
C SER D 138 -3.01 0.01 -18.90
N GLY D 139 -3.72 -0.13 -20.02
CA GLY D 139 -3.82 -1.43 -20.70
C GLY D 139 -5.19 -2.04 -20.47
N GLY D 140 -5.67 -2.84 -21.43
CA GLY D 140 -7.02 -3.42 -21.33
C GLY D 140 -7.15 -4.35 -20.13
N GLY D 141 -8.27 -4.28 -19.41
CA GLY D 141 -8.50 -5.18 -18.26
C GLY D 141 -9.90 -5.75 -18.27
N GLY D 142 -10.69 -5.46 -17.24
CA GLY D 142 -12.09 -5.93 -17.18
C GLY D 142 -12.18 -7.45 -17.27
N SER D 143 -13.23 -7.96 -17.90
CA SER D 143 -13.41 -9.43 -18.05
C SER D 143 -13.36 -10.10 -16.68
N ASP D 144 -13.89 -9.44 -15.64
CA ASP D 144 -13.86 -10.00 -14.27
C ASP D 144 -15.27 -10.03 -13.69
N ILE D 145 -15.74 -11.19 -13.24
CA ILE D 145 -17.08 -11.27 -12.60
C ILE D 145 -17.08 -10.30 -11.41
N VAL D 146 -18.05 -9.39 -11.34
CA VAL D 146 -18.10 -8.38 -10.25
C VAL D 146 -19.10 -8.85 -9.17
N LEU D 147 -18.75 -8.66 -7.90
CA LEU D 147 -19.63 -9.10 -6.79
C LEU D 147 -20.14 -7.85 -6.06
N THR D 148 -21.44 -7.82 -5.75
CA THR D 148 -22.04 -6.64 -5.10
C THR D 148 -22.78 -7.05 -3.86
N GLN D 149 -22.34 -6.58 -2.68
CA GLN D 149 -23.08 -6.87 -1.42
C GLN D 149 -24.36 -6.02 -1.43
N SER D 150 -25.30 -6.28 -0.53
CA SER D 150 -26.59 -5.53 -0.61
C SER D 150 -26.95 -4.82 0.69
N PRO D 151 -27.33 -5.52 1.80
CA PRO D 151 -27.78 -4.81 2.98
C PRO D 151 -26.64 -4.19 3.75
N ALA D 152 -25.98 -3.19 3.15
CA ALA D 152 -24.81 -2.55 3.79
C ALA D 152 -25.22 -1.99 5.16
N THR D 153 -24.33 -2.11 6.15
CA THR D 153 -24.59 -1.54 7.50
C THR D 153 -25.93 -2.02 8.02
N LEU D 154 -26.14 -3.32 8.12
CA LEU D 154 -27.39 -3.85 8.71
C LEU D 154 -27.33 -3.65 10.24
N SER D 155 -28.45 -3.25 10.85
CA SER D 155 -28.48 -3.03 12.33
C SER D 155 -29.53 -3.94 12.96
N LEU D 156 -29.15 -4.69 13.99
CA LEU D 156 -30.10 -5.66 14.60
C LEU D 156 -29.91 -5.71 16.12
N SER D 157 -30.75 -6.49 16.82
CA SER D 157 -30.64 -6.65 18.30
C SER D 157 -30.48 -8.13 18.63
N PRO D 158 -29.71 -8.50 19.69
CA PRO D 158 -29.49 -9.90 19.99
C PRO D 158 -30.82 -10.66 20.03
N GLY D 159 -30.95 -11.70 19.21
CA GLY D 159 -32.16 -12.54 19.24
C GLY D 159 -32.87 -12.62 17.91
N GLU D 160 -32.34 -11.98 16.85
CA GLU D 160 -33.09 -11.98 15.56
C GLU D 160 -32.20 -12.48 14.42
N ARG D 161 -32.72 -12.50 13.19
CA ARG D 161 -31.97 -13.08 12.05
C ARG D 161 -31.18 -12.00 11.29
N ALA D 162 -30.26 -12.41 10.42
CA ALA D 162 -29.45 -11.47 9.64
C ALA D 162 -29.87 -11.38 8.17
N THR D 163 -29.76 -12.48 7.44
CA THR D 163 -30.18 -12.57 6.03
C THR D 163 -29.43 -11.55 5.17
N LEU D 164 -28.12 -11.77 5.05
CA LEU D 164 -27.33 -10.99 4.11
C LEU D 164 -27.58 -11.47 2.68
N SER D 165 -26.90 -10.83 1.72
CA SER D 165 -27.09 -11.18 0.32
C SER D 165 -25.86 -10.80 -0.49
N CYS D 166 -25.65 -11.53 -1.59
CA CYS D 166 -24.57 -11.31 -2.54
C CYS D 166 -25.08 -11.63 -3.93
N ARG D 167 -24.66 -10.83 -4.92
CA ARG D 167 -25.13 -11.02 -6.29
C ARG D 167 -23.99 -10.83 -7.26
N ALA D 168 -23.92 -11.67 -8.28
CA ALA D 168 -22.79 -11.71 -9.19
C ALA D 168 -23.20 -11.28 -10.60
N SER D 169 -22.18 -10.93 -11.39
CA SER D 169 -22.41 -10.45 -12.76
C SER D 169 -22.86 -11.60 -13.67
N GLN D 170 -22.17 -12.73 -13.62
CA GLN D 170 -22.45 -13.85 -14.50
C GLN D 170 -22.68 -15.11 -13.69
N SER D 171 -22.85 -16.23 -14.38
CA SER D 171 -23.11 -17.50 -13.74
C SER D 171 -21.80 -18.08 -13.20
N VAL D 172 -21.69 -18.19 -11.89
CA VAL D 172 -20.52 -18.82 -11.29
C VAL D 172 -20.66 -20.32 -11.44
N SER D 173 -19.70 -20.95 -12.11
CA SER D 173 -19.81 -22.34 -12.48
C SER D 173 -19.51 -23.26 -11.30
N SER D 174 -20.32 -24.30 -11.15
CA SER D 174 -20.09 -25.37 -10.19
C SER D 174 -20.16 -24.87 -8.74
N ASN D 175 -20.80 -23.73 -8.53
CA ASN D 175 -21.09 -23.22 -7.19
C ASN D 175 -19.81 -23.06 -6.38
N TYR D 176 -18.93 -22.20 -6.86
CA TYR D 176 -17.68 -21.88 -6.17
C TYR D 176 -17.86 -20.55 -5.46
N LEU D 177 -18.06 -20.59 -4.16
CA LEU D 177 -18.32 -19.36 -3.42
C LEU D 177 -17.99 -19.61 -1.96
N ALA D 178 -17.75 -18.53 -1.21
CA ALA D 178 -17.34 -18.68 0.18
C ALA D 178 -17.65 -17.41 0.95
N TRP D 179 -17.81 -17.56 2.26
CA TRP D 179 -18.11 -16.45 3.15
C TRP D 179 -17.13 -16.43 4.32
N TYR D 180 -16.57 -15.26 4.61
CA TYR D 180 -15.67 -15.08 5.73
C TYR D 180 -16.22 -14.05 6.70
N GLN D 181 -15.64 -14.00 7.90
CA GLN D 181 -15.84 -12.88 8.80
C GLN D 181 -14.50 -12.42 9.34
N GLN D 182 -14.44 -11.15 9.73
CA GLN D 182 -13.19 -10.55 10.20
C GLN D 182 -13.51 -9.63 11.37
N LYS D 183 -13.24 -10.10 12.58
CA LYS D 183 -13.32 -9.22 13.74
C LYS D 183 -12.22 -8.16 13.65
N PRO D 184 -12.41 -7.00 14.27
CA PRO D 184 -11.46 -5.90 14.08
C PRO D 184 -10.05 -6.28 14.49
N GLY D 185 -9.08 -5.85 13.69
CA GLY D 185 -7.68 -6.08 13.98
C GLY D 185 -7.27 -7.54 13.97
N GLN D 186 -7.78 -8.32 13.02
CA GLN D 186 -7.48 -9.74 12.98
C GLN D 186 -7.60 -10.23 11.54
N ALA D 187 -7.08 -11.44 11.32
CA ALA D 187 -7.20 -12.09 10.03
C ALA D 187 -8.60 -12.68 9.86
N PRO D 188 -9.06 -12.85 8.62
CA PRO D 188 -10.40 -13.40 8.40
C PRO D 188 -10.55 -14.84 8.86
N ARG D 189 -11.74 -15.40 8.73
CA ARG D 189 -12.02 -16.76 9.17
C ARG D 189 -13.06 -17.37 8.25
N LEU D 190 -12.87 -18.64 7.89
CA LEU D 190 -13.74 -19.30 6.94
C LEU D 190 -15.01 -19.78 7.62
N LEU D 191 -16.14 -19.61 6.95
CA LEU D 191 -17.43 -20.08 7.46
C LEU D 191 -18.09 -21.11 6.57
N ILE D 192 -18.24 -20.84 5.28
CA ILE D 192 -18.99 -21.68 4.36
C ILE D 192 -18.12 -21.87 3.12
N TYR D 193 -17.36 -22.97 3.07
CA TYR D 193 -16.33 -23.07 2.04
C TYR D 193 -16.93 -23.40 0.68
N ASP D 194 -17.92 -24.26 0.62
CA ASP D 194 -18.67 -24.42 -0.61
C ASP D 194 -19.88 -23.48 -0.52
N SER D 195 -20.81 -23.61 -1.45
CA SER D 195 -22.01 -22.78 -1.35
C SER D 195 -22.93 -23.22 -0.22
N SER D 196 -22.77 -24.45 0.28
CA SER D 196 -23.71 -24.96 1.27
C SER D 196 -23.02 -25.62 2.46
N SER D 197 -21.81 -26.12 2.27
CA SER D 197 -21.14 -26.89 3.32
C SER D 197 -20.75 -25.98 4.48
N ARG D 198 -20.13 -26.57 5.48
CA ARG D 198 -19.70 -25.84 6.67
C ARG D 198 -18.29 -26.24 7.04
N ALA D 199 -17.52 -25.30 7.57
CA ALA D 199 -16.22 -25.63 8.11
C ALA D 199 -16.39 -26.47 9.37
N THR D 200 -15.27 -26.90 9.95
CA THR D 200 -15.35 -27.80 11.08
C THR D 200 -15.87 -27.10 12.33
N GLY D 201 -15.33 -25.93 12.65
CA GLY D 201 -15.61 -25.32 13.93
C GLY D 201 -16.93 -24.58 14.03
N VAL D 202 -17.52 -24.21 12.90
CA VAL D 202 -18.68 -23.32 12.89
C VAL D 202 -19.86 -23.97 13.59
N PRO D 203 -20.70 -23.20 14.29
CA PRO D 203 -21.87 -23.78 14.93
C PRO D 203 -22.94 -24.15 13.92
N ALA D 204 -24.12 -24.55 14.41
CA ALA D 204 -25.17 -25.09 13.56
C ALA D 204 -26.27 -24.09 13.25
N ARG D 205 -26.00 -22.80 13.34
CA ARG D 205 -26.98 -21.79 12.98
C ARG D 205 -26.71 -21.12 11.65
N PHE D 206 -25.45 -20.95 11.27
CA PHE D 206 -25.12 -20.41 9.96
C PHE D 206 -25.58 -21.37 8.87
N SER D 207 -26.02 -20.82 7.74
CA SER D 207 -26.39 -21.63 6.59
C SER D 207 -26.53 -20.72 5.38
N GLY D 208 -26.06 -21.22 4.23
CA GLY D 208 -26.18 -20.49 2.98
C GLY D 208 -26.78 -21.37 1.91
N SER D 209 -27.22 -20.73 0.83
CA SER D 209 -27.88 -21.44 -0.24
C SER D 209 -27.79 -20.61 -1.51
N GLY D 210 -28.55 -21.00 -2.52
CA GLY D 210 -28.61 -20.26 -3.77
C GLY D 210 -27.57 -20.74 -4.76
N SER D 211 -27.89 -20.54 -6.04
CA SER D 211 -26.99 -20.91 -7.11
C SER D 211 -27.30 -20.06 -8.32
N GLY D 212 -26.36 -20.06 -9.27
CA GLY D 212 -26.50 -19.22 -10.45
C GLY D 212 -25.87 -17.86 -10.26
N THR D 213 -26.67 -16.83 -10.07
CA THR D 213 -26.16 -15.48 -9.86
C THR D 213 -26.68 -14.84 -8.58
N ASP D 214 -27.37 -15.59 -7.73
CA ASP D 214 -27.95 -15.06 -6.50
C ASP D 214 -27.56 -15.97 -5.35
N PHE D 215 -27.23 -15.38 -4.20
CA PHE D 215 -26.84 -16.15 -3.05
C PHE D 215 -27.31 -15.46 -1.78
N THR D 216 -27.37 -16.22 -0.69
CA THR D 216 -27.81 -15.71 0.59
C THR D 216 -26.96 -16.30 1.70
N LEU D 217 -27.18 -15.80 2.91
CA LEU D 217 -26.52 -16.31 4.11
C LEU D 217 -27.34 -15.87 5.31
N THR D 218 -27.86 -16.82 6.08
CA THR D 218 -28.75 -16.51 7.18
C THR D 218 -28.11 -16.91 8.50
N ILE D 219 -28.39 -16.14 9.54
CA ILE D 219 -28.01 -16.46 10.91
C ILE D 219 -29.29 -16.56 11.72
N SER D 220 -29.54 -17.73 12.29
CA SER D 220 -30.85 -17.99 12.90
C SER D 220 -31.05 -17.13 14.15
N SER D 221 -30.03 -16.99 14.98
CA SER D 221 -30.20 -16.30 16.26
C SER D 221 -28.87 -15.65 16.63
N LEU D 222 -28.84 -14.33 16.65
CA LEU D 222 -27.60 -13.61 16.88
C LEU D 222 -27.12 -13.79 18.32
N GLU D 223 -25.81 -13.68 18.49
CA GLU D 223 -25.13 -13.84 19.76
C GLU D 223 -24.18 -12.67 19.96
N PRO D 224 -23.76 -12.40 21.20
CA PRO D 224 -22.88 -11.24 21.43
C PRO D 224 -21.58 -11.27 20.66
N GLU D 225 -21.10 -12.44 20.27
CA GLU D 225 -19.81 -12.55 19.61
C GLU D 225 -19.92 -12.65 18.10
N ASP D 226 -21.09 -12.38 17.53
CA ASP D 226 -21.31 -12.52 16.10
C ASP D 226 -21.25 -11.21 15.36
N PHE D 227 -20.77 -10.14 16.01
CA PHE D 227 -20.81 -8.80 15.43
C PHE D 227 -19.47 -8.50 14.77
N ALA D 228 -19.44 -8.51 13.45
CA ALA D 228 -18.25 -8.22 12.65
C ALA D 228 -18.71 -8.00 11.20
N VAL D 229 -17.74 -7.93 10.29
CA VAL D 229 -18.01 -7.67 8.88
C VAL D 229 -17.81 -8.96 8.09
N TYR D 230 -18.70 -9.21 7.14
CA TYR D 230 -18.71 -10.44 6.37
C TYR D 230 -18.45 -10.13 4.90
N TYR D 231 -17.75 -11.03 4.22
CA TYR D 231 -17.37 -10.84 2.83
C TYR D 231 -17.98 -11.92 1.96
N CYS D 232 -17.60 -11.90 0.68
CA CYS D 232 -18.21 -12.76 -0.34
C CYS D 232 -17.14 -13.05 -1.37
N HIS D 233 -16.66 -14.29 -1.41
CA HIS D 233 -15.51 -14.69 -2.20
C HIS D 233 -15.87 -15.74 -3.24
N GLN D 234 -15.42 -15.51 -4.48
CA GLN D 234 -15.63 -16.47 -5.57
C GLN D 234 -14.29 -16.81 -6.20
N TYR D 235 -14.15 -18.07 -6.63
CA TYR D 235 -12.86 -18.55 -7.12
C TYR D 235 -12.99 -19.48 -8.31
N SER D 236 -14.01 -19.30 -9.16
CA SER D 236 -14.23 -20.25 -10.25
C SER D 236 -13.11 -20.20 -11.27
N ASP D 237 -12.80 -19.02 -11.78
CA ASP D 237 -11.82 -18.87 -12.85
C ASP D 237 -10.44 -18.58 -12.24
N ILE D 238 -9.50 -18.13 -13.08
CA ILE D 238 -8.12 -17.92 -12.68
C ILE D 238 -8.01 -16.56 -12.01
N SER D 239 -9.11 -15.82 -11.95
CA SER D 239 -9.12 -14.45 -11.45
C SER D 239 -10.09 -14.35 -10.27
N PRO D 240 -9.64 -14.64 -9.06
CA PRO D 240 -10.50 -14.50 -7.90
C PRO D 240 -10.93 -13.07 -7.70
N THR D 241 -12.06 -12.88 -7.04
CA THR D 241 -12.62 -11.54 -6.88
C THR D 241 -13.47 -11.51 -5.62
N PHE D 242 -13.03 -10.75 -4.62
CA PHE D 242 -13.84 -10.56 -3.43
C PHE D 242 -14.91 -9.51 -3.69
N GLY D 243 -15.87 -9.43 -2.77
CA GLY D 243 -16.82 -8.35 -2.73
C GLY D 243 -16.53 -7.39 -1.59
N GLN D 244 -17.38 -6.37 -1.48
CA GLN D 244 -17.28 -5.49 -0.33
C GLN D 244 -17.93 -6.15 0.88
N GLY D 245 -17.75 -5.53 2.03
CA GLY D 245 -18.20 -6.10 3.30
C GLY D 245 -19.40 -5.35 3.84
N THR D 246 -20.32 -6.10 4.44
CA THR D 246 -21.44 -5.52 5.15
C THR D 246 -21.22 -5.65 6.65
N LYS D 247 -21.74 -4.69 7.40
CA LYS D 247 -21.44 -4.56 8.83
C LYS D 247 -22.66 -4.89 9.67
N VAL D 248 -22.45 -5.62 10.75
CA VAL D 248 -23.52 -6.06 11.64
C VAL D 248 -23.19 -5.54 13.03
N GLU D 249 -23.86 -4.47 13.44
CA GLU D 249 -23.71 -3.89 14.77
C GLU D 249 -25.06 -3.64 15.44
N ILE D 250 -25.01 -3.39 16.75
CA ILE D 250 -26.18 -3.33 17.62
C ILE D 250 -26.60 -1.88 17.82
N LYS D 251 -27.90 -1.63 17.74
CA LYS D 251 -28.46 -0.34 18.14
C LYS D 251 -28.37 -0.17 19.66
N LYS E 27 -16.73 63.60 18.80
CA LYS E 27 -16.51 64.99 18.44
C LYS E 27 -15.69 65.70 19.51
N CYS E 28 -15.19 64.91 20.45
CA CYS E 28 -14.32 65.44 21.51
C CYS E 28 -12.93 65.74 20.97
N THR E 29 -12.22 66.61 21.68
CA THR E 29 -10.85 66.98 21.34
C THR E 29 -9.90 66.42 22.39
N VAL E 30 -8.88 65.69 21.94
CA VAL E 30 -7.91 65.08 22.84
C VAL E 30 -6.96 66.15 23.36
N SER E 31 -6.58 66.04 24.63
CA SER E 31 -5.70 67.01 25.28
C SER E 31 -4.42 66.31 25.72
N HIS E 32 -3.30 66.70 25.13
CA HIS E 32 -1.99 66.20 25.49
C HIS E 32 -1.01 67.37 25.55
N GLU E 33 -1.42 68.43 26.25
CA GLU E 33 -0.78 69.75 26.27
C GLU E 33 -0.90 70.44 24.92
N VAL E 34 -1.58 69.83 23.95
CA VAL E 34 -1.89 70.46 22.67
C VAL E 34 -3.37 70.22 22.39
N ALA E 35 -3.94 71.07 21.55
CA ALA E 35 -5.34 70.98 21.18
C ALA E 35 -5.46 70.69 19.69
N ASP E 36 -6.09 69.57 19.35
CA ASP E 36 -6.25 69.13 17.98
C ASP E 36 -7.70 69.33 17.56
N CYS E 37 -7.90 70.13 16.51
CA CYS E 37 -9.23 70.30 15.91
C CYS E 37 -9.03 70.25 14.40
N SER E 38 -9.19 69.06 13.83
CA SER E 38 -9.02 68.84 12.40
C SER E 38 -10.19 68.03 11.87
N HIS E 39 -10.61 68.36 10.65
CA HIS E 39 -11.65 67.64 9.93
C HIS E 39 -12.96 67.57 10.70
N LEU E 40 -13.14 68.43 11.70
CA LEU E 40 -14.38 68.48 12.45
C LEU E 40 -15.43 69.34 11.76
N LYS E 41 -15.04 70.09 10.72
CA LYS E 41 -15.91 70.97 9.94
C LYS E 41 -16.90 71.71 10.82
N LEU E 42 -16.35 72.39 11.83
CA LEU E 42 -17.14 73.18 12.77
C LEU E 42 -16.82 74.65 12.58
N THR E 43 -17.87 75.47 12.55
CA THR E 43 -17.73 76.89 12.23
C THR E 43 -17.30 77.73 13.42
N GLN E 44 -17.42 77.22 14.64
CA GLN E 44 -17.10 77.99 15.83
C GLN E 44 -16.07 77.24 16.66
N VAL E 45 -15.15 77.98 17.26
CA VAL E 45 -14.06 77.37 18.03
C VAL E 45 -14.64 76.68 19.25
N PRO E 46 -14.08 75.55 19.67
CA PRO E 46 -14.49 74.96 20.95
C PRO E 46 -14.15 75.89 22.11
N ASP E 47 -15.04 75.91 23.10
CA ASP E 47 -14.87 76.76 24.27
C ASP E 47 -14.70 75.95 25.56
N ASP E 48 -14.60 74.62 25.46
CA ASP E 48 -14.42 73.74 26.60
C ASP E 48 -12.96 73.35 26.80
N LEU E 49 -12.04 73.99 26.09
CA LEU E 49 -10.64 73.60 26.15
C LEU E 49 -10.03 74.02 27.49
N PRO E 50 -9.28 73.15 28.14
CA PRO E 50 -8.65 73.50 29.42
C PRO E 50 -7.71 74.70 29.25
N THR E 51 -7.65 75.52 30.30
CA THR E 51 -6.94 76.80 30.20
C THR E 51 -5.44 76.60 30.10
N ASN E 52 -4.89 75.64 30.84
CA ASN E 52 -3.45 75.53 30.99
C ASN E 52 -2.75 75.05 29.72
N ILE E 53 -3.48 74.55 28.72
CA ILE E 53 -2.85 74.13 27.47
C ILE E 53 -2.39 75.37 26.71
N THR E 54 -1.38 75.18 25.84
CA THR E 54 -0.76 76.29 25.13
C THR E 54 -0.64 76.07 23.63
N VAL E 55 -1.19 74.98 23.10
CA VAL E 55 -1.09 74.68 21.67
C VAL E 55 -2.47 74.33 21.14
N LEU E 56 -2.85 74.99 20.03
CA LEU E 56 -4.14 74.76 19.38
C LEU E 56 -3.91 74.49 17.90
N ASN E 57 -4.65 73.54 17.35
CA ASN E 57 -4.61 73.22 15.93
C ASN E 57 -6.02 73.29 15.38
N LEU E 58 -6.22 74.15 14.37
CA LEU E 58 -7.54 74.40 13.79
C LEU E 58 -7.53 74.14 12.28
N THR E 59 -6.82 73.11 11.84
CA THR E 59 -6.74 72.82 10.42
C THR E 59 -8.00 72.10 9.95
N HIS E 60 -8.22 72.13 8.63
CA HIS E 60 -9.35 71.45 7.99
C HIS E 60 -10.68 71.84 8.63
N ASN E 61 -10.78 73.11 9.03
CA ASN E 61 -11.98 73.64 9.64
C ASN E 61 -12.22 75.05 9.13
N GLN E 62 -13.47 75.49 9.23
CA GLN E 62 -13.87 76.80 8.75
C GLN E 62 -14.20 77.69 9.94
N LEU E 63 -13.66 78.91 9.91
CA LEU E 63 -13.89 79.91 10.94
C LEU E 63 -14.41 81.17 10.27
N ARG E 64 -15.31 81.88 10.95
CA ARG E 64 -15.84 83.13 10.44
C ARG E 64 -15.15 84.33 11.06
N ARG E 65 -15.30 84.49 12.38
CA ARG E 65 -14.73 85.69 13.05
C ARG E 65 -13.98 85.26 14.31
N LEU E 66 -13.37 86.22 15.01
CA LEU E 66 -12.53 85.86 16.18
C LEU E 66 -13.34 85.97 17.47
N PRO E 67 -13.66 84.85 18.15
CA PRO E 67 -14.37 84.90 19.42
C PRO E 67 -13.34 85.14 20.51
N ALA E 68 -12.90 86.39 20.65
CA ALA E 68 -11.86 86.71 21.65
C ALA E 68 -12.23 86.09 23.00
N ALA E 69 -13.53 86.05 23.30
CA ALA E 69 -14.00 85.49 24.60
C ALA E 69 -13.57 84.04 24.76
N ASN E 70 -13.90 83.18 23.79
CA ASN E 70 -13.60 81.73 23.95
C ASN E 70 -12.11 81.56 24.21
N PHE E 71 -11.27 82.28 23.46
CA PHE E 71 -9.80 82.17 23.61
C PHE E 71 -9.39 82.78 24.95
N THR E 72 -10.04 83.87 25.34
CA THR E 72 -9.65 84.56 26.60
C THR E 72 -9.80 83.60 27.75
N ARG E 73 -10.69 82.60 27.63
CA ARG E 73 -10.83 81.58 28.69
C ARG E 73 -9.43 81.04 29.02
N TYR E 74 -8.67 80.65 28.00
CA TYR E 74 -7.29 80.15 28.22
C TYR E 74 -6.32 81.32 28.09
N SER E 75 -6.21 81.88 26.88
CA SER E 75 -5.28 83.03 26.63
C SER E 75 -3.88 82.69 27.16
N GLN E 76 -3.45 81.43 27.03
CA GLN E 76 -2.09 81.03 27.45
C GLN E 76 -1.42 80.32 26.27
N LEU E 77 -2.09 80.27 25.12
CA LEU E 77 -1.54 79.54 23.95
C LEU E 77 -0.32 80.28 23.39
N THR E 78 0.77 79.56 23.12
CA THR E 78 1.95 80.16 22.48
C THR E 78 2.02 79.68 21.05
N SER E 79 1.15 78.71 20.72
CA SER E 79 1.11 78.15 19.35
C SER E 79 -0.34 78.22 18.83
N LEU E 80 -0.53 78.56 17.55
CA LEU E 80 -1.87 78.72 17.01
C LEU E 80 -1.80 78.60 15.50
N ASP E 81 -2.50 77.61 14.95
CA ASP E 81 -2.53 77.36 13.51
C ASP E 81 -3.95 77.21 13.02
N VAL E 82 -4.29 77.91 11.95
CA VAL E 82 -5.55 77.75 11.24
C VAL E 82 -5.23 77.44 9.79
N GLY E 83 -5.69 76.29 9.32
CA GLY E 83 -5.38 75.82 7.99
C GLY E 83 -6.62 75.63 7.16
N PHE E 84 -6.51 75.95 5.87
CA PHE E 84 -7.60 75.84 4.92
C PHE E 84 -8.83 76.59 5.40
N ASN E 85 -8.60 77.77 5.97
CA ASN E 85 -9.65 78.57 6.57
C ASN E 85 -9.69 79.93 5.91
N THR E 86 -10.88 80.38 5.55
CA THR E 86 -11.07 81.66 4.87
C THR E 86 -11.71 82.64 5.83
N ILE E 87 -10.99 83.71 6.14
CA ILE E 87 -11.45 84.74 7.06
C ILE E 87 -11.35 86.09 6.36
N SER E 88 -12.44 86.86 6.41
CA SER E 88 -12.46 88.14 5.72
C SER E 88 -11.66 89.20 6.46
N LYS E 89 -11.63 89.14 7.79
CA LYS E 89 -11.01 90.19 8.57
C LYS E 89 -10.59 89.65 9.92
N LEU E 90 -9.71 90.40 10.59
CA LEU E 90 -9.13 90.01 11.86
C LEU E 90 -9.44 91.08 12.91
N GLU E 91 -9.73 90.63 14.13
CA GLU E 91 -10.06 91.56 15.21
C GLU E 91 -8.79 92.19 15.77
N PRO E 92 -8.66 93.51 15.75
CA PRO E 92 -7.47 94.13 16.37
C PRO E 92 -7.34 93.86 17.85
N GLU E 93 -8.44 93.60 18.55
CA GLU E 93 -8.44 93.50 20.00
C GLU E 93 -8.02 92.13 20.52
N LEU E 94 -7.96 91.11 19.67
CA LEU E 94 -7.60 89.79 20.17
C LEU E 94 -6.14 89.72 20.57
N CYS E 95 -5.28 90.53 19.94
CA CYS E 95 -3.85 90.45 20.22
C CYS E 95 -3.52 90.94 21.63
N GLN E 96 -4.15 92.03 22.06
CA GLN E 96 -4.01 92.41 23.47
C GLN E 96 -4.71 91.41 24.38
N LYS E 97 -5.82 90.84 23.91
CA LYS E 97 -6.48 89.75 24.63
C LYS E 97 -5.54 88.57 24.83
N LEU E 98 -4.80 88.20 23.79
CA LEU E 98 -3.84 87.10 23.87
C LEU E 98 -2.45 87.61 23.52
N PRO E 99 -1.66 88.05 24.50
CA PRO E 99 -0.31 88.52 24.21
C PRO E 99 0.78 87.45 24.36
N MET E 100 0.40 86.21 24.66
CA MET E 100 1.37 85.14 24.86
C MET E 100 1.67 84.37 23.58
N LEU E 101 1.09 84.77 22.45
CA LEU E 101 1.25 84.02 21.21
C LEU E 101 2.58 84.35 20.54
N LYS E 102 3.17 83.32 19.94
CA LYS E 102 4.49 83.44 19.32
C LYS E 102 4.52 83.10 17.85
N VAL E 103 3.63 82.23 17.37
CA VAL E 103 3.65 81.78 15.98
C VAL E 103 2.23 81.82 15.42
N LEU E 104 2.11 82.19 14.15
CA LEU E 104 0.84 82.26 13.45
C LEU E 104 0.99 81.74 12.04
N ASN E 105 0.01 80.96 11.58
CA ASN E 105 -0.01 80.42 10.23
C ASN E 105 -1.32 80.85 9.56
N LEU E 106 -1.20 81.55 8.44
CA LEU E 106 -2.34 81.98 7.65
C LEU E 106 -2.15 81.44 6.23
N GLN E 107 -2.74 80.29 5.97
CA GLN E 107 -2.62 79.62 4.67
C GLN E 107 -4.01 79.41 4.09
N HIS E 108 -4.15 79.70 2.80
CA HIS E 108 -5.44 79.62 2.11
C HIS E 108 -6.49 80.45 2.85
N ASN E 109 -6.12 81.69 3.14
CA ASN E 109 -6.98 82.62 3.86
C ASN E 109 -7.49 83.68 2.88
N GLU E 110 -8.78 83.98 2.99
CA GLU E 110 -9.45 84.81 1.99
C GLU E 110 -9.03 86.27 2.05
N LEU E 111 -8.53 86.75 3.19
CA LEU E 111 -8.17 88.15 3.32
C LEU E 111 -7.04 88.51 2.36
N SER E 112 -7.19 89.65 1.69
CA SER E 112 -6.20 90.12 0.73
C SER E 112 -5.79 91.58 0.94
N GLN E 113 -6.40 92.30 1.88
CA GLN E 113 -5.99 93.66 2.20
C GLN E 113 -6.18 93.86 3.70
N LEU E 114 -5.08 93.90 4.43
CA LEU E 114 -5.11 93.99 5.89
C LEU E 114 -4.49 95.31 6.34
N SER E 115 -5.03 95.88 7.40
CA SER E 115 -4.56 97.13 7.97
C SER E 115 -3.64 96.88 9.16
N ASP E 116 -2.77 97.86 9.42
CA ASP E 116 -1.92 97.80 10.61
C ASP E 116 -2.73 97.91 11.89
N LYS E 117 -3.99 98.34 11.79
CA LYS E 117 -4.83 98.46 12.99
C LYS E 117 -5.02 97.12 13.68
N THR E 118 -5.22 96.06 12.89
CA THR E 118 -5.30 94.73 13.46
C THR E 118 -4.00 94.33 14.13
N PHE E 119 -2.87 94.76 13.58
CA PHE E 119 -1.55 94.43 14.10
C PHE E 119 -1.02 95.49 15.06
N ALA E 120 -1.91 96.26 15.67
CA ALA E 120 -1.47 97.26 16.64
C ALA E 120 -0.95 96.60 17.92
N PHE E 121 -1.54 95.47 18.31
CA PHE E 121 -1.19 94.81 19.56
C PHE E 121 -0.56 93.44 19.34
N CYS E 122 -0.16 93.12 18.12
CA CYS E 122 0.39 91.81 17.77
C CYS E 122 1.90 91.85 17.64
N THR E 123 2.57 92.64 18.47
CA THR E 123 4.01 92.84 18.35
C THR E 123 4.84 91.77 19.04
N ASN E 124 4.21 90.75 19.62
CA ASN E 124 4.92 89.71 20.34
C ASN E 124 5.11 88.43 19.51
N LEU E 125 4.79 88.47 18.22
CA LEU E 125 4.97 87.28 17.40
C LEU E 125 6.45 87.07 17.06
N THR E 126 6.78 85.86 16.65
CA THR E 126 8.13 85.53 16.23
C THR E 126 8.12 84.94 14.83
N GLU E 127 7.03 84.28 14.47
CA GLU E 127 6.86 83.69 13.15
C GLU E 127 5.48 84.03 12.61
N LEU E 128 5.39 84.27 11.31
CA LEU E 128 4.12 84.60 10.68
C LEU E 128 4.13 84.07 9.26
N HIS E 129 3.13 83.25 8.93
CA HIS E 129 2.99 82.67 7.60
C HIS E 129 1.74 83.23 6.93
N LEU E 130 1.90 83.74 5.72
CA LEU E 130 0.80 84.32 4.94
C LEU E 130 0.80 83.67 3.56
N MET E 131 0.17 82.51 3.47
CA MET E 131 0.13 81.70 2.25
C MET E 131 -1.23 81.81 1.60
N SER E 132 -1.24 81.94 0.28
CA SER E 132 -2.46 81.91 -0.53
C SER E 132 -3.48 82.94 -0.03
N ASN E 133 -3.08 84.21 -0.14
CA ASN E 133 -3.91 85.31 0.31
C ASN E 133 -4.24 86.31 -0.78
N SER E 134 -3.53 86.27 -1.91
CA SER E 134 -3.82 87.12 -3.07
C SER E 134 -3.83 88.60 -2.68
N ILE E 135 -2.88 89.00 -1.84
CA ILE E 135 -2.77 90.38 -1.40
C ILE E 135 -2.26 91.20 -2.58
N GLN E 136 -3.13 91.99 -3.19
CA GLN E 136 -2.76 92.75 -4.38
C GLN E 136 -1.80 93.88 -4.04
N LYS E 137 -2.01 94.55 -2.91
CA LYS E 137 -1.19 95.71 -2.55
C LYS E 137 -0.98 95.72 -1.04
N ILE E 138 0.17 96.28 -0.64
CA ILE E 138 0.53 96.41 0.75
C ILE E 138 0.14 97.78 1.27
N LYS E 139 0.04 97.90 2.58
CA LYS E 139 -0.28 99.17 3.24
C LYS E 139 0.97 100.03 3.30
N ASN E 140 0.91 101.12 4.06
CA ASN E 140 2.06 102.01 4.19
C ASN E 140 3.09 101.46 5.16
N ASN E 141 2.72 101.31 6.43
CA ASN E 141 3.59 100.74 7.46
C ASN E 141 2.80 99.73 8.27
N PRO E 142 2.50 98.57 7.70
CA PRO E 142 1.73 97.57 8.44
C PRO E 142 2.59 96.75 9.39
N PHE E 143 3.90 96.74 9.16
CA PHE E 143 4.83 95.95 9.94
C PHE E 143 5.77 96.79 10.78
N VAL E 144 5.56 98.11 10.84
CA VAL E 144 6.45 98.97 11.62
C VAL E 144 6.33 98.66 13.10
N LYS E 145 5.12 98.30 13.55
CA LYS E 145 4.88 98.09 14.98
C LYS E 145 5.73 96.95 15.53
N GLN E 146 5.82 95.85 14.80
CA GLN E 146 6.51 94.67 15.29
C GLN E 146 7.97 94.66 14.87
N LYS E 147 8.81 94.19 15.78
CA LYS E 147 10.25 94.05 15.55
C LYS E 147 10.81 92.71 15.99
N ASN E 148 10.08 91.93 16.78
CA ASN E 148 10.61 90.74 17.42
C ASN E 148 10.45 89.48 16.57
N LEU E 149 9.73 89.54 15.46
CA LEU E 149 9.60 88.36 14.62
C LEU E 149 10.91 88.10 13.88
N ILE E 150 11.11 86.84 13.52
CA ILE E 150 12.34 86.40 12.86
C ILE E 150 12.09 86.00 11.41
N THR E 151 11.02 85.23 11.17
CA THR E 151 10.72 84.70 9.85
C THR E 151 9.35 85.19 9.39
N LEU E 152 9.29 85.70 8.16
CA LEU E 152 8.03 86.15 7.56
C LEU E 152 8.03 85.72 6.11
N ASP E 153 7.17 84.75 5.77
CA ASP E 153 7.04 84.24 4.43
C ASP E 153 5.71 84.69 3.83
N LEU E 154 5.74 85.24 2.63
CA LEU E 154 4.54 85.56 1.87
C LEU E 154 4.68 85.00 0.47
N SER E 155 3.76 84.12 0.09
CA SER E 155 3.84 83.47 -1.21
C SER E 155 2.43 83.21 -1.72
N HIS E 156 2.34 82.85 -2.99
CA HIS E 156 1.06 82.67 -3.68
C HIS E 156 0.24 83.95 -3.63
N ASN E 157 0.91 85.08 -3.83
CA ASN E 157 0.28 86.39 -3.76
C ASN E 157 0.65 87.20 -4.99
N GLY E 158 -0.25 88.09 -5.37
CA GLY E 158 -0.03 88.93 -6.54
C GLY E 158 0.45 90.31 -6.19
N LEU E 159 1.71 90.61 -6.49
CA LEU E 159 2.28 91.92 -6.25
C LEU E 159 3.19 92.29 -7.42
N SER E 160 3.55 93.57 -7.48
CA SER E 160 4.46 94.05 -8.50
C SER E 160 5.57 94.93 -7.96
N SER E 161 5.60 95.18 -6.65
CA SER E 161 6.61 96.03 -6.06
C SER E 161 7.11 95.37 -4.78
N THR E 162 8.34 95.72 -4.40
CA THR E 162 8.97 95.19 -3.21
C THR E 162 8.75 96.11 -2.00
N LYS E 163 7.91 97.12 -2.15
CA LYS E 163 7.65 98.05 -1.06
C LYS E 163 6.85 97.37 0.05
N LEU E 164 7.31 97.51 1.28
CA LEU E 164 6.59 96.98 2.43
C LEU E 164 6.55 97.93 3.61
N GLY E 165 7.20 99.10 3.52
CA GLY E 165 7.25 100.03 4.61
C GLY E 165 7.82 101.36 4.18
N THR E 166 7.32 102.46 4.76
CA THR E 166 7.76 103.79 4.32
C THR E 166 9.23 104.04 4.67
N GLN E 167 9.64 103.62 5.86
CA GLN E 167 10.97 103.88 6.37
C GLN E 167 11.66 102.57 6.73
N VAL E 168 12.92 102.67 7.17
CA VAL E 168 13.67 101.49 7.57
C VAL E 168 13.11 100.96 8.88
N GLN E 169 12.88 99.64 8.93
CA GLN E 169 12.42 98.97 10.14
C GLN E 169 12.64 97.48 9.95
N LEU E 170 12.14 96.68 10.90
CA LEU E 170 12.24 95.22 10.86
C LEU E 170 13.70 94.78 10.75
N GLU E 171 14.46 95.09 11.80
CA GLU E 171 15.88 94.79 11.83
C GLU E 171 16.18 93.35 12.20
N ASN E 172 15.22 92.65 12.82
CA ASN E 172 15.46 91.35 13.42
C ASN E 172 14.85 90.22 12.60
N LEU E 173 14.79 90.37 11.28
CA LEU E 173 14.28 89.33 10.41
C LEU E 173 15.44 88.70 9.64
N GLN E 174 15.45 87.38 9.58
CA GLN E 174 16.50 86.64 8.87
C GLN E 174 15.99 86.00 7.59
N GLU E 175 14.81 85.40 7.61
CA GLU E 175 14.26 84.67 6.48
C GLU E 175 13.06 85.40 5.91
N LEU E 176 13.11 85.67 4.61
CA LEU E 176 12.01 86.30 3.89
C LEU E 176 11.77 85.52 2.62
N LEU E 177 10.51 85.14 2.39
CA LEU E 177 10.14 84.30 1.25
C LEU E 177 9.12 85.03 0.40
N LEU E 178 9.42 85.16 -0.88
CA LEU E 178 8.53 85.83 -1.85
C LEU E 178 8.39 84.99 -3.10
N SER E 179 8.16 83.69 -2.94
CA SER E 179 7.87 82.84 -4.08
C SER E 179 6.44 83.10 -4.57
N ASN E 180 6.20 82.74 -5.83
CA ASN E 180 4.86 82.84 -6.44
C ASN E 180 4.33 84.28 -6.36
N ASN E 181 5.04 85.19 -7.03
CA ASN E 181 4.63 86.58 -7.11
C ASN E 181 5.02 87.13 -8.48
N LYS E 182 4.64 88.37 -8.75
CA LYS E 182 4.73 88.95 -10.07
C LYS E 182 5.60 90.21 -10.09
N ILE E 183 6.64 90.24 -9.25
CA ILE E 183 7.62 91.31 -9.34
C ILE E 183 8.31 91.24 -10.69
N GLN E 184 8.65 92.40 -11.25
CA GLN E 184 9.20 92.48 -12.60
C GLN E 184 10.65 92.93 -12.62
N ALA E 185 10.98 94.05 -11.97
CA ALA E 185 12.34 94.56 -11.99
C ALA E 185 12.74 94.99 -10.59
N LEU E 186 13.98 94.70 -10.22
CA LEU E 186 14.50 95.08 -8.92
C LEU E 186 14.85 96.56 -8.91
N LYS E 187 14.41 97.27 -7.88
CA LYS E 187 14.69 98.69 -7.71
C LYS E 187 15.41 98.90 -6.38
N SER E 188 16.45 99.74 -6.41
CA SER E 188 17.23 99.99 -5.20
C SER E 188 16.38 100.66 -4.13
N GLU E 189 15.52 101.60 -4.53
CA GLU E 189 14.68 102.29 -3.55
C GLU E 189 13.72 101.34 -2.87
N GLU E 190 13.41 100.20 -3.51
CA GLU E 190 12.50 99.24 -2.90
C GLU E 190 13.14 98.55 -1.69
N LEU E 191 14.45 98.29 -1.75
CA LEU E 191 15.14 97.49 -0.75
C LEU E 191 15.83 98.31 0.32
N ASP E 192 15.69 99.64 0.31
CA ASP E 192 16.43 100.49 1.24
C ASP E 192 16.02 100.28 2.70
N ILE E 193 14.88 99.64 2.95
CA ILE E 193 14.38 99.49 4.31
C ILE E 193 15.29 98.59 5.14
N PHE E 194 15.86 97.56 4.54
CA PHE E 194 16.63 96.55 5.27
C PHE E 194 18.10 96.92 5.41
N ALA E 195 18.44 98.20 5.32
CA ALA E 195 19.84 98.60 5.46
C ALA E 195 20.37 98.29 6.85
N ASN E 196 19.56 98.52 7.89
CA ASN E 196 20.00 98.26 9.24
C ASN E 196 20.12 96.77 9.54
N SER E 197 19.41 95.92 8.81
CA SER E 197 19.45 94.48 9.01
C SER E 197 20.30 93.82 7.93
N SER E 198 20.41 92.49 8.02
CA SER E 198 21.15 91.71 7.04
C SER E 198 20.42 90.39 6.84
N LEU E 199 19.86 90.21 5.64
CA LEU E 199 19.07 89.01 5.37
C LEU E 199 19.96 87.79 5.29
N LYS E 200 19.56 86.72 6.00
CA LYS E 200 20.32 85.49 5.96
C LYS E 200 20.14 84.77 4.62
N LYS E 201 18.90 84.68 4.15
CA LYS E 201 18.61 83.95 2.92
C LYS E 201 17.28 84.46 2.36
N LEU E 202 17.33 85.05 1.16
CA LEU E 202 16.15 85.53 0.46
C LEU E 202 15.89 84.68 -0.77
N GLU E 203 14.61 84.50 -1.10
CA GLU E 203 14.24 83.68 -2.25
C GLU E 203 13.12 84.35 -3.03
N LEU E 204 13.28 84.38 -4.35
CA LEU E 204 12.32 85.00 -5.27
C LEU E 204 11.98 84.04 -6.41
N SER E 205 11.80 82.76 -6.08
CA SER E 205 11.56 81.77 -7.10
C SER E 205 10.16 81.92 -7.70
N SER E 206 10.01 81.44 -8.93
CA SER E 206 8.74 81.47 -9.66
C SER E 206 8.19 82.89 -9.78
N ASN E 207 9.10 83.85 -9.94
CA ASN E 207 8.75 85.27 -10.09
C ASN E 207 9.51 85.79 -11.31
N GLN E 208 8.83 85.90 -12.45
CA GLN E 208 9.49 86.31 -13.68
C GLN E 208 10.04 87.72 -13.58
N ILE E 209 11.35 87.86 -13.72
CA ILE E 209 12.05 89.12 -13.54
C ILE E 209 12.94 89.36 -14.76
N LYS E 210 13.03 90.61 -15.18
CA LYS E 210 13.73 90.97 -16.41
C LYS E 210 14.90 91.93 -16.22
N GLU E 211 14.82 92.88 -15.30
CA GLU E 211 15.81 93.94 -15.24
C GLU E 211 16.20 94.21 -13.79
N PHE E 212 17.43 94.68 -13.61
CA PHE E 212 18.01 94.95 -12.31
C PHE E 212 18.51 96.39 -12.25
N SER E 213 18.04 97.14 -11.26
CA SER E 213 18.58 98.48 -11.04
C SER E 213 20.01 98.38 -10.51
N PRO E 214 20.93 99.18 -11.04
CA PRO E 214 22.31 99.13 -10.53
C PRO E 214 22.37 99.52 -9.07
N GLY E 215 23.20 98.78 -8.31
CA GLY E 215 23.42 99.08 -6.91
C GLY E 215 22.35 98.62 -5.95
N CYS E 216 21.34 97.90 -6.42
CA CYS E 216 20.25 97.48 -5.54
C CYS E 216 20.74 96.53 -4.46
N PHE E 217 21.62 95.59 -4.82
CA PHE E 217 22.11 94.63 -3.83
C PHE E 217 22.98 95.30 -2.78
N HIS E 218 23.80 96.27 -3.20
CA HIS E 218 24.64 96.98 -2.23
C HIS E 218 23.79 97.79 -1.26
N ALA E 219 22.70 98.40 -1.76
CA ALA E 219 21.91 99.30 -0.92
C ALA E 219 21.23 98.55 0.23
N ILE E 220 20.70 97.37 -0.04
CA ILE E 220 19.92 96.67 0.96
C ILE E 220 20.80 96.22 2.12
N GLY E 221 22.01 95.76 1.83
CA GLY E 221 22.92 95.29 2.85
C GLY E 221 23.47 93.92 2.51
N ARG E 222 24.02 93.25 3.52
CA ARG E 222 24.65 91.95 3.30
C ARG E 222 23.59 90.89 3.03
N LEU E 223 23.79 90.12 1.96
CA LEU E 223 22.89 89.05 1.55
C LEU E 223 23.71 87.77 1.41
N PHE E 224 23.72 86.95 2.47
CA PHE E 224 24.54 85.76 2.46
C PHE E 224 24.04 84.73 1.46
N GLY E 225 22.73 84.50 1.42
CA GLY E 225 22.17 83.48 0.56
C GLY E 225 21.09 83.99 -0.37
N LEU E 226 21.25 83.79 -1.68
CA LEU E 226 20.30 84.24 -2.67
C LEU E 226 19.79 83.03 -3.45
N PHE E 227 18.47 82.91 -3.54
CA PHE E 227 17.83 81.78 -4.21
C PHE E 227 16.89 82.29 -5.29
N LEU E 228 17.20 81.97 -6.54
CA LEU E 228 16.33 82.26 -7.67
C LEU E 228 16.17 80.98 -8.47
N ASN E 229 14.93 80.57 -8.71
CA ASN E 229 14.66 79.34 -9.45
C ASN E 229 13.50 79.54 -10.40
N ASN E 230 13.53 78.79 -11.50
CA ASN E 230 12.46 78.81 -12.49
C ASN E 230 12.19 80.21 -13.01
N VAL E 231 13.26 80.98 -13.21
CA VAL E 231 13.18 82.33 -13.76
C VAL E 231 14.04 82.38 -15.02
N GLN E 232 13.45 82.85 -16.11
CA GLN E 232 14.16 82.89 -17.39
C GLN E 232 15.16 84.04 -17.38
N LEU E 233 16.44 83.70 -17.53
CA LEU E 233 17.48 84.72 -17.65
C LEU E 233 18.22 84.64 -18.98
N GLY E 234 18.78 83.49 -19.32
CA GLY E 234 19.55 83.37 -20.52
C GLY E 234 20.97 83.88 -20.32
N PRO E 235 21.89 83.45 -21.18
CA PRO E 235 23.31 83.83 -20.98
C PRO E 235 23.55 85.33 -20.96
N SER E 236 22.83 86.09 -21.78
CA SER E 236 23.06 87.53 -21.83
C SER E 236 22.62 88.21 -20.55
N LEU E 237 21.40 87.93 -20.10
CA LEU E 237 20.90 88.59 -18.89
C LEU E 237 21.62 88.12 -17.65
N THR E 238 22.03 86.84 -17.61
CA THR E 238 22.75 86.33 -16.47
C THR E 238 24.11 87.02 -16.31
N GLU E 239 24.80 87.26 -17.42
CA GLU E 239 26.08 87.93 -17.36
C GLU E 239 25.93 89.33 -16.79
N LYS E 240 24.84 90.02 -17.15
CA LYS E 240 24.52 91.28 -16.50
C LYS E 240 24.33 91.10 -15.00
N LEU E 241 23.63 90.04 -14.61
CA LEU E 241 23.40 89.78 -13.19
C LEU E 241 24.71 89.55 -12.45
N CYS E 242 25.64 88.81 -13.06
CA CYS E 242 26.92 88.55 -12.43
C CYS E 242 27.67 89.85 -12.14
N LEU E 243 27.53 90.83 -13.03
CA LEU E 243 28.17 92.13 -12.79
C LEU E 243 27.57 92.85 -11.61
N GLU E 244 26.24 92.76 -11.44
CA GLU E 244 25.57 93.47 -10.35
C GLU E 244 25.98 92.94 -8.99
N LEU E 245 26.43 91.69 -8.92
CA LEU E 245 26.66 91.00 -7.65
C LEU E 245 28.08 91.16 -7.14
N ALA E 246 28.93 91.92 -7.83
CA ALA E 246 30.32 92.05 -7.40
C ALA E 246 30.42 92.75 -6.05
N ASN E 247 31.41 92.32 -5.26
CA ASN E 247 31.71 92.90 -3.95
C ASN E 247 30.51 92.86 -3.02
N THR E 248 29.77 91.76 -3.03
CA THR E 248 28.62 91.56 -2.15
C THR E 248 28.86 90.36 -1.25
N SER E 249 28.20 90.38 -0.09
CA SER E 249 28.44 89.41 0.96
C SER E 249 27.57 88.16 0.75
N ILE E 250 27.75 87.53 -0.40
CA ILE E 250 26.99 86.33 -0.74
C ILE E 250 27.87 85.11 -0.56
N ARG E 251 27.25 83.99 -0.17
CA ARG E 251 27.94 82.72 -0.01
C ARG E 251 27.24 81.53 -0.64
N ASN E 252 25.94 81.63 -0.95
CA ASN E 252 25.19 80.50 -1.51
C ASN E 252 24.32 81.03 -2.65
N LEU E 253 24.74 80.75 -3.88
CA LEU E 253 23.99 81.16 -5.07
C LEU E 253 23.35 79.94 -5.70
N SER E 254 22.02 79.94 -5.78
CA SER E 254 21.26 78.86 -6.38
C SER E 254 20.47 79.40 -7.56
N LEU E 255 20.62 78.77 -8.72
CA LEU E 255 19.86 79.16 -9.90
C LEU E 255 19.58 77.93 -10.73
N SER E 256 18.30 77.68 -11.02
CA SER E 256 17.89 76.51 -11.77
C SER E 256 16.80 76.89 -12.76
N ASN E 257 16.69 76.08 -13.81
CA ASN E 257 15.64 76.23 -14.82
C ASN E 257 15.72 77.60 -15.48
N SER E 258 16.93 78.05 -15.79
CA SER E 258 17.15 79.37 -16.35
C SER E 258 17.57 79.35 -17.82
N GLN E 259 17.43 78.21 -18.49
CA GLN E 259 17.70 78.08 -19.92
C GLN E 259 19.16 78.44 -20.26
N LEU E 260 20.06 78.19 -19.32
CA LEU E 260 21.47 78.48 -19.54
C LEU E 260 22.06 77.38 -20.41
N SER E 261 21.97 77.56 -21.73
CA SER E 261 22.46 76.54 -22.64
C SER E 261 23.98 76.47 -22.65
N THR E 262 24.64 77.61 -22.79
CA THR E 262 26.09 77.64 -22.92
C THR E 262 26.65 78.85 -22.18
N THR E 263 27.97 78.83 -21.97
CA THR E 263 28.66 79.87 -21.23
C THR E 263 29.94 80.27 -21.93
N SER E 264 30.40 81.48 -21.67
CA SER E 264 31.70 81.98 -22.11
C SER E 264 32.47 82.47 -20.89
N ASN E 265 33.72 82.86 -21.09
CA ASN E 265 34.53 83.26 -19.94
C ASN E 265 33.96 84.52 -19.30
N THR E 266 33.41 85.42 -20.12
CA THR E 266 32.84 86.68 -19.66
C THR E 266 31.57 86.48 -18.83
N THR E 267 31.00 85.28 -18.82
CA THR E 267 29.74 85.06 -18.12
C THR E 267 29.88 85.34 -16.63
N PHE E 268 30.97 84.87 -16.02
CA PHE E 268 31.19 85.00 -14.59
C PHE E 268 32.39 85.87 -14.26
N LEU E 269 32.79 86.76 -15.17
CA LEU E 269 33.93 87.63 -14.92
C LEU E 269 33.67 88.54 -13.73
N GLY E 270 32.52 89.20 -13.71
CA GLY E 270 32.21 90.13 -12.63
C GLY E 270 32.00 89.47 -11.30
N LEU E 271 31.68 88.17 -11.28
CA LEU E 271 31.48 87.44 -10.04
C LEU E 271 32.78 87.15 -9.31
N LYS E 272 33.93 87.35 -9.96
CA LYS E 272 35.21 87.04 -9.33
C LYS E 272 35.58 87.98 -8.20
N TRP E 273 34.79 89.03 -7.98
CA TRP E 273 35.07 90.02 -6.94
C TRP E 273 34.35 89.71 -5.64
N THR E 274 33.90 88.47 -5.46
CA THR E 274 33.24 88.08 -4.22
C THR E 274 33.79 86.72 -3.80
N ASN E 275 33.24 86.20 -2.71
CA ASN E 275 33.64 84.92 -2.12
C ASN E 275 32.41 84.03 -1.95
N LEU E 276 32.15 83.23 -2.98
CA LEU E 276 31.06 82.26 -2.96
C LEU E 276 31.57 80.91 -2.46
N THR E 277 30.63 80.07 -2.01
CA THR E 277 30.99 78.78 -1.46
C THR E 277 30.14 77.64 -2.01
N MET E 278 29.11 77.93 -2.79
CA MET E 278 28.24 76.87 -3.30
C MET E 278 27.55 77.38 -4.55
N LEU E 279 27.17 76.45 -5.42
CA LEU E 279 26.56 76.79 -6.69
C LEU E 279 25.59 75.68 -7.08
N ASP E 280 24.70 75.99 -8.02
CA ASP E 280 23.69 75.04 -8.47
C ASP E 280 23.37 75.34 -9.92
N LEU E 281 23.47 74.31 -10.78
CA LEU E 281 23.17 74.42 -12.20
C LEU E 281 22.29 73.28 -12.66
N SER E 282 21.48 72.73 -11.75
CA SER E 282 20.65 71.59 -12.08
C SER E 282 19.53 71.97 -13.03
N TYR E 283 19.20 71.06 -13.93
CA TYR E 283 18.05 71.14 -14.83
C TYR E 283 18.07 72.37 -15.72
N ASN E 284 19.24 72.97 -15.95
CA ASN E 284 19.32 74.10 -16.84
C ASN E 284 19.52 73.71 -18.29
N ASN E 285 19.59 72.40 -18.59
CA ASN E 285 19.76 71.91 -19.95
C ASN E 285 20.98 72.53 -20.61
N LEU E 286 22.07 72.64 -19.86
CA LEU E 286 23.30 73.18 -20.40
C LEU E 286 23.80 72.30 -21.53
N ASN E 287 24.42 72.93 -22.51
CA ASN E 287 24.89 72.23 -23.71
C ASN E 287 26.40 72.13 -23.82
N VAL E 288 27.10 73.26 -23.84
CA VAL E 288 28.55 73.27 -24.04
C VAL E 288 29.17 74.32 -23.12
N VAL E 289 30.33 73.97 -22.55
CA VAL E 289 31.09 74.88 -21.70
C VAL E 289 32.42 75.17 -22.39
N GLY E 290 32.76 76.44 -22.52
CA GLY E 290 34.02 76.83 -23.11
C GLY E 290 35.18 76.67 -22.16
N ASN E 291 36.38 76.79 -22.73
CA ASN E 291 37.60 76.64 -21.93
C ASN E 291 37.69 77.72 -20.88
N ASP E 292 38.16 77.32 -19.69
CA ASP E 292 38.49 78.25 -18.61
C ASP E 292 37.28 79.06 -18.15
N SER E 293 36.08 78.51 -18.36
CA SER E 293 34.86 79.25 -18.03
C SER E 293 34.75 79.50 -16.53
N PHE E 294 35.22 78.56 -15.72
CA PHE E 294 35.16 78.68 -14.26
C PHE E 294 36.50 79.09 -13.66
N ALA E 295 37.28 79.91 -14.37
CA ALA E 295 38.56 80.37 -13.86
C ALA E 295 38.41 81.50 -12.85
N TRP E 296 37.23 82.08 -12.71
CA TRP E 296 37.02 83.22 -11.83
C TRP E 296 36.64 82.81 -10.41
N LEU E 297 36.58 81.51 -10.11
CA LEU E 297 36.14 81.02 -8.81
C LEU E 297 37.29 80.27 -8.14
N PRO E 298 38.03 80.93 -7.25
CA PRO E 298 39.13 80.25 -6.57
C PRO E 298 38.64 79.18 -5.60
N GLN E 299 37.70 79.55 -4.74
CA GLN E 299 37.19 78.66 -3.70
C GLN E 299 35.71 78.42 -3.93
N LEU E 300 35.32 77.15 -4.09
CA LEU E 300 33.94 76.77 -4.30
C LEU E 300 33.76 75.37 -3.72
N GLU E 301 33.26 75.31 -2.49
CA GLU E 301 33.26 74.05 -1.76
C GLU E 301 32.32 73.01 -2.36
N TYR E 302 31.20 73.42 -2.94
CA TYR E 302 30.24 72.47 -3.47
C TYR E 302 29.82 72.90 -4.86
N PHE E 303 29.47 71.92 -5.69
CA PHE E 303 29.13 72.21 -7.08
C PHE E 303 28.24 71.09 -7.60
N PHE E 304 27.00 71.42 -7.92
CA PHE E 304 26.05 70.46 -8.47
C PHE E 304 25.93 70.66 -9.97
N LEU E 305 25.95 69.57 -10.72
CA LEU E 305 25.85 69.63 -12.18
C LEU E 305 25.14 68.37 -12.65
N GLU E 306 23.83 68.47 -12.83
CA GLU E 306 23.04 67.29 -13.16
C GLU E 306 21.86 67.68 -14.05
N TYR E 307 21.35 66.69 -14.76
CA TYR E 307 20.21 66.87 -15.67
C TYR E 307 20.50 67.95 -16.70
N ASN E 308 21.62 67.79 -17.40
CA ASN E 308 21.98 68.65 -18.52
C ASN E 308 22.60 67.78 -19.61
N ASN E 309 22.72 68.36 -20.80
CA ASN E 309 23.07 67.65 -22.01
C ASN E 309 24.39 68.18 -22.55
N ILE E 310 25.48 67.52 -22.17
CA ILE E 310 26.83 67.87 -22.62
C ILE E 310 27.32 66.80 -23.57
N GLN E 311 27.94 67.20 -24.68
CA GLN E 311 28.44 66.26 -25.66
C GLN E 311 29.95 66.11 -25.65
N HIS E 312 30.68 67.14 -25.22
CA HIS E 312 32.14 67.08 -25.25
C HIS E 312 32.70 67.98 -24.16
N LEU E 313 33.68 67.48 -23.43
CA LEU E 313 34.33 68.23 -22.37
C LEU E 313 35.77 68.54 -22.78
N PHE E 314 36.12 69.81 -22.74
CA PHE E 314 37.46 70.23 -23.15
C PHE E 314 38.44 70.11 -22.01
N SER E 315 39.71 69.89 -22.35
CA SER E 315 40.72 69.64 -21.34
C SER E 315 40.92 70.82 -20.40
N HIS E 316 40.68 72.04 -20.86
CA HIS E 316 40.82 73.22 -20.02
C HIS E 316 39.49 73.86 -19.67
N SER E 317 38.37 73.17 -19.94
CA SER E 317 37.09 73.67 -19.50
C SER E 317 36.98 73.69 -17.99
N LEU E 318 37.77 72.87 -17.30
CA LEU E 318 37.76 72.78 -15.85
C LEU E 318 39.06 73.31 -15.24
N HIS E 319 39.59 74.39 -15.78
CA HIS E 319 40.84 74.98 -15.30
C HIS E 319 40.52 76.12 -14.35
N GLY E 320 40.98 76.02 -13.11
CA GLY E 320 40.77 77.08 -12.13
C GLY E 320 40.17 76.63 -10.82
N LEU E 321 39.61 75.42 -10.79
CA LEU E 321 38.91 74.91 -9.60
C LEU E 321 39.92 74.25 -8.67
N PHE E 322 40.46 75.06 -7.75
CA PHE E 322 41.42 74.54 -6.78
C PHE E 322 40.71 73.95 -5.56
N ASN E 323 39.72 74.65 -5.03
CA ASN E 323 39.07 74.29 -3.78
C ASN E 323 37.69 73.74 -4.09
N VAL E 324 37.61 72.44 -4.37
CA VAL E 324 36.36 71.75 -4.64
C VAL E 324 36.36 70.44 -3.87
N ARG E 325 35.27 70.17 -3.15
CA ARG E 325 35.19 68.98 -2.33
C ARG E 325 34.14 67.98 -2.78
N TYR E 326 33.11 68.42 -3.50
CA TYR E 326 31.95 67.57 -3.76
C TYR E 326 31.37 67.94 -5.11
N LEU E 327 31.57 67.07 -6.10
CA LEU E 327 31.08 67.27 -7.44
C LEU E 327 30.04 66.22 -7.79
N ASN E 328 28.98 66.63 -8.48
CA ASN E 328 27.91 65.73 -8.88
C ASN E 328 27.72 65.82 -10.39
N LEU E 329 27.63 64.66 -11.04
CA LEU E 329 27.46 64.61 -12.49
C LEU E 329 26.40 63.59 -12.89
N LYS E 330 25.43 63.36 -12.02
CA LYS E 330 24.41 62.34 -12.29
C LYS E 330 23.54 62.77 -13.46
N ARG E 331 23.49 61.94 -14.50
CA ARG E 331 22.65 62.19 -15.67
C ARG E 331 22.93 63.56 -16.27
N SER E 332 24.20 63.88 -16.44
CA SER E 332 24.61 65.18 -16.98
C SER E 332 25.31 65.05 -18.32
N PHE E 333 24.95 64.05 -19.12
CA PHE E 333 25.55 63.84 -20.42
C PHE E 333 24.49 63.43 -21.44
N THR E 334 24.86 63.54 -22.70
CA THR E 334 23.94 63.25 -23.80
C THR E 334 23.58 61.76 -23.81
N LYS E 335 22.30 61.47 -24.00
CA LYS E 335 21.87 60.10 -24.18
C LYS E 335 22.45 59.54 -25.48
N GLN E 336 22.97 58.33 -25.43
CA GLN E 336 23.55 57.72 -26.62
C GLN E 336 22.46 57.40 -27.62
N SER E 337 22.78 57.63 -28.91
CA SER E 337 21.88 57.29 -30.00
C SER E 337 22.72 56.94 -31.21
N ILE E 338 22.63 55.68 -31.66
CA ILE E 338 23.48 55.22 -32.76
C ILE E 338 23.22 56.04 -34.01
N SER E 339 21.95 56.32 -34.31
CA SER E 339 21.64 57.19 -35.44
C SER E 339 22.27 58.57 -35.26
N LEU E 340 22.19 59.11 -34.04
CA LEU E 340 22.86 60.37 -33.77
C LEU E 340 24.37 60.18 -33.64
N ALA E 341 24.82 59.00 -33.20
CA ALA E 341 26.23 58.73 -32.93
C ALA E 341 26.81 59.80 -32.02
N SER E 342 26.03 60.17 -30.99
CA SER E 342 26.40 61.29 -30.13
C SER E 342 27.72 61.03 -29.44
N LEU E 343 27.90 59.84 -28.87
CA LEU E 343 29.15 59.41 -28.25
C LEU E 343 29.68 60.46 -27.30
N PRO E 344 28.98 60.73 -26.18
CA PRO E 344 29.48 61.74 -25.24
C PRO E 344 30.87 61.38 -24.77
N LYS E 345 31.84 62.22 -25.12
CA LYS E 345 33.24 61.88 -24.97
C LYS E 345 33.96 62.91 -24.10
N ILE E 346 34.89 62.43 -23.29
CA ILE E 346 35.68 63.26 -22.39
C ILE E 346 37.15 63.07 -22.74
N ASP E 347 37.85 64.16 -22.98
CA ASP E 347 39.29 64.08 -23.14
C ASP E 347 39.96 63.80 -21.80
N ASP E 348 41.01 63.01 -21.83
CA ASP E 348 41.72 62.69 -20.60
C ASP E 348 42.46 63.92 -20.09
N PHE E 349 42.96 63.80 -18.85
CA PHE E 349 43.64 64.88 -18.14
C PHE E 349 42.71 66.05 -17.85
N SER E 350 41.40 65.86 -18.02
CA SER E 350 40.46 66.94 -17.77
C SER E 350 40.21 67.13 -16.28
N PHE E 351 40.54 66.15 -15.45
CA PHE E 351 40.34 66.23 -14.01
C PHE E 351 41.61 66.59 -13.25
N GLN E 352 42.72 66.84 -13.95
CA GLN E 352 43.99 67.06 -13.27
C GLN E 352 44.05 68.39 -12.53
N TRP E 353 42.95 69.14 -12.45
CA TRP E 353 42.94 70.40 -11.73
C TRP E 353 42.23 70.34 -10.39
N LEU E 354 41.41 69.33 -10.14
CA LEU E 354 40.69 69.19 -8.88
C LEU E 354 41.62 68.52 -7.88
N LYS E 355 42.37 69.35 -7.14
CA LYS E 355 43.38 68.85 -6.22
C LYS E 355 42.85 68.59 -4.82
N CYS E 356 41.58 68.87 -4.55
CA CYS E 356 41.05 68.74 -3.19
C CYS E 356 39.71 68.01 -3.21
N LEU E 357 39.47 67.20 -4.23
CA LEU E 357 38.18 66.54 -4.38
C LEU E 357 38.12 65.28 -3.54
N GLU E 358 36.98 65.07 -2.86
CA GLU E 358 36.79 63.92 -1.99
C GLU E 358 35.57 63.08 -2.31
N HIS E 359 34.77 63.47 -3.29
CA HIS E 359 33.50 62.80 -3.53
C HIS E 359 33.06 63.08 -4.96
N LEU E 360 32.85 62.03 -5.74
CA LEU E 360 32.52 62.19 -7.15
C LEU E 360 31.39 61.23 -7.50
N ASN E 361 30.60 61.61 -8.51
CA ASN E 361 29.42 60.84 -8.88
C ASN E 361 29.27 60.82 -10.40
N MET E 362 28.99 59.65 -10.97
CA MET E 362 28.78 59.53 -12.40
C MET E 362 27.64 58.59 -12.75
N GLU E 363 26.57 58.59 -11.96
CA GLU E 363 25.47 57.66 -12.19
C GLU E 363 24.69 58.01 -13.46
N ASP E 364 24.28 56.98 -14.18
CA ASP E 364 23.29 57.09 -15.26
C ASP E 364 23.79 57.95 -16.42
N ASN E 365 24.98 57.65 -16.92
CA ASN E 365 25.48 58.25 -18.14
C ASN E 365 25.72 57.17 -19.18
N ASP E 366 26.31 57.58 -20.30
CA ASP E 366 26.57 56.68 -21.42
C ASP E 366 27.98 56.85 -21.95
N ILE E 367 28.95 56.93 -21.04
CA ILE E 367 30.34 57.02 -21.47
C ILE E 367 30.75 55.73 -22.16
N PRO E 368 31.41 55.79 -23.33
CA PRO E 368 31.73 54.54 -24.03
C PRO E 368 32.67 53.62 -23.28
N GLY E 369 33.71 54.17 -22.66
CA GLY E 369 34.65 53.35 -21.94
C GLY E 369 35.61 54.19 -21.14
N ILE E 370 36.55 53.51 -20.49
CA ILE E 370 37.56 54.15 -19.66
C ILE E 370 38.86 54.23 -20.44
N LYS E 371 39.41 55.43 -20.54
CA LYS E 371 40.67 55.64 -21.24
C LYS E 371 41.82 55.33 -20.30
N SER E 372 43.05 55.57 -20.75
CA SER E 372 44.23 55.22 -19.97
C SER E 372 44.68 56.33 -19.04
N ASN E 373 44.13 57.54 -19.16
CA ASN E 373 44.56 58.66 -18.35
C ASN E 373 43.37 59.48 -17.89
N MET E 374 42.26 58.81 -17.59
CA MET E 374 41.03 59.54 -17.29
C MET E 374 41.10 60.23 -15.94
N PHE E 375 41.64 59.55 -14.92
CA PHE E 375 41.66 60.06 -13.57
C PHE E 375 43.05 60.46 -13.12
N THR E 376 43.88 60.94 -14.05
CA THR E 376 45.24 61.35 -13.71
C THR E 376 45.20 62.69 -12.99
N GLY E 377 45.66 62.71 -11.75
CA GLY E 377 45.74 63.96 -11.02
C GLY E 377 45.05 63.97 -9.68
N LEU E 378 43.94 63.24 -9.56
CA LEU E 378 43.20 63.22 -8.31
C LEU E 378 44.03 62.63 -7.19
N ILE E 379 44.00 63.27 -6.02
CA ILE E 379 44.83 62.89 -4.90
C ILE E 379 43.97 62.54 -3.69
N ASN E 380 43.14 63.49 -3.26
CA ASN E 380 42.35 63.33 -2.05
C ASN E 380 41.04 62.59 -2.31
N LEU E 381 40.95 61.84 -3.41
CA LEU E 381 39.72 61.11 -3.70
C LEU E 381 39.51 60.00 -2.69
N LYS E 382 38.27 59.83 -2.24
CA LYS E 382 37.92 58.82 -1.26
C LYS E 382 36.70 58.00 -1.62
N TYR E 383 35.89 58.43 -2.59
CA TYR E 383 34.61 57.79 -2.84
C TYR E 383 34.20 58.04 -4.28
N LEU E 384 33.95 56.97 -5.02
CA LEU E 384 33.67 57.06 -6.45
C LEU E 384 32.58 56.07 -6.81
N SER E 385 31.48 56.57 -7.38
CA SER E 385 30.35 55.76 -7.79
C SER E 385 30.26 55.77 -9.30
N LEU E 386 30.19 54.57 -9.90
CA LEU E 386 30.07 54.45 -11.34
C LEU E 386 28.93 53.53 -11.72
N SER E 387 27.86 53.55 -10.92
CA SER E 387 26.70 52.72 -11.22
C SER E 387 26.04 53.15 -12.51
N ASN E 388 25.78 52.18 -13.39
CA ASN E 388 25.02 52.39 -14.62
C ASN E 388 25.61 53.53 -15.45
N SER E 389 26.93 53.58 -15.52
CA SER E 389 27.61 54.69 -16.15
C SER E 389 28.08 54.40 -17.57
N PHE E 390 28.52 53.19 -17.85
CA PHE E 390 29.10 52.86 -19.14
C PHE E 390 28.12 52.04 -19.96
N THR E 391 27.98 52.39 -21.23
CA THR E 391 27.09 51.65 -22.11
C THR E 391 27.66 50.28 -22.45
N SER E 392 29.00 50.14 -22.43
CA SER E 392 29.63 48.90 -22.88
C SER E 392 30.96 48.77 -22.16
N LEU E 393 31.00 47.95 -21.11
CA LEU E 393 32.23 47.59 -20.41
C LEU E 393 32.18 46.09 -20.20
N ARG E 394 32.72 45.35 -21.16
CA ARG E 394 32.50 43.91 -21.17
C ARG E 394 33.51 43.16 -20.30
N THR E 395 34.76 43.60 -20.28
CA THR E 395 35.77 42.88 -19.53
C THR E 395 36.77 43.86 -18.91
N LEU E 396 37.38 43.42 -17.81
CA LEU E 396 38.36 44.20 -17.07
C LEU E 396 39.75 43.65 -17.35
N THR E 397 40.70 44.54 -17.61
CA THR E 397 42.00 44.14 -18.12
C THR E 397 43.10 44.35 -17.08
N ASN E 398 44.34 44.12 -17.50
CA ASN E 398 45.49 44.33 -16.62
C ASN E 398 45.58 45.78 -16.17
N GLU E 399 45.38 46.72 -17.09
CA GLU E 399 45.62 48.13 -16.84
C GLU E 399 44.36 48.97 -16.94
N THR E 400 43.18 48.36 -16.77
CA THR E 400 41.95 49.11 -16.89
C THR E 400 41.83 50.19 -15.82
N PHE E 401 42.48 50.00 -14.67
CA PHE E 401 42.45 50.97 -13.59
C PHE E 401 43.84 51.54 -13.28
N VAL E 402 44.72 51.56 -14.27
CA VAL E 402 46.08 52.02 -14.02
C VAL E 402 46.11 53.50 -13.67
N SER E 403 45.16 54.27 -14.21
CA SER E 403 45.18 55.72 -13.98
C SER E 403 44.93 56.07 -12.52
N LEU E 404 44.30 55.17 -11.76
CA LEU E 404 43.93 55.44 -10.38
C LEU E 404 45.00 55.02 -9.39
N ALA E 405 46.26 54.95 -9.82
CA ALA E 405 47.30 54.38 -8.96
C ALA E 405 47.55 55.23 -7.72
N HIS E 406 47.48 56.54 -7.85
CA HIS E 406 48.08 57.44 -6.87
C HIS E 406 47.06 58.04 -5.89
N SER E 407 45.87 57.49 -5.77
CA SER E 407 44.96 58.08 -4.81
C SER E 407 44.43 57.06 -3.81
N PRO E 408 44.25 57.44 -2.56
CA PRO E 408 43.70 56.53 -1.53
C PRO E 408 42.19 56.36 -1.65
N LEU E 409 41.80 55.44 -2.53
CA LEU E 409 40.38 55.20 -2.82
C LEU E 409 39.85 54.18 -1.82
N HIS E 410 38.81 54.54 -1.08
CA HIS E 410 38.28 53.66 -0.06
C HIS E 410 37.08 52.85 -0.54
N ILE E 411 36.16 53.47 -1.26
CA ILE E 411 34.91 52.84 -1.65
C ILE E 411 34.75 52.93 -3.16
N LEU E 412 34.44 51.80 -3.79
CA LEU E 412 34.22 51.73 -5.22
C LEU E 412 32.86 51.11 -5.51
N ASN E 413 32.22 51.56 -6.57
CA ASN E 413 30.86 51.16 -6.89
C ASN E 413 30.77 50.83 -8.37
N LEU E 414 30.39 49.60 -8.70
CA LEU E 414 30.42 49.14 -10.09
C LEU E 414 29.19 48.33 -10.42
N THR E 415 28.04 48.67 -9.84
CA THR E 415 26.85 47.89 -10.11
C THR E 415 26.16 48.35 -11.39
N LYS E 416 25.44 47.43 -12.01
CA LYS E 416 24.66 47.69 -13.22
C LYS E 416 25.55 48.20 -14.37
N ASN E 417 26.47 47.34 -14.80
CA ASN E 417 27.37 47.70 -15.89
C ASN E 417 27.59 46.56 -16.87
N LYS E 418 26.78 45.51 -16.81
CA LYS E 418 26.88 44.33 -17.66
C LYS E 418 28.32 43.89 -17.90
N ILE E 419 29.13 43.92 -16.84
CA ILE E 419 30.45 43.32 -16.90
C ILE E 419 30.29 41.83 -17.19
N SER E 420 31.27 41.25 -17.89
CA SER E 420 31.16 39.87 -18.34
C SER E 420 32.30 38.97 -17.89
N LYS E 421 33.51 39.48 -17.66
CA LYS E 421 34.59 38.63 -17.18
C LYS E 421 35.72 39.50 -16.65
N ILE E 422 36.39 39.01 -15.63
CA ILE E 422 37.50 39.72 -15.00
C ILE E 422 38.77 38.89 -15.15
N GLU E 423 39.84 39.53 -15.61
CA GLU E 423 41.13 38.87 -15.72
C GLU E 423 41.93 39.05 -14.45
N SER E 424 42.95 38.20 -14.29
CA SER E 424 43.78 38.25 -13.10
C SER E 424 44.62 39.52 -13.07
N ASP E 425 45.03 39.91 -11.87
CA ASP E 425 45.86 41.10 -11.66
C ASP E 425 45.14 42.36 -12.13
N ALA E 426 43.87 42.48 -11.78
CA ALA E 426 43.08 43.62 -12.20
C ALA E 426 43.01 44.72 -11.15
N PHE E 427 43.09 44.37 -9.87
CA PHE E 427 42.96 45.36 -8.80
C PHE E 427 44.30 45.64 -8.10
N SER E 428 45.42 45.39 -8.78
CA SER E 428 46.71 45.58 -8.14
C SER E 428 46.94 47.03 -7.75
N TRP E 429 46.36 47.98 -8.50
CA TRP E 429 46.66 49.38 -8.25
C TRP E 429 46.02 49.87 -6.95
N LEU E 430 44.78 49.47 -6.68
CA LEU E 430 44.05 49.96 -5.51
C LEU E 430 44.58 49.28 -4.26
N GLY E 431 45.38 50.01 -3.48
CA GLY E 431 45.98 49.44 -2.28
C GLY E 431 45.13 49.56 -1.04
N HIS E 432 44.54 50.74 -0.82
CA HIS E 432 43.82 51.02 0.41
C HIS E 432 42.33 50.71 0.32
N LEU E 433 41.87 50.17 -0.81
CA LEU E 433 40.46 49.89 -0.98
C LEU E 433 39.96 48.92 0.08
N GLU E 434 38.74 49.16 0.56
CA GLU E 434 38.17 48.30 1.59
C GLU E 434 36.71 47.96 1.36
N VAL E 435 36.07 48.49 0.32
CA VAL E 435 34.71 48.10 -0.05
C VAL E 435 34.65 47.95 -1.56
N LEU E 436 34.15 46.81 -2.03
CA LEU E 436 34.01 46.57 -3.45
C LEU E 436 32.63 46.00 -3.73
N ASP E 437 31.93 46.60 -4.69
CA ASP E 437 30.57 46.19 -5.05
C ASP E 437 30.55 45.82 -6.52
N LEU E 438 30.32 44.54 -6.81
CA LEU E 438 30.27 44.05 -8.17
C LEU E 438 28.93 43.41 -8.51
N GLY E 439 27.96 43.49 -7.61
CA GLY E 439 26.72 42.78 -7.81
C GLY E 439 25.90 43.32 -8.96
N LEU E 440 24.91 42.51 -9.35
CA LEU E 440 23.93 42.89 -10.36
C LEU E 440 24.60 43.13 -11.72
N ASN E 441 25.31 42.11 -12.18
CA ASN E 441 26.10 42.16 -13.41
C ASN E 441 25.88 40.84 -14.14
N GLU E 442 26.75 40.54 -15.11
CA GLU E 442 26.65 39.32 -15.91
C GLU E 442 27.99 38.60 -15.85
N ILE E 443 28.22 37.86 -14.76
CA ILE E 443 29.53 37.28 -14.50
C ILE E 443 29.41 35.77 -14.49
N GLY E 444 30.15 35.11 -15.37
CA GLY E 444 30.32 33.67 -15.29
C GLY E 444 31.75 33.27 -15.60
N GLN E 445 32.42 32.65 -14.64
CA GLN E 445 33.83 32.27 -14.83
C GLN E 445 34.22 31.38 -13.66
N GLU E 446 35.52 31.09 -13.58
CA GLU E 446 36.10 30.32 -12.49
C GLU E 446 37.08 31.20 -11.74
N LEU E 447 36.85 31.37 -10.44
CA LEU E 447 37.73 32.21 -9.63
C LEU E 447 39.04 31.48 -9.38
N THR E 448 40.08 31.85 -10.13
CA THR E 448 41.39 31.27 -9.93
C THR E 448 42.07 31.76 -8.67
N GLY E 449 41.53 32.80 -8.03
CA GLY E 449 42.13 33.36 -6.84
C GLY E 449 43.13 34.46 -7.10
N GLN E 450 43.59 34.63 -8.33
CA GLN E 450 44.54 35.67 -8.67
C GLN E 450 43.89 37.00 -8.98
N GLU E 451 42.56 37.04 -9.02
CA GLU E 451 41.85 38.27 -9.30
C GLU E 451 41.80 39.21 -8.10
N TRP E 452 42.06 38.70 -6.90
CA TRP E 452 42.15 39.53 -5.71
C TRP E 452 43.58 39.88 -5.34
N ARG E 453 44.49 39.88 -6.32
CA ARG E 453 45.91 39.88 -6.02
C ARG E 453 46.32 41.14 -5.26
N GLY E 454 45.99 42.31 -5.78
CA GLY E 454 46.50 43.54 -5.20
C GLY E 454 45.81 43.98 -3.93
N LEU E 455 44.61 43.48 -3.67
CA LEU E 455 43.85 43.94 -2.51
C LEU E 455 44.59 43.62 -1.22
N GLU E 456 44.50 44.52 -0.28
CA GLU E 456 45.20 44.34 0.98
C GLU E 456 44.30 44.51 2.21
N ASN E 457 43.36 45.46 2.18
CA ASN E 457 42.57 45.78 3.35
C ASN E 457 41.07 45.69 3.10
N ILE E 458 40.65 44.93 2.08
CA ILE E 458 39.22 44.85 1.79
C ILE E 458 38.49 44.21 2.96
N PHE E 459 37.28 44.69 3.21
CA PHE E 459 36.43 44.14 4.25
C PHE E 459 35.19 43.44 3.72
N GLU E 460 34.54 43.99 2.69
CA GLU E 460 33.30 43.46 2.18
C GLU E 460 33.37 43.32 0.67
N ILE E 461 32.73 42.26 0.16
CA ILE E 461 32.61 42.04 -1.28
C ILE E 461 31.20 41.57 -1.57
N TYR E 462 30.53 42.24 -2.50
CA TYR E 462 29.19 41.88 -2.94
C TYR E 462 29.25 41.23 -4.31
N LEU E 463 28.64 40.06 -4.44
CA LEU E 463 28.60 39.40 -5.74
C LEU E 463 27.22 38.85 -6.06
N SER E 464 26.18 39.32 -5.36
CA SER E 464 24.85 38.77 -5.58
C SER E 464 24.32 39.18 -6.94
N TYR E 465 23.34 38.42 -7.42
CA TYR E 465 22.65 38.68 -8.68
C TYR E 465 23.64 38.68 -9.86
N ASN E 466 24.20 37.49 -10.09
CA ASN E 466 25.06 37.25 -11.24
C ASN E 466 24.69 35.92 -11.87
N LYS E 467 25.53 35.39 -12.78
CA LYS E 467 25.14 34.17 -13.46
C LYS E 467 25.66 32.92 -12.76
N TYR E 468 26.98 32.75 -12.69
CA TYR E 468 27.51 31.57 -12.02
C TYR E 468 28.98 31.76 -11.73
N LEU E 469 29.44 31.15 -10.64
CA LEU E 469 30.84 31.15 -10.27
C LEU E 469 31.27 29.73 -9.97
N GLN E 470 32.52 29.42 -10.27
CA GLN E 470 33.09 28.12 -10.00
C GLN E 470 34.15 28.28 -8.93
N LEU E 471 33.99 27.57 -7.82
CA LEU E 471 34.85 27.73 -6.66
C LEU E 471 35.94 26.67 -6.65
N THR E 472 37.11 27.04 -6.16
CA THR E 472 38.24 26.13 -6.01
C THR E 472 38.84 26.31 -4.62
N ARG E 473 39.73 25.41 -4.26
CA ARG E 473 40.41 25.53 -2.98
C ARG E 473 41.25 26.80 -2.92
N ASN E 474 41.97 27.10 -3.98
CA ASN E 474 42.83 28.29 -4.03
C ASN E 474 42.06 29.48 -4.58
N SER E 475 41.00 29.85 -3.88
CA SER E 475 40.08 30.89 -4.34
C SER E 475 40.22 32.19 -3.55
N PHE E 476 40.10 32.13 -2.23
CA PHE E 476 40.13 33.34 -1.41
C PHE E 476 41.35 33.40 -0.50
N ALA E 477 42.39 32.63 -0.80
CA ALA E 477 43.57 32.62 0.06
C ALA E 477 44.29 33.96 0.09
N LEU E 478 44.05 34.83 -0.88
CA LEU E 478 44.77 36.09 -0.98
C LEU E 478 44.13 37.21 -0.18
N VAL E 479 42.98 36.98 0.43
CA VAL E 479 42.27 38.03 1.15
C VAL E 479 41.87 37.56 2.55
N PRO E 480 42.81 37.39 3.46
CA PRO E 480 42.49 36.85 4.78
C PRO E 480 41.84 37.85 5.72
N SER E 481 41.70 39.11 5.31
CA SER E 481 41.14 40.14 6.18
C SER E 481 39.67 40.42 5.91
N LEU E 482 39.02 39.57 5.12
CA LEU E 482 37.64 39.83 4.74
C LEU E 482 36.70 39.69 5.92
N GLN E 483 35.59 40.45 5.89
CA GLN E 483 34.63 40.45 6.97
C GLN E 483 33.18 40.27 6.53
N ARG E 484 32.88 40.37 5.24
CA ARG E 484 31.52 40.26 4.75
C ARG E 484 31.56 39.62 3.36
N LEU E 485 30.64 38.71 3.10
CA LEU E 485 30.61 38.02 1.81
C LEU E 485 29.16 37.72 1.45
N MET E 486 28.65 38.38 0.41
CA MET E 486 27.28 38.20 -0.02
C MET E 486 27.28 37.44 -1.35
N LEU E 487 26.69 36.25 -1.35
CA LEU E 487 26.52 35.45 -2.57
C LEU E 487 25.06 35.03 -2.62
N ARG E 488 24.22 35.89 -3.19
CA ARG E 488 22.78 35.68 -3.20
C ARG E 488 22.33 35.48 -4.64
N ARG E 489 21.74 34.32 -4.91
CA ARG E 489 21.28 33.96 -6.26
C ARG E 489 22.41 34.06 -7.27
N VAL E 490 23.41 33.20 -7.10
CA VAL E 490 24.59 33.23 -7.94
C VAL E 490 24.87 31.90 -8.61
N ALA E 491 24.23 30.81 -8.18
CA ALA E 491 24.39 29.48 -8.78
C ALA E 491 25.85 29.02 -8.70
N LEU E 492 26.29 28.80 -7.47
CA LEU E 492 27.63 28.31 -7.21
C LEU E 492 27.82 26.91 -7.75
N LYS E 493 29.00 26.66 -8.33
CA LYS E 493 29.39 25.34 -8.80
C LYS E 493 30.49 24.77 -7.92
N ASN E 494 30.52 23.46 -7.81
CA ASN E 494 31.63 22.74 -7.17
C ASN E 494 31.87 23.27 -5.75
N VAL E 495 30.78 23.43 -4.99
CA VAL E 495 30.87 24.04 -3.67
C VAL E 495 31.23 23.05 -2.57
N ASP E 496 31.18 21.75 -2.85
CA ASP E 496 31.34 20.72 -1.83
C ASP E 496 32.70 20.03 -1.91
N SER E 497 33.75 20.80 -2.21
CA SER E 497 35.10 20.25 -2.23
C SER E 497 35.56 19.88 -0.82
N SER E 498 36.46 18.90 -0.75
CA SER E 498 36.91 18.40 0.56
C SER E 498 37.61 19.47 1.40
N PRO E 499 38.59 20.22 0.88
CA PRO E 499 39.05 21.40 1.63
C PRO E 499 38.09 22.55 1.38
N SER E 500 37.45 23.02 2.44
CA SER E 500 36.38 24.01 2.29
C SER E 500 36.94 25.28 1.65
N PRO E 501 36.34 25.76 0.55
CA PRO E 501 36.87 26.96 -0.10
C PRO E 501 36.81 28.19 0.77
N PHE E 502 36.01 28.18 1.83
CA PHE E 502 35.94 29.30 2.76
C PHE E 502 36.98 29.19 3.87
N GLN E 503 37.78 28.13 3.88
CA GLN E 503 38.71 27.90 4.99
C GLN E 503 39.70 29.02 5.22
N PRO E 504 40.41 29.55 4.21
CA PRO E 504 41.43 30.56 4.51
C PRO E 504 40.90 31.79 5.22
N LEU E 505 39.64 32.15 4.99
CA LEU E 505 39.06 33.27 5.72
C LEU E 505 38.88 32.90 7.19
N ARG E 506 39.22 33.82 8.08
CA ARG E 506 39.09 33.57 9.51
C ARG E 506 38.42 34.69 10.30
N ASN E 507 38.41 35.92 9.81
CA ASN E 507 37.75 37.01 10.52
C ASN E 507 36.33 37.25 10.02
N LEU E 508 35.81 36.35 9.20
CA LEU E 508 34.51 36.57 8.58
C LEU E 508 33.40 36.59 9.63
N THR E 509 32.46 37.51 9.49
CA THR E 509 31.36 37.64 10.44
C THR E 509 29.99 37.39 9.83
N ILE E 510 29.80 37.71 8.55
CA ILE E 510 28.50 37.58 7.89
C ILE E 510 28.68 36.78 6.61
N LEU E 511 27.77 35.83 6.38
CA LEU E 511 27.81 35.02 5.17
C LEU E 511 26.39 34.77 4.71
N ASP E 512 26.16 34.86 3.40
CA ASP E 512 24.85 34.69 2.82
C ASP E 512 24.93 33.74 1.63
N LEU E 513 24.00 32.78 1.57
CA LEU E 513 23.94 31.84 0.46
C LEU E 513 22.50 31.57 0.05
N SER E 514 21.62 32.55 0.18
CA SER E 514 20.21 32.33 -0.06
C SER E 514 19.90 32.17 -1.54
N ASN E 515 18.80 31.48 -1.84
CA ASN E 515 18.18 31.37 -3.15
C ASN E 515 18.99 30.56 -4.15
N ASN E 516 20.15 30.03 -3.77
CA ASN E 516 21.00 29.34 -4.73
C ASN E 516 20.54 27.93 -5.06
N ASN E 517 19.53 27.41 -4.36
CA ASN E 517 19.04 26.05 -4.61
C ASN E 517 20.16 25.02 -4.49
N ILE E 518 20.98 25.15 -3.45
CA ILE E 518 22.10 24.24 -3.25
C ILE E 518 21.59 22.84 -2.90
N ALA E 519 22.33 21.82 -3.32
CA ALA E 519 21.89 20.44 -3.19
C ALA E 519 22.59 19.70 -2.05
N ASN E 520 23.91 19.67 -2.03
CA ASN E 520 24.64 18.89 -1.04
C ASN E 520 25.78 19.70 -0.46
N ILE E 521 26.14 19.38 0.77
CA ILE E 521 27.19 20.08 1.51
C ILE E 521 27.95 19.06 2.34
N ASN E 522 29.26 19.27 2.45
CA ASN E 522 30.08 18.42 3.31
C ASN E 522 30.11 18.98 4.73
N ASP E 523 30.45 18.12 5.68
CA ASP E 523 30.43 18.52 7.09
C ASP E 523 31.41 19.67 7.36
N ASP E 524 32.61 19.57 6.82
CA ASP E 524 33.67 20.52 7.16
C ASP E 524 33.60 21.81 6.36
N MET E 525 32.50 22.08 5.65
CA MET E 525 32.42 23.34 4.91
C MET E 525 32.49 24.55 5.84
N LEU E 526 31.96 24.42 7.05
CA LEU E 526 32.15 25.42 8.10
C LEU E 526 32.94 24.79 9.24
N GLU E 527 34.27 24.97 9.18
CA GLU E 527 35.14 24.48 10.27
C GLU E 527 36.32 25.46 10.34
N GLY E 528 36.78 25.79 11.55
CA GLY E 528 37.86 26.78 11.69
C GLY E 528 37.30 28.19 11.67
N LEU E 529 35.97 28.31 11.67
CA LEU E 529 35.34 29.66 11.70
C LEU E 529 34.69 29.83 13.08
N GLU E 530 35.05 30.89 13.81
CA GLU E 530 34.52 31.08 15.18
C GLU E 530 33.90 32.46 15.32
N LYS E 531 34.16 33.36 14.36
CA LYS E 531 33.67 34.75 14.50
C LYS E 531 32.41 34.95 13.64
N LEU E 532 31.83 33.86 13.14
CA LEU E 532 30.59 33.96 12.33
C LEU E 532 29.45 34.48 13.22
N GLU E 533 28.78 35.54 12.80
CA GLU E 533 27.67 36.12 13.60
C GLU E 533 26.33 35.78 12.92
N ILE E 534 26.22 36.02 11.61
CA ILE E 534 24.95 35.78 10.95
C ILE E 534 25.15 34.78 9.82
N LEU E 535 24.24 33.82 9.74
CA LEU E 535 24.18 32.88 8.63
C LEU E 535 22.80 32.92 8.03
N ASP E 536 22.70 32.57 6.75
CA ASP E 536 21.43 32.66 6.05
C ASP E 536 21.43 31.66 4.91
N LEU E 537 20.47 30.74 4.91
CA LEU E 537 20.46 29.65 3.94
C LEU E 537 19.04 29.40 3.45
N GLN E 538 18.22 30.44 3.40
CA GLN E 538 16.83 30.24 3.01
C GLN E 538 16.72 29.90 1.53
N HIS E 539 15.62 29.23 1.19
CA HIS E 539 15.23 28.88 -0.18
C HIS E 539 16.18 27.90 -0.85
N ASN E 540 17.11 27.31 -0.12
CA ASN E 540 17.93 26.24 -0.66
C ASN E 540 17.27 24.88 -0.44
N ASN E 541 17.77 23.88 -1.15
CA ASN E 541 17.20 22.53 -1.08
C ASN E 541 18.14 21.62 -0.30
N LEU E 542 17.96 21.62 1.03
CA LEU E 542 18.80 20.83 1.93
C LEU E 542 18.00 19.81 2.73
N ALA E 543 16.79 19.48 2.30
CA ALA E 543 15.93 18.63 3.12
C ALA E 543 16.48 17.21 3.21
N ARG E 544 17.12 16.73 2.14
CA ARG E 544 17.52 15.33 2.09
C ARG E 544 18.53 14.99 3.17
N LEU E 545 19.49 15.88 3.42
CA LEU E 545 20.62 15.53 4.28
C LEU E 545 20.17 15.21 5.70
N TRP E 546 19.27 16.02 6.25
CA TRP E 546 18.92 15.86 7.66
C TRP E 546 18.02 14.63 7.87
N LYS E 547 17.43 14.10 6.81
CA LYS E 547 16.62 12.90 6.95
C LYS E 547 17.48 11.74 7.44
N HIS E 548 16.95 11.00 8.41
CA HIS E 548 17.75 9.97 9.09
C HIS E 548 18.14 8.85 8.14
N ALA E 549 17.26 8.49 7.21
CA ALA E 549 17.53 7.38 6.31
C ALA E 549 18.71 7.64 5.39
N ASN E 550 19.23 8.86 5.37
CA ASN E 550 20.37 9.19 4.53
C ASN E 550 21.54 8.27 4.86
N PRO E 551 22.16 7.64 3.86
CA PRO E 551 23.41 6.90 4.12
C PRO E 551 24.47 7.82 4.69
N GLY E 552 25.23 7.29 5.64
CA GLY E 552 26.18 8.09 6.40
C GLY E 552 25.58 8.86 7.55
N GLY E 553 24.26 8.73 7.77
CA GLY E 553 23.60 9.42 8.86
C GLY E 553 23.34 10.88 8.53
N PRO E 554 22.72 11.59 9.45
CA PRO E 554 22.51 13.03 9.25
C PRO E 554 23.83 13.77 9.13
N ILE E 555 23.83 14.80 8.28
CA ILE E 555 25.01 15.61 8.05
C ILE E 555 24.99 16.79 9.01
N TYR E 556 26.00 16.86 9.88
CA TYR E 556 26.10 17.91 10.88
C TYR E 556 27.07 18.97 10.36
N PHE E 557 26.52 19.99 9.73
CA PHE E 557 27.33 21.12 9.26
C PHE E 557 27.42 22.24 10.28
N LEU E 558 26.77 22.09 11.42
CA LEU E 558 26.77 23.11 12.47
C LEU E 558 27.47 22.54 13.70
N LYS E 559 28.77 22.84 13.82
CA LYS E 559 29.50 22.50 15.03
C LYS E 559 30.69 23.44 15.15
N GLY E 560 31.01 23.82 16.38
CA GLY E 560 32.08 24.75 16.64
C GLY E 560 31.70 26.21 16.51
N LEU E 561 30.45 26.51 16.17
CA LEU E 561 30.00 27.88 15.98
C LEU E 561 29.58 28.43 17.35
N SER E 562 30.55 29.00 18.06
CA SER E 562 30.33 29.49 19.41
C SER E 562 29.96 30.96 19.47
N HIS E 563 29.47 31.53 18.37
CA HIS E 563 29.13 32.94 18.38
C HIS E 563 27.85 33.26 17.62
N LEU E 564 27.13 32.26 17.12
CA LEU E 564 25.99 32.52 16.25
C LEU E 564 24.92 33.30 17.01
N HIS E 565 24.39 34.34 16.35
CA HIS E 565 23.33 35.15 16.91
C HIS E 565 22.02 35.02 16.17
N ILE E 566 22.07 35.02 14.84
CA ILE E 566 20.87 34.91 14.00
C ILE E 566 21.08 33.78 13.01
N LEU E 567 20.10 32.91 12.90
CA LEU E 567 20.13 31.80 11.96
C LEU E 567 18.81 31.72 11.23
N ASN E 568 18.87 31.51 9.92
CA ASN E 568 17.67 31.48 9.08
C ASN E 568 17.70 30.26 8.19
N LEU E 569 16.61 29.50 8.19
CA LEU E 569 16.50 28.30 7.38
C LEU E 569 15.12 28.17 6.76
N GLU E 570 14.53 29.28 6.36
CA GLU E 570 13.16 29.27 5.84
C GLU E 570 13.08 28.54 4.50
N SER E 571 12.00 27.78 4.33
CA SER E 571 11.62 27.24 3.03
C SER E 571 12.72 26.36 2.42
N ASN E 572 12.99 25.25 3.09
CA ASN E 572 13.91 24.25 2.56
C ASN E 572 13.27 22.88 2.37
N GLY E 573 12.05 22.67 2.84
CA GLY E 573 11.42 21.37 2.71
C GLY E 573 11.72 20.40 3.82
N PHE E 574 12.15 20.88 4.99
CA PHE E 574 12.50 19.98 6.09
C PHE E 574 11.29 19.22 6.58
N ASP E 575 11.52 17.99 7.03
CA ASP E 575 10.48 17.20 7.66
C ASP E 575 10.97 16.41 8.87
N GLU E 576 12.23 16.57 9.27
CA GLU E 576 12.79 15.77 10.35
C GLU E 576 14.06 16.45 10.85
N ILE E 577 14.19 16.57 12.16
CA ILE E 577 15.31 17.28 12.76
C ILE E 577 16.04 16.38 13.75
N PRO E 578 17.27 15.96 13.46
CA PRO E 578 18.06 15.28 14.50
C PRO E 578 18.31 16.19 15.68
N VAL E 579 18.34 15.60 16.88
CA VAL E 579 18.46 16.39 18.10
C VAL E 579 19.85 16.97 18.28
N GLU E 580 20.84 16.46 17.56
CA GLU E 580 22.23 16.80 17.82
C GLU E 580 22.72 17.97 16.97
N VAL E 581 21.82 18.82 16.50
CA VAL E 581 22.23 19.88 15.58
C VAL E 581 22.61 21.15 16.32
N PHE E 582 21.87 21.52 17.37
CA PHE E 582 22.11 22.76 18.09
C PHE E 582 22.92 22.54 19.37
N LYS E 583 23.85 21.58 19.35
CA LYS E 583 24.65 21.30 20.53
C LYS E 583 25.55 22.48 20.89
N ASP E 584 26.18 23.10 19.90
CA ASP E 584 27.16 24.14 20.17
C ASP E 584 26.58 25.54 20.15
N LEU E 585 25.28 25.69 19.90
CA LEU E 585 24.66 27.00 19.77
C LEU E 585 24.38 27.54 21.17
N PHE E 586 25.40 28.17 21.75
CA PHE E 586 25.30 28.71 23.10
C PHE E 586 24.77 30.14 23.12
N GLU E 587 24.58 30.77 21.96
CA GLU E 587 24.29 32.19 21.95
C GLU E 587 23.19 32.57 20.97
N LEU E 588 22.37 31.61 20.54
CA LEU E 588 21.33 31.90 19.57
C LEU E 588 20.31 32.87 20.15
N LYS E 589 20.01 33.92 19.40
CA LYS E 589 18.98 34.88 19.80
C LYS E 589 17.72 34.80 18.95
N ILE E 590 17.87 34.70 17.63
CA ILE E 590 16.72 34.62 16.73
C ILE E 590 16.94 33.47 15.77
N ILE E 591 15.93 32.62 15.63
CA ILE E 591 15.99 31.49 14.71
C ILE E 591 14.64 31.36 14.02
N ASP E 592 14.67 31.14 12.71
CA ASP E 592 13.47 31.05 11.88
C ASP E 592 13.43 29.69 11.20
N LEU E 593 12.25 29.07 11.20
CA LEU E 593 12.09 27.79 10.53
C LEU E 593 10.76 27.71 9.78
N GLY E 594 10.27 28.84 9.29
CA GLY E 594 8.98 28.85 8.64
C GLY E 594 8.99 28.16 7.30
N LEU E 595 7.79 27.96 6.77
CA LEU E 595 7.55 27.50 5.41
C LEU E 595 8.05 26.08 5.17
N ASN E 596 8.58 25.44 6.20
CA ASN E 596 9.06 24.07 6.08
C ASN E 596 7.87 23.11 6.17
N ASN E 597 8.16 21.82 6.31
CA ASN E 597 7.12 20.80 6.44
C ASN E 597 7.26 20.06 7.76
N LEU E 598 7.68 20.75 8.82
CA LEU E 598 7.82 20.13 10.12
C LEU E 598 6.46 19.74 10.67
N ASN E 599 6.38 18.55 11.27
CA ASN E 599 5.19 18.10 11.96
C ASN E 599 5.43 17.83 13.43
N THR E 600 6.41 17.00 13.77
CA THR E 600 6.66 16.59 15.16
C THR E 600 8.16 16.62 15.41
N LEU E 601 8.63 17.69 16.02
CA LEU E 601 10.04 17.77 16.37
C LEU E 601 10.33 16.91 17.60
N PRO E 602 11.51 16.30 17.67
CA PRO E 602 11.82 15.41 18.80
C PRO E 602 12.03 16.18 20.09
N ALA E 603 11.93 15.44 21.19
CA ALA E 603 11.95 16.05 22.52
C ALA E 603 13.35 16.45 22.93
N SER E 604 13.44 17.49 23.76
CA SER E 604 14.68 17.94 24.38
C SER E 604 15.71 18.33 23.32
N VAL E 605 15.34 19.30 22.48
CA VAL E 605 16.20 19.75 21.40
C VAL E 605 16.74 21.16 21.62
N PHE E 606 16.05 22.00 22.39
CA PHE E 606 16.45 23.39 22.60
C PHE E 606 17.08 23.63 23.96
N ASN E 607 17.61 22.58 24.59
CA ASN E 607 18.05 22.71 25.98
C ASN E 607 19.23 23.66 26.11
N ASN E 608 20.22 23.55 25.23
CA ASN E 608 21.41 24.37 25.35
C ASN E 608 21.16 25.84 25.04
N GLN E 609 20.01 26.18 24.47
CA GLN E 609 19.73 27.56 24.10
C GLN E 609 19.42 28.37 25.36
N VAL E 610 20.44 29.03 25.91
CA VAL E 610 20.28 29.69 27.19
C VAL E 610 19.39 30.92 27.07
N SER E 611 19.60 31.74 26.05
CA SER E 611 18.96 33.05 25.93
C SER E 611 18.34 33.18 24.54
N LEU E 612 17.10 32.73 24.40
CA LEU E 612 16.38 32.81 23.14
C LEU E 612 15.28 33.87 23.26
N LYS E 613 15.26 34.81 22.32
CA LYS E 613 14.33 35.92 22.37
C LYS E 613 13.34 35.95 21.22
N SER E 614 13.39 34.97 20.31
CA SER E 614 12.45 34.94 19.21
C SER E 614 12.35 33.53 18.66
N LEU E 615 11.28 33.30 17.91
CA LEU E 615 11.04 32.00 17.28
C LEU E 615 10.02 32.19 16.17
N ASN E 616 10.09 31.34 15.16
CA ASN E 616 9.23 31.47 14.00
C ASN E 616 8.97 30.09 13.42
N LEU E 617 7.71 29.65 13.42
CA LEU E 617 7.36 28.34 12.90
C LEU E 617 6.08 28.40 12.08
N GLN E 618 5.83 29.52 11.42
CA GLN E 618 4.57 29.70 10.70
C GLN E 618 4.45 28.75 9.52
N LYS E 619 3.21 28.40 9.20
CA LYS E 619 2.85 27.64 8.01
C LYS E 619 3.56 26.30 7.94
N ASN E 620 3.87 25.71 9.10
CA ASN E 620 4.37 24.35 9.16
C ASN E 620 3.19 23.39 9.21
N LEU E 621 3.47 22.12 9.50
CA LEU E 621 2.45 21.09 9.60
C LEU E 621 2.29 20.58 11.02
N ILE E 622 2.57 21.42 12.01
CA ILE E 622 2.47 21.01 13.41
C ILE E 622 1.01 20.88 13.80
N THR E 623 0.68 19.82 14.53
CA THR E 623 -0.67 19.56 15.00
C THR E 623 -0.85 19.85 16.48
N SER E 624 0.02 19.28 17.33
CA SER E 624 -0.14 19.32 18.77
C SER E 624 1.08 19.97 19.42
N VAL E 625 0.85 20.56 20.58
CA VAL E 625 1.89 21.26 21.34
C VAL E 625 2.05 20.56 22.67
N GLU E 626 3.27 20.23 23.04
CA GLU E 626 3.58 19.61 24.32
C GLU E 626 4.68 20.39 25.02
N LYS E 627 4.65 20.36 26.36
CA LYS E 627 5.59 21.17 27.13
C LYS E 627 6.98 20.58 27.17
N LYS E 628 7.16 19.29 26.86
CA LYS E 628 8.49 18.70 26.95
C LYS E 628 9.41 19.28 25.90
N VAL E 629 8.94 19.40 24.66
CA VAL E 629 9.76 20.00 23.61
C VAL E 629 9.96 21.49 23.89
N PHE E 630 8.89 22.20 24.24
CA PHE E 630 8.98 23.62 24.55
C PHE E 630 9.18 23.84 26.05
N GLY E 631 10.16 23.17 26.62
CA GLY E 631 10.41 23.30 28.04
C GLY E 631 11.25 24.52 28.35
N PRO E 632 12.50 24.53 27.87
CA PRO E 632 13.34 25.72 28.04
C PRO E 632 13.07 26.79 27.01
N ALA E 633 12.40 26.45 25.90
CA ALA E 633 12.15 27.44 24.86
C ALA E 633 11.24 28.55 25.36
N PHE E 634 10.21 28.20 26.12
CA PHE E 634 9.22 29.16 26.56
C PHE E 634 9.60 29.84 27.88
N ARG E 635 10.86 29.80 28.27
CA ARG E 635 11.27 30.40 29.53
C ARG E 635 11.03 31.90 29.53
N ASN E 636 11.57 32.59 28.52
CA ASN E 636 11.38 34.04 28.39
C ASN E 636 11.57 34.41 26.93
N LEU E 637 10.46 34.62 26.23
CA LEU E 637 10.49 34.98 24.82
C LEU E 637 9.93 36.39 24.65
N THR E 638 10.50 37.11 23.69
CA THR E 638 10.01 38.43 23.35
C THR E 638 8.96 38.41 22.26
N GLU E 639 9.01 37.41 21.37
CA GLU E 639 8.05 37.34 20.28
C GLU E 639 7.95 35.91 19.79
N LEU E 640 6.75 35.51 19.36
CA LEU E 640 6.49 34.17 18.87
C LEU E 640 5.56 34.28 17.66
N ASP E 641 5.63 33.28 16.78
CA ASP E 641 4.80 33.29 15.57
C ASP E 641 4.57 31.85 15.12
N MET E 642 3.35 31.37 15.27
CA MET E 642 2.93 30.06 14.78
C MET E 642 1.56 30.17 14.13
N ARG E 643 1.40 31.14 13.22
CA ARG E 643 0.08 31.58 12.81
C ARG E 643 -0.75 30.46 12.20
N PHE E 644 -0.19 29.73 11.25
CA PHE E 644 -0.99 28.76 10.49
C PHE E 644 -0.45 27.36 10.72
N ASN E 645 -1.31 26.48 11.23
CA ASN E 645 -1.03 25.07 11.44
C ASN E 645 -2.35 24.33 11.52
N PRO E 646 -2.36 23.06 11.17
CA PRO E 646 -3.58 22.24 11.37
C PRO E 646 -3.68 21.67 12.78
N PHE E 647 -4.14 22.50 13.71
CA PHE E 647 -4.22 22.10 15.10
C PHE E 647 -5.31 21.05 15.33
N ASP E 648 -5.05 20.15 16.28
CA ASP E 648 -6.06 19.25 16.82
C ASP E 648 -6.43 19.77 18.21
N CYS E 649 -7.38 20.69 18.24
CA CYS E 649 -7.74 21.35 19.50
C CYS E 649 -8.49 20.40 20.42
N THR E 650 -7.77 19.44 20.99
CA THR E 650 -8.30 18.51 21.97
C THR E 650 -7.38 18.50 23.19
N CYS E 651 -7.99 18.25 24.35
CA CYS E 651 -7.37 18.59 25.63
C CYS E 651 -6.07 17.86 25.89
N GLU E 652 -5.78 16.78 25.16
CA GLU E 652 -4.61 15.96 25.49
C GLU E 652 -3.32 16.76 25.38
N SER E 653 -3.19 17.60 24.36
CA SER E 653 -1.98 18.38 24.16
C SER E 653 -2.21 19.88 24.12
N ILE E 654 -3.29 20.34 23.47
CA ILE E 654 -3.54 21.77 23.34
C ILE E 654 -3.77 22.45 24.68
N ALA E 655 -4.00 21.68 25.75
CA ALA E 655 -4.30 22.28 27.04
C ALA E 655 -3.13 23.12 27.54
N TRP E 656 -1.90 22.61 27.42
CA TRP E 656 -0.74 23.37 27.86
C TRP E 656 -0.64 24.70 27.14
N PHE E 657 -0.83 24.68 25.83
CA PHE E 657 -0.72 25.90 25.04
C PHE E 657 -1.80 26.90 25.43
N VAL E 658 -3.05 26.44 25.53
CA VAL E 658 -4.14 27.35 25.88
C VAL E 658 -3.91 27.95 27.25
N ASN E 659 -3.55 27.11 28.22
CA ASN E 659 -3.27 27.61 29.56
C ASN E 659 -2.08 28.56 29.55
N TRP E 660 -0.99 28.17 28.88
CA TRP E 660 0.21 29.01 28.87
C TRP E 660 -0.06 30.36 28.22
N ILE E 661 -0.86 30.37 27.15
CA ILE E 661 -1.16 31.62 26.47
C ILE E 661 -1.88 32.58 27.41
N ASN E 662 -2.86 32.08 28.16
CA ASN E 662 -3.61 32.93 29.06
C ASN E 662 -2.72 33.50 30.15
N GLU E 663 -1.70 32.76 30.57
CA GLU E 663 -0.92 33.09 31.75
C GLU E 663 0.44 33.69 31.42
N THR E 664 0.70 34.04 30.16
CA THR E 664 2.01 34.53 29.78
C THR E 664 1.88 35.86 29.04
N HIS E 665 2.93 36.67 29.12
CA HIS E 665 2.94 38.02 28.56
C HIS E 665 3.87 38.15 27.35
N THR E 666 4.33 37.03 26.79
CA THR E 666 5.12 37.12 25.56
C THR E 666 4.25 37.58 24.41
N ASN E 667 4.79 38.52 23.61
CA ASN E 667 3.99 39.17 22.59
C ASN E 667 3.66 38.20 21.46
N ILE E 668 2.37 38.07 21.14
CA ILE E 668 1.91 37.21 20.07
C ILE E 668 0.90 37.98 19.22
N PRO E 669 1.34 38.72 18.21
CA PRO E 669 0.40 39.47 17.38
C PRO E 669 -0.49 38.54 16.56
N GLU E 670 -1.69 39.03 16.25
CA GLU E 670 -2.70 38.28 15.50
C GLU E 670 -3.02 36.95 16.16
N LEU E 671 -2.98 36.94 17.49
CA LEU E 671 -3.27 35.72 18.23
C LEU E 671 -4.72 35.30 18.06
N SER E 672 -5.65 36.25 18.07
CA SER E 672 -7.06 35.91 18.12
C SER E 672 -7.56 35.31 16.80
N SER E 673 -7.13 35.88 15.67
CA SER E 673 -7.75 35.57 14.39
C SER E 673 -7.14 34.36 13.71
N HIS E 674 -5.83 34.41 13.44
CA HIS E 674 -5.22 33.42 12.57
C HIS E 674 -5.05 32.07 13.25
N TYR E 675 -4.86 32.05 14.57
CA TYR E 675 -4.70 30.79 15.28
C TYR E 675 -6.03 30.07 15.31
N LEU E 676 -6.17 29.01 14.50
CA LEU E 676 -7.42 28.28 14.37
C LEU E 676 -7.14 26.79 14.32
N CYS E 677 -8.15 26.00 14.68
CA CYS E 677 -8.05 24.55 14.63
C CYS E 677 -9.18 24.00 13.76
N ASN E 678 -8.99 22.77 13.27
CA ASN E 678 -10.03 22.15 12.41
C ASN E 678 -10.06 20.63 12.59
N THR E 679 -9.09 20.06 13.31
CA THR E 679 -9.01 18.58 13.40
C THR E 679 -10.23 18.00 14.10
N PRO E 680 -10.64 18.42 15.32
CA PRO E 680 -11.91 17.97 15.87
C PRO E 680 -13.01 18.40 14.91
N PRO E 681 -13.78 17.45 14.32
CA PRO E 681 -14.77 17.80 13.32
C PRO E 681 -15.75 18.83 13.87
N HIS E 682 -16.14 18.66 15.13
CA HIS E 682 -17.06 19.64 15.78
C HIS E 682 -16.32 20.98 15.90
N TYR E 683 -15.02 20.94 16.18
CA TYR E 683 -14.25 22.20 16.39
C TYR E 683 -13.58 22.60 15.07
N HIS E 684 -14.04 22.04 13.95
CA HIS E 684 -13.49 22.46 12.63
C HIS E 684 -13.73 23.96 12.48
N GLY E 685 -12.70 24.71 12.07
CA GLY E 685 -12.83 26.16 11.92
C GLY E 685 -13.31 26.81 13.20
N PHE E 686 -12.66 26.50 14.33
CA PHE E 686 -13.05 27.08 15.65
C PHE E 686 -11.86 27.81 16.25
N PRO E 687 -12.05 29.05 16.77
CA PRO E 687 -10.97 29.78 17.41
C PRO E 687 -10.46 29.02 18.62
N VAL E 688 -9.19 28.61 18.58
CA VAL E 688 -8.63 27.80 19.70
C VAL E 688 -8.50 28.67 20.95
N ARG E 689 -8.62 29.99 20.80
CA ARG E 689 -8.45 30.91 21.94
C ARG E 689 -9.41 30.49 23.07
N LEU E 690 -10.66 30.19 22.74
CA LEU E 690 -11.67 29.82 23.76
C LEU E 690 -11.63 28.30 23.98
N PHE E 691 -10.54 27.77 24.53
CA PHE E 691 -10.40 26.30 24.71
C PHE E 691 -11.08 25.59 23.54
C1 NAG F . 24.70 76.80 1.83
C2 NAG F . 23.83 76.51 3.05
C3 NAG F . 24.36 75.30 3.80
C4 NAG F . 24.66 74.13 2.86
C5 NAG F . 25.58 74.61 1.75
C6 NAG F . 25.92 73.52 0.75
C7 NAG F . 23.40 78.87 3.66
C8 NAG F . 24.01 79.95 4.50
N2 NAG F . 23.75 77.63 3.98
O3 NAG F . 23.42 74.93 4.79
O4 NAG F . 25.32 73.09 3.57
O5 NAG F . 24.92 75.66 1.02
O6 NAG F . 26.62 72.44 1.37
O7 NAG F . 22.63 79.12 2.73
C1 NAG F . 24.59 72.06 4.15
C2 NAG F . 25.59 71.16 4.88
C3 NAG F . 25.16 70.96 6.33
C4 NAG F . 23.71 70.50 6.42
C5 NAG F . 22.82 71.45 5.62
C6 NAG F . 21.74 72.09 6.46
C7 NAG F . 26.87 69.57 3.57
C8 NAG F . 26.89 68.24 2.88
N2 NAG F . 25.75 69.89 4.22
O3 NAG F . 25.35 72.18 7.05
O4 NAG F . 23.61 69.19 5.87
O5 NAG F . 23.62 72.51 5.07
O6 NAG F . 20.90 71.10 7.06
O7 NAG F . 27.84 70.33 3.55
C1 NAG G . 40.56 74.19 -25.13
C2 NAG G . 41.81 74.57 -25.91
C3 NAG G . 42.99 73.69 -25.48
C4 NAG G . 42.69 72.21 -25.66
C5 NAG G . 41.19 71.96 -25.59
C6 NAG G . 40.83 70.57 -25.18
C7 NAG G . 42.40 75.01 -28.26
C8 NAG G . 41.96 74.84 -29.67
N2 NAG G . 41.58 74.50 -27.34
O3 NAG G . 43.31 73.98 -24.13
O4 NAG G . 43.15 71.75 -26.93
O5 NAG G . 40.62 72.86 -24.62
O6 NAG G . 41.41 69.61 -26.05
O7 NAG G . 43.44 75.58 -27.96
C1 NAG G . 44.51 71.54 -27.16
C2 NAG G . 44.61 70.68 -28.42
C3 NAG G . 44.45 71.51 -29.68
C4 NAG G . 45.04 72.92 -29.55
C5 NAG G . 46.01 72.95 -28.37
C6 NAG G . 46.72 74.28 -28.24
C7 NAG G . 45.90 68.60 -28.31
C8 NAG G . 47.25 67.97 -28.37
N2 NAG G . 45.86 69.92 -28.47
O3 NAG G . 43.06 71.59 -30.00
O4 NAG G . 45.73 73.25 -30.74
O5 NAG G . 45.27 72.73 -27.15
O6 NAG G . 47.46 74.59 -29.40
O7 NAG G . 44.88 67.92 -28.12
C1 NAG H . 26.23 52.31 -5.59
C2 NAG H . 25.84 51.70 -4.23
C3 NAG H . 24.50 50.99 -4.33
C4 NAG H . 23.47 51.90 -4.98
C5 NAG H . 23.98 52.30 -6.36
C6 NAG H . 23.00 53.17 -7.12
C7 NAG H . 27.56 51.07 -2.63
C8 NAG H . 28.62 50.07 -2.26
N2 NAG H . 26.84 50.79 -3.72
O3 NAG H . 24.11 50.58 -3.03
O4 NAG H . 22.21 51.26 -5.14
O5 NAG H . 25.20 53.05 -6.22
O6 NAG H . 22.72 54.36 -6.40
O7 NAG H . 27.37 52.09 -1.98
C1 NAG H . 21.33 51.15 -4.06
C2 NAG H . 19.91 51.01 -4.59
C3 NAG H . 18.92 50.89 -3.44
C4 NAG H . 19.34 49.75 -2.51
C5 NAG H . 20.78 49.97 -2.06
C6 NAG H . 21.31 48.85 -1.20
C7 NAG H . 19.39 52.02 -6.76
C8 NAG H . 19.00 53.26 -7.48
N2 NAG H . 19.55 52.14 -5.44
O3 NAG H . 17.64 50.66 -4.01
O4 NAG H . 18.53 49.71 -1.33
O5 NAG H . 21.64 50.05 -3.22
O6 NAG H . 21.16 47.59 -1.85
O7 NAG H . 19.57 50.95 -7.33
C1 NAG H . 17.22 49.24 -1.27
C2 NAG H . 16.96 48.75 0.15
C3 NAG H . 15.50 48.34 0.30
C4 NAG H . 14.56 49.43 -0.18
C5 NAG H . 14.92 49.81 -1.61
C6 NAG H . 14.09 50.94 -2.15
C7 NAG H . 18.83 47.76 1.37
C8 NAG H . 19.62 46.52 1.64
N2 NAG H . 17.84 47.65 0.49
O3 NAG H . 15.25 48.01 1.66
O4 NAG H . 13.22 48.96 -0.14
O5 NAG H . 16.30 50.25 -1.66
O6 NAG H . 14.23 52.11 -1.37
O7 NAG H . 19.09 48.84 1.91
C1 NAG I . 40.99 37.24 13.16
C2 NAG I . 42.42 37.14 12.64
C3 NAG I . 43.17 38.45 12.90
C4 NAG I . 42.18 39.53 13.33
C5 NAG I . 41.52 39.09 14.63
C6 NAG I . 40.48 40.08 15.12
C7 NAG I . 44.30 35.58 12.78
C8 NAG I . 44.96 34.52 13.62
N2 NAG I . 43.13 36.02 13.23
O3 NAG I . 43.85 38.83 11.71
O4 NAG I . 42.87 40.77 13.49
O5 NAG I . 40.84 37.84 14.44
O6 NAG I . 39.90 39.65 16.34
O7 NAG I . 44.81 35.99 11.74
C1 NAG I . 43.93 40.92 14.37
C2 NAG I . 44.86 41.92 13.70
C3 NAG I . 45.99 42.32 14.64
C4 NAG I . 45.44 42.77 15.99
C5 NAG I . 44.54 41.67 16.55
C6 NAG I . 43.89 42.06 17.86
C7 NAG I . 44.99 41.80 11.26
C8 NAG I . 45.75 41.27 10.09
N2 NAG I . 45.39 41.38 12.46
O3 NAG I . 46.76 43.36 14.05
O4 NAG I . 46.52 42.99 16.89
O5 NAG I . 43.47 41.40 15.63
O6 NAG I . 43.06 41.01 18.36
O7 NAG I . 44.04 42.58 11.13
C1 CIT J . -29.84 -34.46 -0.32
O1 CIT J . -30.62 -33.69 0.28
O2 CIT J . -29.11 -35.22 0.35
C2 CIT J . -29.80 -34.49 -1.82
C3 CIT J . -29.43 -35.89 -2.28
O7 CIT J . -28.13 -36.26 -1.76
C4 CIT J . -29.42 -35.98 -3.80
C5 CIT J . -28.31 -36.92 -4.21
O3 CIT J . -28.58 -38.04 -4.68
O4 CIT J . -27.12 -36.58 -4.09
C6 CIT J . -30.48 -36.86 -1.76
O5 CIT J . -31.63 -36.47 -1.53
O6 CIT J . -30.18 -38.06 -1.58
C1 PLM K . -14.82 -62.43 1.68
O1 PLM K . -13.84 -62.67 2.42
O2 PLM K . -15.77 -63.18 1.34
C2 PLM K . -14.85 -60.97 1.10
C3 PLM K . -14.73 -59.85 2.13
C4 PLM K . -14.59 -58.46 1.51
C5 PLM K . -14.39 -57.33 2.52
C6 PLM K . -14.12 -55.97 1.87
C7 PLM K . -14.25 -54.78 2.83
C8 PLM K . -14.19 -53.43 2.13
C9 PLM K . -14.07 -52.26 3.08
CA PLM K . -13.74 -50.93 2.39
CB PLM K . -13.66 -49.74 3.34
CC PLM K . -13.45 -48.41 2.62
CD PLM K . -13.76 -47.20 3.50
CE PLM K . -14.19 -45.96 2.72
CF PLM K . -14.85 -44.89 3.58
CG PLM K . -15.21 -43.62 2.81
C1 NAG L . -4.17 71.06 33.14
C2 NAG L . -3.66 70.30 34.37
C3 NAG L . -4.22 68.88 34.39
C4 NAG L . -5.73 68.89 34.20
C5 NAG L . -6.08 69.65 32.92
C6 NAG L . -7.56 69.74 32.67
C7 NAG L . -1.47 70.94 35.26
C8 NAG L . 0.01 70.80 35.14
N2 NAG L . -2.21 70.26 34.39
O3 NAG L . -3.87 68.26 35.61
O4 NAG L . -6.20 67.55 34.08
O5 NAG L . -5.59 71.00 33.04
O6 NAG L . -8.22 70.43 33.72
O7 NAG L . -2.00 71.65 36.13
C1 NAG M . 5.35 88.18 25.07
C2 NAG M . 5.18 89.07 26.30
C3 NAG M . 6.05 88.55 27.44
C4 NAG M . 5.77 87.09 27.70
C5 NAG M . 5.90 86.29 26.42
C6 NAG M . 5.50 84.84 26.58
C7 NAG M . 4.53 91.38 25.94
C8 NAG M . 4.99 92.78 25.63
N2 NAG M . 5.48 90.46 26.00
O3 NAG M . 5.83 89.34 28.61
O4 NAG M . 6.72 86.60 28.65
O5 NAG M . 5.02 86.84 25.42
O6 NAG M . 5.56 84.14 25.34
O7 NAG M . 3.34 91.12 26.12
C1 NAG N . 38.12 83.30 -22.56
C2 NAG N . 38.82 82.72 -23.81
C3 NAG N . 39.55 83.83 -24.57
C4 NAG N . 38.63 85.03 -24.79
C5 NAG N . 38.08 85.50 -23.44
C6 NAG N . 37.17 86.70 -23.54
C7 NAG N . 39.55 80.39 -23.73
C8 NAG N . 38.31 80.06 -24.50
N2 NAG N . 39.75 81.67 -23.44
O3 NAG N . 40.01 83.32 -25.80
O4 NAG N . 39.37 86.09 -25.37
O5 NAG N . 37.32 84.43 -22.85
O6 NAG N . 36.83 87.18 -22.25
O7 NAG N . 40.35 79.52 -23.39
C1 NAG O . 35.78 87.53 0.33
C2 NAG O . 36.76 88.45 1.08
C3 NAG O . 35.98 89.46 1.91
C4 NAG O . 34.93 90.18 1.08
C5 NAG O . 34.04 89.15 0.38
C6 NAG O . 33.02 89.77 -0.54
C7 NAG O . 38.97 87.59 1.62
C8 NAG O . 39.78 86.77 2.58
N2 NAG O . 37.67 87.70 1.90
O3 NAG O . 36.89 90.39 2.48
O4 NAG O . 34.12 90.99 1.93
O5 NAG O . 34.87 88.30 -0.43
O6 NAG O . 32.11 90.61 0.17
O7 NAG O . 39.47 88.12 0.63
C1 NAG P . 49.32 43.69 -19.11
C2 NAG P . 50.18 43.98 -17.88
C3 NAG P . 51.49 43.23 -17.98
C4 NAG P . 51.27 41.76 -18.31
C5 NAG P . 50.44 41.66 -19.58
C6 NAG P . 50.14 40.23 -19.99
C7 NAG P . 50.85 46.03 -16.67
C8 NAG P . 51.09 47.50 -16.79
N2 NAG P . 50.37 45.42 -17.75
O3 NAG P . 52.21 43.36 -16.75
O4 NAG P . 52.52 41.12 -18.50
O5 NAG P . 49.17 42.30 -19.37
O6 NAG P . 51.33 39.50 -20.25
O7 NAG P . 51.07 45.42 -15.62
#